data_1XET
#
_entry.id   1XET
#
_cell.length_a   54.465
_cell.length_b   111.190
_cell.length_c   132.015
_cell.angle_alpha   90.00
_cell.angle_beta   93.13
_cell.angle_gamma   90.00
#
_symmetry.space_group_name_H-M   'P 1 21 1'
#
loop_
_entity.id
_entity.type
_entity.pdbx_description
1 polymer 'Dihydropinosylvin synthase'
2 non-polymer '3-(1H-INDOL-3-YL)-2-OXOPROPANOIC ACID'
3 non-polymer 'METHYLMALONYL-COENZYME A'
4 water water
#
_entity_poly.entity_id   1
_entity_poly.type   'polypeptide(L)'
_entity_poly.pdbx_seq_one_letter_code
;MGSSHHHHHHSSGLVPRGSHMGGVDFEGFRKLQRADGFASILAIGTANPPNAVDQSTYPDFYFRITGNEHNTELKDKFKR
ICERSAIKQRYMYLTEEILKKNPDVCAFVEVPSLDARQAMLAMEVPRLAKEAAEKAIQEWGQSKSGITHLIFCSTTTPDL
PGADFEVAKLLGLHPSVKRVGVFQHGCFAGGTVLRMAKDLAENNRGARVLVICSETTAVTFRGPSETHLDSLVGQALFGD
GASALIVGADPIPQVEKACFEIVWTAQTVVPNSEGAIGGKVREVGLTFQLKGAVPDLISANIENCMVEAFSQFKISDWNK
LFWVVHPGGRAILDRVEAKLNLDPTKLIPTRHVMSEYGNMSSACVHFILDQTRKASLQNGCSTTGEGLEMGVLFGFGPGL
TIETVVLKSVPIQ
;
_entity_poly.pdbx_strand_id   A,B,C,D
#
# COMPACT_ATOMS: atom_id res chain seq x y z
N PHE A 26 51.34 32.56 -16.87
CA PHE A 26 50.29 31.52 -17.13
C PHE A 26 49.72 31.65 -18.55
N GLU A 27 50.44 32.34 -19.41
CA GLU A 27 50.00 32.53 -20.79
C GLU A 27 49.87 31.17 -21.47
N GLY A 28 48.66 30.84 -21.90
CA GLY A 28 48.43 29.58 -22.58
C GLY A 28 48.43 28.33 -21.70
N PHE A 29 48.61 28.50 -20.39
CA PHE A 29 48.61 27.36 -19.48
C PHE A 29 47.25 26.66 -19.43
N ARG A 30 46.19 27.44 -19.33
CA ARG A 30 44.83 26.89 -19.28
C ARG A 30 44.52 26.19 -20.61
N LYS A 31 44.91 26.81 -21.72
CA LYS A 31 44.64 26.23 -23.03
C LYS A 31 45.33 24.87 -23.22
N LEU A 32 46.57 24.75 -22.75
CA LEU A 32 47.29 23.49 -22.89
C LEU A 32 46.84 22.43 -21.88
N GLN A 33 46.34 22.89 -20.74
CA GLN A 33 45.88 22.01 -19.68
C GLN A 33 44.62 21.21 -20.06
N ARG A 34 43.73 21.84 -20.82
CA ARG A 34 42.48 21.18 -21.21
C ARG A 34 42.60 20.40 -22.51
N ALA A 35 41.57 19.59 -22.79
CA ALA A 35 41.53 18.76 -24.00
C ALA A 35 40.80 19.51 -25.12
N ASP A 36 40.90 19.00 -26.34
CA ASP A 36 40.29 19.66 -27.49
C ASP A 36 38.90 19.20 -27.94
N GLY A 37 38.71 17.90 -28.11
CA GLY A 37 37.41 17.43 -28.57
C GLY A 37 36.44 16.90 -27.52
N PHE A 38 35.38 16.25 -28.00
CA PHE A 38 34.36 15.69 -27.12
C PHE A 38 34.87 14.46 -26.38
N ALA A 39 34.42 14.28 -25.14
CA ALA A 39 34.79 13.11 -24.37
C ALA A 39 34.17 11.94 -25.15
N SER A 40 34.92 10.85 -25.30
CA SER A 40 34.40 9.70 -26.05
C SER A 40 34.55 8.38 -25.32
N ILE A 41 33.56 7.51 -25.48
CA ILE A 41 33.63 6.20 -24.86
C ILE A 41 34.56 5.40 -25.78
N LEU A 42 35.68 4.93 -25.22
CA LEU A 42 36.68 4.19 -25.99
C LEU A 42 36.63 2.68 -25.75
N ALA A 43 35.77 2.25 -24.83
CA ALA A 43 35.63 0.84 -24.54
C ALA A 43 34.52 0.64 -23.52
N ILE A 44 33.87 -0.52 -23.59
CA ILE A 44 32.80 -0.87 -22.66
C ILE A 44 32.95 -2.33 -22.30
N GLY A 45 33.05 -2.59 -21.00
CA GLY A 45 33.17 -3.95 -20.50
C GLY A 45 32.11 -4.17 -19.45
N THR A 46 31.60 -5.40 -19.39
CA THR A 46 30.57 -5.73 -18.40
C THR A 46 30.85 -7.06 -17.72
N ALA A 47 30.28 -7.24 -16.54
CA ALA A 47 30.46 -8.48 -15.78
C ALA A 47 29.25 -8.72 -14.88
N ASN A 48 29.02 -9.97 -14.52
CA ASN A 48 27.92 -10.34 -13.64
C ASN A 48 28.31 -11.55 -12.83
N PRO A 49 27.65 -11.75 -11.67
CA PRO A 49 27.96 -12.92 -10.83
C PRO A 49 27.60 -14.14 -11.68
N PRO A 50 28.42 -15.20 -11.62
CA PRO A 50 28.14 -16.40 -12.41
C PRO A 50 27.00 -17.26 -11.88
N ASN A 51 25.86 -16.63 -11.60
CA ASN A 51 24.70 -17.35 -11.09
C ASN A 51 23.40 -16.82 -11.68
N ALA A 52 23.04 -17.35 -12.85
CA ALA A 52 21.82 -16.94 -13.53
C ALA A 52 20.61 -17.51 -12.79
N VAL A 53 19.70 -16.64 -12.41
CA VAL A 53 18.49 -17.04 -11.71
C VAL A 53 17.28 -16.85 -12.61
N ASP A 54 16.59 -17.94 -12.94
CA ASP A 54 15.42 -17.83 -13.81
C ASP A 54 14.23 -17.22 -13.10
N GLN A 55 13.60 -16.24 -13.75
CA GLN A 55 12.44 -15.54 -13.21
C GLN A 55 11.20 -16.43 -13.13
N SER A 56 11.04 -17.32 -14.11
CA SER A 56 9.88 -18.21 -14.16
C SER A 56 9.76 -19.09 -12.92
N THR A 57 10.89 -19.41 -12.29
CA THR A 57 10.88 -20.25 -11.11
C THR A 57 11.30 -19.51 -9.83
N TYR A 58 11.44 -18.20 -9.92
CA TYR A 58 11.86 -17.43 -8.76
C TYR A 58 10.85 -17.33 -7.61
N PRO A 59 9.56 -17.15 -7.91
CA PRO A 59 8.59 -17.05 -6.81
C PRO A 59 8.66 -18.21 -5.81
N ASP A 60 8.75 -19.44 -6.30
CA ASP A 60 8.82 -20.60 -5.40
C ASP A 60 10.13 -20.60 -4.63
N PHE A 61 11.24 -20.39 -5.33
CA PHE A 61 12.55 -20.36 -4.69
C PHE A 61 12.59 -19.31 -3.59
N TYR A 62 12.26 -18.08 -3.97
CA TYR A 62 12.27 -16.93 -3.06
C TYR A 62 11.42 -17.14 -1.80
N PHE A 63 10.18 -17.57 -1.95
CA PHE A 63 9.35 -17.77 -0.77
C PHE A 63 9.78 -18.97 0.06
N ARG A 64 10.43 -19.94 -0.59
CA ARG A 64 10.92 -21.11 0.12
C ARG A 64 12.14 -20.74 0.95
N ILE A 65 13.15 -20.16 0.30
CA ILE A 65 14.39 -19.79 0.98
C ILE A 65 14.20 -18.78 2.10
N THR A 66 13.14 -17.97 2.03
CA THR A 66 12.91 -17.00 3.09
C THR A 66 11.96 -17.53 4.17
N GLY A 67 11.51 -18.77 3.97
CA GLY A 67 10.62 -19.41 4.94
C GLY A 67 9.19 -18.91 4.93
N ASN A 68 8.66 -18.59 3.76
CA ASN A 68 7.28 -18.10 3.67
C ASN A 68 6.45 -18.93 2.69
N GLU A 69 6.83 -20.19 2.51
CA GLU A 69 6.15 -21.09 1.59
C GLU A 69 4.64 -21.19 1.78
N HIS A 70 4.17 -21.12 3.01
CA HIS A 70 2.74 -21.23 3.29
C HIS A 70 1.90 -19.98 3.01
N ASN A 71 2.56 -18.84 2.82
CA ASN A 71 1.84 -17.58 2.56
C ASN A 71 1.49 -17.49 1.08
N THR A 72 0.57 -18.35 0.65
CA THR A 72 0.14 -18.41 -0.74
C THR A 72 -0.30 -17.08 -1.34
N GLU A 73 -1.13 -16.32 -0.65
CA GLU A 73 -1.59 -15.05 -1.20
C GLU A 73 -0.42 -14.10 -1.47
N LEU A 74 0.51 -14.02 -0.54
CA LEU A 74 1.66 -13.13 -0.73
C LEU A 74 2.53 -13.65 -1.87
N LYS A 75 2.63 -14.97 -2.01
CA LYS A 75 3.42 -15.54 -3.08
C LYS A 75 2.76 -15.29 -4.44
N ASP A 76 1.42 -15.34 -4.48
CA ASP A 76 0.71 -15.12 -5.72
C ASP A 76 0.85 -13.69 -6.21
N LYS A 77 0.88 -12.73 -5.29
CA LYS A 77 1.06 -11.34 -5.67
C LYS A 77 2.45 -11.22 -6.29
N PHE A 78 3.41 -11.92 -5.68
CA PHE A 78 4.78 -11.88 -6.18
C PHE A 78 4.89 -12.54 -7.55
N LYS A 79 4.23 -13.69 -7.72
CA LYS A 79 4.24 -14.41 -9.00
C LYS A 79 3.76 -13.43 -10.08
N ARG A 80 2.69 -12.74 -9.76
CA ARG A 80 2.06 -11.77 -10.64
C ARG A 80 3.07 -10.71 -11.09
N ILE A 81 3.81 -10.15 -10.13
CA ILE A 81 4.79 -9.14 -10.42
C ILE A 81 5.91 -9.68 -11.31
N CYS A 82 6.43 -10.85 -10.96
CA CYS A 82 7.49 -11.46 -11.75
C CYS A 82 7.03 -11.76 -13.17
N GLU A 83 5.83 -12.32 -13.28
CA GLU A 83 5.27 -12.66 -14.58
C GLU A 83 5.07 -11.47 -15.51
N ARG A 84 4.87 -10.28 -14.95
CA ARG A 84 4.66 -9.10 -15.76
C ARG A 84 5.91 -8.21 -15.88
N SER A 85 7.00 -8.62 -15.24
CA SER A 85 8.23 -7.83 -15.24
C SER A 85 8.97 -7.76 -16.56
N ALA A 86 8.75 -8.74 -17.43
CA ALA A 86 9.44 -8.79 -18.72
C ALA A 86 10.93 -8.98 -18.48
N ILE A 87 11.24 -9.73 -17.43
CA ILE A 87 12.60 -10.07 -17.05
C ILE A 87 12.65 -11.60 -17.07
N LYS A 88 13.43 -12.17 -17.96
CA LYS A 88 13.54 -13.63 -18.05
C LYS A 88 14.54 -14.21 -17.04
N GLN A 89 15.55 -13.42 -16.68
CA GLN A 89 16.55 -13.87 -15.73
C GLN A 89 17.37 -12.73 -15.13
N ARG A 90 17.99 -13.03 -13.98
CA ARG A 90 18.84 -12.08 -13.28
C ARG A 90 20.04 -12.81 -12.69
N TYR A 91 21.21 -12.20 -12.75
CA TYR A 91 22.40 -12.80 -12.18
C TYR A 91 22.50 -12.33 -10.73
N MET A 92 22.68 -13.28 -9.82
CA MET A 92 22.73 -12.96 -8.40
C MET A 92 23.90 -13.52 -7.61
N TYR A 93 24.59 -12.63 -6.91
CA TYR A 93 25.71 -12.98 -6.06
C TYR A 93 25.19 -13.91 -4.98
N LEU A 94 24.06 -13.54 -4.38
CA LEU A 94 23.44 -14.33 -3.33
C LEU A 94 22.98 -15.68 -3.85
N THR A 95 23.47 -16.75 -3.23
CA THR A 95 23.09 -18.10 -3.62
C THR A 95 22.37 -18.77 -2.46
N GLU A 96 21.77 -19.92 -2.72
CA GLU A 96 21.06 -20.61 -1.66
C GLU A 96 22.03 -20.89 -0.50
N GLU A 97 23.27 -21.25 -0.84
CA GLU A 97 24.27 -21.54 0.19
C GLU A 97 24.52 -20.32 1.07
N ILE A 98 24.84 -19.19 0.44
CA ILE A 98 25.11 -17.95 1.15
C ILE A 98 23.93 -17.52 2.02
N LEU A 99 22.73 -17.62 1.48
CA LEU A 99 21.54 -17.22 2.24
C LEU A 99 21.27 -18.16 3.41
N LYS A 100 21.65 -19.43 3.26
CA LYS A 100 21.44 -20.41 4.31
C LYS A 100 22.43 -20.16 5.46
N LYS A 101 23.54 -19.51 5.14
CA LYS A 101 24.54 -19.21 6.14
C LYS A 101 24.29 -17.80 6.69
N ASN A 102 23.29 -17.12 6.15
CA ASN A 102 22.93 -15.77 6.57
C ASN A 102 21.42 -15.62 6.73
N PRO A 103 20.84 -16.30 7.72
CA PRO A 103 19.39 -16.25 7.98
C PRO A 103 18.85 -14.85 8.12
N ASP A 104 19.62 -13.99 8.79
CA ASP A 104 19.21 -12.61 9.02
C ASP A 104 18.90 -11.83 7.75
N VAL A 105 19.58 -12.18 6.66
CA VAL A 105 19.35 -11.50 5.39
C VAL A 105 18.03 -11.98 4.78
N CYS A 106 17.56 -13.15 5.20
CA CYS A 106 16.32 -13.69 4.71
C CYS A 106 15.09 -13.15 5.44
N ALA A 107 15.33 -12.47 6.54
CA ALA A 107 14.24 -11.88 7.31
C ALA A 107 13.85 -10.58 6.61
N PHE A 108 12.75 -9.97 7.04
CA PHE A 108 12.35 -8.70 6.45
C PHE A 108 13.07 -7.62 7.25
N VAL A 109 12.59 -7.34 8.47
CA VAL A 109 13.23 -6.35 9.34
C VAL A 109 13.15 -6.70 10.82
N GLU A 110 12.82 -7.95 11.12
CA GLU A 110 12.69 -8.36 12.53
C GLU A 110 14.03 -8.46 13.25
N VAL A 111 15.12 -8.51 12.50
CA VAL A 111 16.46 -8.59 13.08
C VAL A 111 17.44 -7.79 12.22
N PRO A 112 18.52 -7.27 12.81
CA PRO A 112 19.49 -6.49 12.03
C PRO A 112 20.27 -7.36 11.05
N SER A 113 20.77 -6.73 9.99
CA SER A 113 21.54 -7.45 8.98
C SER A 113 22.54 -6.58 8.23
N LEU A 114 22.66 -5.31 8.62
CA LEU A 114 23.60 -4.41 7.94
C LEU A 114 25.04 -4.93 7.98
N ASP A 115 25.56 -5.21 9.17
CA ASP A 115 26.94 -5.68 9.31
C ASP A 115 27.28 -6.84 8.38
N ALA A 116 26.39 -7.84 8.32
CA ALA A 116 26.60 -8.99 7.45
C ALA A 116 26.60 -8.57 5.99
N ARG A 117 25.70 -7.67 5.63
CA ARG A 117 25.63 -7.20 4.25
C ARG A 117 26.88 -6.40 3.89
N GLN A 118 27.37 -5.57 4.81
CA GLN A 118 28.55 -4.77 4.55
C GLN A 118 29.74 -5.68 4.20
N ALA A 119 29.84 -6.82 4.87
CA ALA A 119 30.91 -7.77 4.61
C ALA A 119 30.79 -8.33 3.19
N MET A 120 29.57 -8.63 2.77
CA MET A 120 29.35 -9.14 1.43
C MET A 120 29.73 -8.09 0.40
N LEU A 121 29.28 -6.85 0.63
CA LEU A 121 29.56 -5.75 -0.29
C LEU A 121 31.04 -5.50 -0.44
N ALA A 122 31.75 -5.49 0.69
CA ALA A 122 33.19 -5.24 0.70
C ALA A 122 33.92 -6.17 -0.25
N MET A 123 33.42 -7.40 -0.39
CA MET A 123 34.03 -8.38 -1.28
C MET A 123 33.48 -8.37 -2.70
N GLU A 124 32.16 -8.44 -2.82
CA GLU A 124 31.50 -8.51 -4.13
C GLU A 124 31.52 -7.29 -5.04
N VAL A 125 31.28 -6.11 -4.50
CA VAL A 125 31.26 -4.92 -5.34
C VAL A 125 32.60 -4.67 -6.03
N PRO A 126 33.71 -4.72 -5.28
CA PRO A 126 35.02 -4.50 -5.93
C PRO A 126 35.38 -5.63 -6.91
N ARG A 127 34.90 -6.84 -6.63
CA ARG A 127 35.17 -8.01 -7.47
C ARG A 127 34.53 -7.88 -8.86
N LEU A 128 33.24 -7.55 -8.91
CA LEU A 128 32.55 -7.38 -10.18
C LEU A 128 33.15 -6.17 -10.90
N ALA A 129 33.44 -5.12 -10.14
CA ALA A 129 34.02 -3.91 -10.72
C ALA A 129 35.34 -4.26 -11.39
N LYS A 130 36.16 -5.04 -10.71
CA LYS A 130 37.45 -5.44 -11.26
C LYS A 130 37.28 -6.22 -12.56
N GLU A 131 36.40 -7.22 -12.52
CA GLU A 131 36.14 -8.05 -13.69
C GLU A 131 35.70 -7.25 -14.91
N ALA A 132 34.75 -6.33 -14.71
CA ALA A 132 34.26 -5.51 -15.81
C ALA A 132 35.34 -4.54 -16.30
N ALA A 133 36.14 -4.01 -15.38
CA ALA A 133 37.19 -3.06 -15.75
C ALA A 133 38.29 -3.70 -16.59
N GLU A 134 38.63 -4.95 -16.28
CA GLU A 134 39.67 -5.63 -17.04
C GLU A 134 39.21 -5.86 -18.48
N LYS A 135 37.92 -6.13 -18.66
CA LYS A 135 37.41 -6.35 -20.00
C LYS A 135 37.48 -5.04 -20.79
N ALA A 136 37.07 -3.94 -20.16
CA ALA A 136 37.11 -2.64 -20.81
C ALA A 136 38.55 -2.27 -21.14
N ILE A 137 39.45 -2.48 -20.19
CA ILE A 137 40.86 -2.17 -20.37
C ILE A 137 41.46 -2.99 -21.52
N GLN A 138 41.09 -4.26 -21.59
CA GLN A 138 41.59 -5.15 -22.65
C GLN A 138 41.12 -4.68 -24.01
N GLU A 139 39.85 -4.26 -24.11
CA GLU A 139 39.30 -3.77 -25.36
C GLU A 139 40.03 -2.49 -25.78
N TRP A 140 40.14 -1.56 -24.84
CA TRP A 140 40.81 -0.28 -25.08
C TRP A 140 42.21 -0.55 -25.68
N GLY A 141 42.85 -1.61 -25.20
CA GLY A 141 44.15 -2.01 -25.73
C GLY A 141 45.36 -1.18 -25.35
N GLN A 142 45.24 -0.37 -24.31
CA GLN A 142 46.37 0.44 -23.87
C GLN A 142 46.74 0.03 -22.46
N SER A 143 47.94 0.39 -22.02
CA SER A 143 48.40 0.05 -20.68
C SER A 143 47.58 0.80 -19.64
N LYS A 144 47.27 0.14 -18.53
CA LYS A 144 46.49 0.78 -17.48
C LYS A 144 47.29 1.92 -16.86
N SER A 145 48.58 2.01 -17.17
CA SER A 145 49.41 3.08 -16.65
C SER A 145 48.94 4.41 -17.24
N GLY A 146 48.20 4.34 -18.33
CA GLY A 146 47.68 5.53 -18.97
C GLY A 146 46.37 6.05 -18.37
N ILE A 147 45.75 5.27 -17.48
CA ILE A 147 44.50 5.70 -16.86
C ILE A 147 44.84 6.78 -15.84
N THR A 148 44.24 7.95 -16.01
CA THR A 148 44.51 9.08 -15.11
C THR A 148 43.43 9.33 -14.07
N HIS A 149 42.20 8.91 -14.37
CA HIS A 149 41.09 9.13 -13.45
C HIS A 149 40.22 7.89 -13.29
N LEU A 150 39.49 7.86 -12.19
CA LEU A 150 38.58 6.77 -11.89
C LEU A 150 37.32 7.30 -11.24
N ILE A 151 36.19 7.04 -11.86
CA ILE A 151 34.89 7.42 -11.30
C ILE A 151 34.24 6.08 -10.97
N PHE A 152 34.02 5.84 -9.68
CA PHE A 152 33.42 4.58 -9.25
C PHE A 152 32.07 4.81 -8.59
N CYS A 153 31.07 4.07 -9.06
CA CYS A 153 29.71 4.19 -8.55
C CYS A 153 29.11 2.88 -8.07
N SER A 154 28.42 2.95 -6.93
CA SER A 154 27.71 1.80 -6.34
C SER A 154 26.63 2.41 -5.46
N THR A 155 25.49 1.73 -5.34
CA THR A 155 24.40 2.26 -4.53
C THR A 155 24.89 2.65 -3.15
N THR A 156 25.75 1.82 -2.57
CA THR A 156 26.31 2.10 -1.25
C THR A 156 27.74 1.58 -1.21
N THR A 157 28.46 1.94 -0.16
CA THR A 157 29.83 1.48 0.06
C THR A 157 29.91 1.37 1.59
N PRO A 158 30.46 0.26 2.09
CA PRO A 158 30.58 -0.02 3.53
C PRO A 158 31.56 0.77 4.41
N ASP A 159 32.67 1.22 3.86
CA ASP A 159 33.65 1.90 4.68
C ASP A 159 34.25 3.16 4.08
N LEU A 160 35.34 3.57 4.70
CA LEU A 160 36.18 4.68 4.28
C LEU A 160 37.56 4.04 4.43
N PRO A 161 38.34 3.97 3.35
CA PRO A 161 38.04 4.45 1.99
C PRO A 161 36.81 3.79 1.35
N GLY A 162 36.25 4.45 0.34
CA GLY A 162 35.11 3.90 -0.36
C GLY A 162 35.64 2.80 -1.28
N ALA A 163 34.73 2.09 -1.93
CA ALA A 163 35.12 1.00 -2.82
C ALA A 163 36.00 1.45 -3.98
N ASP A 164 35.98 2.73 -4.32
CA ASP A 164 36.80 3.25 -5.41
C ASP A 164 38.28 2.98 -5.12
N PHE A 165 38.65 3.07 -3.85
CA PHE A 165 40.01 2.81 -3.43
C PHE A 165 40.36 1.35 -3.64
N GLU A 166 39.52 0.45 -3.11
CA GLU A 166 39.74 -0.97 -3.23
C GLU A 166 39.80 -1.44 -4.69
N VAL A 167 38.95 -0.89 -5.55
CA VAL A 167 38.94 -1.28 -6.95
C VAL A 167 40.25 -0.90 -7.64
N ALA A 168 40.72 0.32 -7.36
CA ALA A 168 41.96 0.83 -7.94
C ALA A 168 43.11 -0.07 -7.53
N LYS A 169 43.11 -0.46 -6.26
CA LYS A 169 44.14 -1.34 -5.74
C LYS A 169 44.10 -2.69 -6.44
N LEU A 170 42.91 -3.26 -6.58
CA LEU A 170 42.74 -4.56 -7.23
C LEU A 170 43.22 -4.53 -8.68
N LEU A 171 43.01 -3.39 -9.34
CA LEU A 171 43.40 -3.25 -10.73
C LEU A 171 44.89 -2.89 -10.88
N GLY A 172 45.54 -2.60 -9.76
CA GLY A 172 46.94 -2.24 -9.80
C GLY A 172 47.17 -0.90 -10.46
N LEU A 173 46.21 0.00 -10.34
CA LEU A 173 46.32 1.32 -10.92
C LEU A 173 47.38 2.15 -10.18
N HIS A 174 47.98 3.11 -10.87
CA HIS A 174 48.97 3.98 -10.26
C HIS A 174 48.36 4.68 -9.06
N PRO A 175 49.15 4.92 -8.01
CA PRO A 175 48.66 5.59 -6.80
C PRO A 175 48.16 6.99 -7.07
N SER A 176 48.71 7.62 -8.10
CA SER A 176 48.31 9.00 -8.44
C SER A 176 47.01 9.10 -9.23
N VAL A 177 46.36 7.98 -9.52
CA VAL A 177 45.10 8.03 -10.24
C VAL A 177 44.10 8.85 -9.41
N LYS A 178 43.44 9.81 -10.07
CA LYS A 178 42.47 10.68 -9.38
C LYS A 178 41.11 10.01 -9.28
N ARG A 179 40.72 9.69 -8.05
CA ARG A 179 39.46 9.00 -7.80
C ARG A 179 38.30 9.86 -7.32
N VAL A 180 37.10 9.39 -7.64
CA VAL A 180 35.88 10.05 -7.20
C VAL A 180 34.85 8.92 -7.05
N GLY A 181 34.27 8.79 -5.86
CA GLY A 181 33.28 7.76 -5.63
C GLY A 181 31.88 8.36 -5.64
N VAL A 182 30.96 7.68 -6.30
CA VAL A 182 29.58 8.13 -6.42
C VAL A 182 28.69 7.14 -5.69
N PHE A 183 28.34 7.46 -4.47
CA PHE A 183 27.54 6.58 -3.64
C PHE A 183 26.18 7.16 -3.23
N GLN A 184 25.22 6.26 -3.06
CA GLN A 184 23.85 6.58 -2.67
C GLN A 184 23.13 7.57 -3.58
N HIS A 185 23.44 7.49 -4.87
CA HIS A 185 22.78 8.33 -5.87
C HIS A 185 21.64 7.47 -6.40
N GLY A 186 21.93 6.22 -6.71
CA GLY A 186 20.88 5.34 -7.17
C GLY A 186 20.87 4.95 -8.63
N CYS A 187 19.69 4.56 -9.09
CA CYS A 187 19.49 4.08 -10.45
C CYS A 187 19.76 5.09 -11.57
N PHE A 188 19.86 6.38 -11.23
CA PHE A 188 20.11 7.37 -12.26
C PHE A 188 21.61 7.63 -12.50
N ALA A 189 22.44 7.12 -11.60
CA ALA A 189 23.89 7.33 -11.67
C ALA A 189 24.60 6.82 -12.93
N GLY A 190 23.94 5.97 -13.71
CA GLY A 190 24.55 5.50 -14.94
C GLY A 190 24.71 6.73 -15.85
N GLY A 191 23.80 7.68 -15.70
CA GLY A 191 23.88 8.90 -16.47
C GLY A 191 24.83 9.85 -15.77
N THR A 192 24.74 9.91 -14.44
CA THR A 192 25.59 10.80 -13.65
C THR A 192 27.08 10.61 -13.94
N VAL A 193 27.54 9.36 -13.99
CA VAL A 193 28.96 9.12 -14.23
C VAL A 193 29.42 9.56 -15.63
N LEU A 194 28.52 9.55 -16.60
CA LEU A 194 28.86 10.00 -17.95
C LEU A 194 28.96 11.52 -17.96
N ARG A 195 28.07 12.16 -17.21
CA ARG A 195 28.04 13.62 -17.10
C ARG A 195 29.34 14.07 -16.45
N MET A 196 29.76 13.34 -15.42
CA MET A 196 31.00 13.65 -14.70
C MET A 196 32.22 13.34 -15.56
N ALA A 197 32.21 12.21 -16.24
CA ALA A 197 33.35 11.83 -17.08
C ALA A 197 33.59 12.81 -18.23
N LYS A 198 32.51 13.38 -18.75
CA LYS A 198 32.62 14.35 -19.85
C LYS A 198 33.48 15.55 -19.45
N ASP A 199 33.22 16.11 -18.27
CA ASP A 199 33.98 17.26 -17.82
C ASP A 199 35.41 16.92 -17.48
N LEU A 200 35.63 15.76 -16.87
CA LEU A 200 36.99 15.34 -16.53
C LEU A 200 37.83 15.12 -17.79
N ALA A 201 37.26 14.41 -18.75
CA ALA A 201 37.98 14.10 -19.99
C ALA A 201 38.26 15.33 -20.85
N GLU A 202 37.28 16.21 -20.98
CA GLU A 202 37.43 17.40 -21.79
C GLU A 202 38.28 18.50 -21.16
N ASN A 203 38.29 18.60 -19.84
CA ASN A 203 39.06 19.65 -19.20
C ASN A 203 40.48 19.26 -18.83
N ASN A 204 40.89 18.05 -19.23
CA ASN A 204 42.23 17.57 -18.91
C ASN A 204 42.86 16.89 -20.12
N ARG A 205 43.85 17.55 -20.72
CA ARG A 205 44.52 17.02 -21.89
C ARG A 205 45.18 15.68 -21.59
N GLY A 206 44.90 14.69 -22.44
CA GLY A 206 45.47 13.36 -22.28
C GLY A 206 44.75 12.49 -21.26
N ALA A 207 43.80 13.05 -20.52
CA ALA A 207 43.08 12.29 -19.52
C ALA A 207 42.35 11.06 -20.08
N ARG A 208 42.43 9.96 -19.35
CA ARG A 208 41.75 8.72 -19.73
C ARG A 208 41.05 8.25 -18.46
N VAL A 209 39.74 8.38 -18.45
CA VAL A 209 38.93 8.05 -17.29
C VAL A 209 38.29 6.68 -17.27
N LEU A 210 38.58 5.91 -16.23
CA LEU A 210 37.97 4.59 -16.05
C LEU A 210 36.69 4.89 -15.28
N VAL A 211 35.56 4.51 -15.86
CA VAL A 211 34.25 4.74 -15.25
C VAL A 211 33.67 3.36 -14.92
N ILE A 212 33.28 3.16 -13.66
CA ILE A 212 32.74 1.88 -13.25
C ILE A 212 31.50 1.99 -12.39
N CYS A 213 30.51 1.17 -12.71
CA CYS A 213 29.26 1.07 -11.95
C CYS A 213 29.17 -0.40 -11.54
N SER A 214 29.11 -0.66 -10.24
CA SER A 214 29.02 -2.03 -9.74
C SER A 214 27.90 -2.14 -8.70
N GLU A 215 26.94 -3.01 -8.98
CA GLU A 215 25.76 -3.18 -8.14
C GLU A 215 25.43 -4.62 -7.79
N THR A 216 24.92 -4.85 -6.59
CA THR A 216 24.54 -6.18 -6.16
C THR A 216 23.40 -6.09 -5.15
N THR A 217 22.44 -7.01 -5.25
CA THR A 217 21.30 -7.03 -4.34
C THR A 217 21.66 -7.56 -2.96
N ALA A 218 22.95 -7.78 -2.72
CA ALA A 218 23.39 -8.25 -1.43
C ALA A 218 22.96 -7.21 -0.38
N VAL A 219 22.80 -5.96 -0.80
CA VAL A 219 22.40 -4.90 0.11
C VAL A 219 20.90 -4.65 0.23
N THR A 220 20.12 -5.10 -0.76
CA THR A 220 18.67 -4.88 -0.76
C THR A 220 17.78 -6.12 -0.60
N PHE A 221 18.32 -7.30 -0.87
CA PHE A 221 17.54 -8.53 -0.75
C PHE A 221 17.08 -8.76 0.68
N ARG A 222 15.82 -9.15 0.85
CA ARG A 222 15.26 -9.44 2.17
C ARG A 222 13.93 -10.18 2.01
N GLY A 223 13.43 -10.74 3.10
CA GLY A 223 12.17 -11.47 3.05
C GLY A 223 10.98 -10.63 2.63
N PRO A 224 9.89 -11.27 2.18
CA PRO A 224 8.69 -10.54 1.76
C PRO A 224 7.85 -10.05 2.93
N SER A 225 7.08 -8.98 2.69
CA SER A 225 6.23 -8.38 3.71
C SER A 225 4.94 -7.86 3.07
N GLU A 226 3.79 -8.33 3.56
CA GLU A 226 2.51 -7.90 3.00
C GLU A 226 2.22 -6.42 3.25
N THR A 227 2.94 -5.82 4.19
CA THR A 227 2.74 -4.41 4.49
C THR A 227 3.75 -3.53 3.76
N HIS A 228 4.53 -4.14 2.87
CA HIS A 228 5.50 -3.41 2.08
C HIS A 228 5.62 -4.05 0.71
N LEU A 229 4.52 -4.00 -0.03
CA LEU A 229 4.49 -4.59 -1.37
C LEU A 229 5.44 -3.90 -2.33
N ASP A 230 5.84 -2.66 -2.02
CA ASP A 230 6.77 -1.97 -2.89
C ASP A 230 8.14 -2.65 -2.82
N SER A 231 8.50 -3.10 -1.62
CA SER A 231 9.77 -3.78 -1.45
C SER A 231 9.68 -5.08 -2.25
N LEU A 232 8.49 -5.66 -2.28
CA LEU A 232 8.25 -6.89 -3.00
C LEU A 232 8.60 -6.70 -4.48
N VAL A 233 8.20 -5.58 -5.05
CA VAL A 233 8.49 -5.30 -6.46
C VAL A 233 10.00 -5.27 -6.71
N GLY A 234 10.73 -4.65 -5.78
CA GLY A 234 12.17 -4.58 -5.92
C GLY A 234 12.81 -5.95 -5.90
N GLN A 235 12.25 -6.87 -5.12
CA GLN A 235 12.76 -8.23 -5.01
C GLN A 235 12.59 -8.99 -6.33
N ALA A 236 11.67 -8.53 -7.17
CA ALA A 236 11.44 -9.19 -8.45
C ALA A 236 12.19 -8.52 -9.61
N LEU A 237 12.63 -7.28 -9.42
CA LEU A 237 13.30 -6.56 -10.49
C LEU A 237 14.82 -6.35 -10.42
N PHE A 238 15.35 -6.12 -9.23
CA PHE A 238 16.78 -5.85 -9.11
C PHE A 238 17.71 -7.04 -9.33
N GLY A 239 18.74 -6.82 -10.13
CA GLY A 239 19.72 -7.85 -10.41
C GLY A 239 21.11 -7.31 -10.17
N ASP A 240 22.13 -8.17 -10.29
CA ASP A 240 23.52 -7.78 -10.07
C ASP A 240 24.31 -7.62 -11.35
N GLY A 241 25.31 -6.74 -11.31
CA GLY A 241 26.14 -6.53 -12.48
C GLY A 241 27.03 -5.31 -12.37
N ALA A 242 28.06 -5.27 -13.22
CA ALA A 242 28.96 -4.14 -13.24
C ALA A 242 29.35 -3.79 -14.66
N SER A 243 29.52 -2.50 -14.90
CA SER A 243 29.90 -2.01 -16.21
C SER A 243 31.17 -1.16 -16.01
N ALA A 244 31.99 -1.10 -17.05
CA ALA A 244 33.22 -0.31 -17.01
C ALA A 244 33.43 0.34 -18.36
N LEU A 245 33.84 1.61 -18.33
CA LEU A 245 34.10 2.38 -19.54
C LEU A 245 35.46 3.05 -19.46
N ILE A 246 36.00 3.38 -20.62
CA ILE A 246 37.24 4.14 -20.71
C ILE A 246 36.72 5.36 -21.45
N VAL A 247 36.83 6.53 -20.82
CA VAL A 247 36.38 7.77 -21.44
C VAL A 247 37.54 8.73 -21.63
N GLY A 248 37.62 9.31 -22.81
CA GLY A 248 38.69 10.27 -23.07
C GLY A 248 38.42 11.06 -24.33
N ALA A 249 38.97 12.28 -24.38
CA ALA A 249 38.82 13.12 -25.56
C ALA A 249 40.08 12.95 -26.40
N ASP A 250 40.01 13.36 -27.66
CA ASP A 250 41.17 13.26 -28.55
C ASP A 250 41.71 11.83 -28.65
N PRO A 251 40.87 10.88 -29.05
CA PRO A 251 41.38 9.51 -29.17
C PRO A 251 42.51 9.41 -30.20
N ILE A 252 43.45 8.51 -29.96
CA ILE A 252 44.58 8.33 -30.86
C ILE A 252 44.19 7.62 -32.16
N PRO A 253 44.41 8.29 -33.30
CA PRO A 253 44.07 7.72 -34.61
C PRO A 253 44.67 6.33 -34.78
N GLN A 254 43.88 5.40 -35.30
CA GLN A 254 44.32 4.02 -35.52
C GLN A 254 44.82 3.27 -34.30
N VAL A 255 44.72 3.88 -33.12
CA VAL A 255 45.17 3.23 -31.89
C VAL A 255 44.00 3.02 -30.95
N GLU A 256 43.25 4.08 -30.70
CA GLU A 256 42.06 3.99 -29.85
C GLU A 256 40.85 4.04 -30.75
N LYS A 257 39.72 3.49 -30.31
CA LYS A 257 38.52 3.49 -31.12
C LYS A 257 37.29 3.91 -30.32
N ALA A 258 36.69 5.01 -30.72
CA ALA A 258 35.52 5.53 -30.04
C ALA A 258 34.25 4.89 -30.57
N CYS A 259 33.28 4.66 -29.69
CA CYS A 259 31.99 4.12 -30.13
C CYS A 259 30.90 5.16 -29.93
N PHE A 260 31.13 6.10 -29.02
CA PHE A 260 30.15 7.15 -28.74
C PHE A 260 30.83 8.41 -28.22
N GLU A 261 30.21 9.57 -28.49
CA GLU A 261 30.71 10.85 -28.01
C GLU A 261 29.66 11.41 -27.04
N ILE A 262 30.12 11.95 -25.92
CA ILE A 262 29.22 12.52 -24.93
C ILE A 262 29.12 14.00 -25.24
N VAL A 263 28.03 14.35 -25.93
CA VAL A 263 27.79 15.70 -26.40
C VAL A 263 27.29 16.75 -25.41
N TRP A 264 26.17 16.44 -24.74
CA TRP A 264 25.55 17.37 -23.81
C TRP A 264 24.83 16.59 -22.71
N THR A 265 24.76 17.16 -21.51
CA THR A 265 24.07 16.47 -20.42
C THR A 265 23.23 17.43 -19.60
N ALA A 266 22.29 16.85 -18.86
CA ALA A 266 21.43 17.62 -17.99
C ALA A 266 20.95 16.72 -16.87
N GLN A 267 20.53 17.33 -15.76
CA GLN A 267 19.98 16.60 -14.64
C GLN A 267 18.85 17.45 -14.08
N THR A 268 17.72 16.84 -13.76
CA THR A 268 16.63 17.60 -13.20
C THR A 268 15.80 16.76 -12.24
N VAL A 269 15.13 17.42 -11.31
CA VAL A 269 14.28 16.77 -10.33
C VAL A 269 12.83 17.04 -10.70
N VAL A 270 12.00 16.01 -10.66
CA VAL A 270 10.60 16.20 -10.95
C VAL A 270 10.02 16.72 -9.63
N PRO A 271 9.50 17.95 -9.65
CA PRO A 271 8.94 18.55 -8.44
C PRO A 271 7.88 17.71 -7.73
N ASN A 272 7.88 17.81 -6.39
CA ASN A 272 6.91 17.11 -5.56
C ASN A 272 6.81 15.60 -5.82
N SER A 273 7.95 14.91 -5.77
CA SER A 273 7.97 13.46 -5.99
C SER A 273 9.04 12.79 -5.13
N GLU A 274 9.34 13.39 -3.98
CA GLU A 274 10.36 12.86 -3.08
C GLU A 274 10.23 11.40 -2.67
N GLY A 275 9.01 10.96 -2.39
CA GLY A 275 8.82 9.57 -1.98
C GLY A 275 8.61 8.56 -3.08
N ALA A 276 8.65 9.01 -4.34
CA ALA A 276 8.45 8.12 -5.48
C ALA A 276 9.45 6.97 -5.51
N ILE A 277 10.74 7.30 -5.35
CA ILE A 277 11.79 6.29 -5.33
C ILE A 277 12.77 6.70 -4.23
N GLY A 278 12.98 5.81 -3.27
CA GLY A 278 13.88 6.13 -2.19
C GLY A 278 14.45 4.95 -1.44
N GLY A 279 15.42 5.22 -0.59
CA GLY A 279 16.04 4.16 0.18
C GLY A 279 16.56 4.71 1.48
N LYS A 280 16.83 3.81 2.42
CA LYS A 280 17.35 4.22 3.71
C LYS A 280 18.38 3.20 4.18
N VAL A 281 19.55 3.68 4.60
CA VAL A 281 20.59 2.79 5.09
C VAL A 281 20.36 2.71 6.60
N ARG A 282 19.95 1.54 7.07
CA ARG A 282 19.67 1.36 8.49
C ARG A 282 20.26 0.05 9.03
N GLU A 283 20.02 -0.20 10.31
CA GLU A 283 20.54 -1.42 10.94
C GLU A 283 20.07 -2.69 10.23
N VAL A 284 18.93 -2.60 9.54
CA VAL A 284 18.41 -3.74 8.79
C VAL A 284 18.95 -3.74 7.37
N GLY A 285 19.95 -2.90 7.10
CA GLY A 285 20.50 -2.83 5.76
C GLY A 285 19.79 -1.75 4.96
N LEU A 286 19.85 -1.84 3.64
CA LEU A 286 19.22 -0.85 2.79
C LEU A 286 17.77 -1.18 2.46
N THR A 287 16.85 -0.33 2.89
CA THR A 287 15.45 -0.54 2.59
C THR A 287 15.10 0.43 1.48
N PHE A 288 14.14 0.09 0.64
CA PHE A 288 13.74 0.98 -0.44
C PHE A 288 12.23 1.15 -0.53
N GLN A 289 11.83 2.33 -0.99
CA GLN A 289 10.43 2.67 -1.14
C GLN A 289 10.18 2.96 -2.62
N LEU A 290 9.03 2.50 -3.13
CA LEU A 290 8.67 2.72 -4.54
C LEU A 290 7.17 3.00 -4.66
N LYS A 291 6.82 4.11 -5.29
CA LYS A 291 5.41 4.47 -5.46
C LYS A 291 4.94 4.05 -6.85
N GLY A 292 3.66 3.72 -6.96
CA GLY A 292 3.12 3.29 -8.24
C GLY A 292 3.07 4.38 -9.30
N ALA A 293 3.16 5.64 -8.88
CA ALA A 293 3.10 6.77 -9.81
C ALA A 293 4.38 7.04 -10.61
N VAL A 294 5.43 6.28 -10.34
CA VAL A 294 6.70 6.50 -11.05
C VAL A 294 6.53 6.54 -12.57
N PRO A 295 5.80 5.58 -13.15
CA PRO A 295 5.61 5.57 -14.61
C PRO A 295 5.02 6.89 -15.14
N ASP A 296 3.94 7.36 -14.54
CA ASP A 296 3.30 8.61 -14.96
C ASP A 296 4.24 9.80 -14.80
N LEU A 297 4.87 9.90 -13.63
CA LEU A 297 5.78 11.00 -13.36
C LEU A 297 6.89 11.10 -14.40
N ILE A 298 7.50 9.97 -14.73
CA ILE A 298 8.59 9.98 -15.69
C ILE A 298 8.12 10.38 -17.10
N SER A 299 7.05 9.75 -17.58
CA SER A 299 6.55 10.07 -18.91
C SER A 299 6.00 11.49 -19.04
N ALA A 300 5.45 12.02 -17.95
CA ALA A 300 4.89 13.38 -17.98
C ALA A 300 5.96 14.46 -18.07
N ASN A 301 7.20 14.11 -17.71
CA ASN A 301 8.29 15.08 -17.73
C ASN A 301 9.36 14.75 -18.76
N ILE A 302 9.24 13.61 -19.43
CA ILE A 302 10.24 13.19 -20.40
C ILE A 302 10.28 14.10 -21.65
N GLU A 303 9.11 14.54 -22.10
CA GLU A 303 9.04 15.40 -23.27
C GLU A 303 9.88 16.66 -23.13
N ASN A 304 9.80 17.33 -21.98
CA ASN A 304 10.59 18.55 -21.78
C ASN A 304 12.09 18.28 -21.76
N CYS A 305 12.50 17.15 -21.21
CA CYS A 305 13.92 16.82 -21.18
C CYS A 305 14.40 16.76 -22.64
N MET A 306 13.60 16.14 -23.50
CA MET A 306 13.94 16.00 -24.92
C MET A 306 14.06 17.33 -25.65
N VAL A 307 13.07 18.20 -25.47
CA VAL A 307 13.09 19.50 -26.14
C VAL A 307 14.30 20.32 -25.67
N GLU A 308 14.54 20.35 -24.37
CA GLU A 308 15.67 21.09 -23.81
C GLU A 308 17.00 20.57 -24.31
N ALA A 309 17.05 19.26 -24.54
CA ALA A 309 18.27 18.62 -25.00
C ALA A 309 18.53 18.74 -26.49
N PHE A 310 17.49 18.60 -27.29
CA PHE A 310 17.65 18.61 -28.74
C PHE A 310 17.26 19.84 -29.56
N SER A 311 16.57 20.79 -28.94
CA SER A 311 16.17 22.00 -29.65
C SER A 311 17.41 22.63 -30.30
N GLN A 312 18.48 22.73 -29.53
CA GLN A 312 19.74 23.31 -30.00
C GLN A 312 20.35 22.55 -31.19
N PHE A 313 19.88 21.33 -31.44
CA PHE A 313 20.39 20.55 -32.55
C PHE A 313 19.37 20.47 -33.68
N LYS A 314 18.29 21.23 -33.54
CA LYS A 314 17.23 21.27 -34.55
C LYS A 314 16.60 19.90 -34.79
N ILE A 315 16.53 19.09 -33.75
CA ILE A 315 15.91 17.78 -33.86
C ILE A 315 14.62 17.78 -33.06
N SER A 316 13.53 17.37 -33.70
CA SER A 316 12.23 17.33 -33.05
C SER A 316 11.56 15.98 -33.24
N ASP A 317 12.10 15.18 -34.16
CA ASP A 317 11.55 13.86 -34.44
C ASP A 317 12.37 12.84 -33.63
N TRP A 318 11.80 12.42 -32.50
CA TRP A 318 12.46 11.48 -31.60
C TRP A 318 12.82 10.15 -32.25
N ASN A 319 12.17 9.81 -33.36
CA ASN A 319 12.46 8.55 -34.02
C ASN A 319 13.73 8.62 -34.89
N LYS A 320 14.33 9.80 -34.96
CA LYS A 320 15.55 9.97 -35.74
C LYS A 320 16.77 9.81 -34.82
N LEU A 321 16.52 9.39 -33.59
CA LEU A 321 17.58 9.20 -32.60
C LEU A 321 17.65 7.75 -32.14
N PHE A 322 18.82 7.30 -31.69
CA PHE A 322 18.89 5.95 -31.14
C PHE A 322 18.63 6.12 -29.65
N TRP A 323 18.02 5.14 -29.02
CA TRP A 323 17.66 5.25 -27.61
C TRP A 323 18.32 4.33 -26.59
N VAL A 324 18.49 4.86 -25.38
CA VAL A 324 19.05 4.13 -24.25
C VAL A 324 18.29 4.58 -23.00
N VAL A 325 17.44 3.71 -22.45
CA VAL A 325 16.67 4.10 -21.29
C VAL A 325 16.88 3.17 -20.10
N HIS A 326 17.09 3.76 -18.92
CA HIS A 326 17.26 2.93 -17.74
C HIS A 326 15.98 2.12 -17.61
N PRO A 327 16.09 0.77 -17.67
CA PRO A 327 14.93 -0.11 -17.57
C PRO A 327 14.45 -0.30 -16.14
N GLY A 328 13.98 0.79 -15.54
CA GLY A 328 13.50 0.76 -14.17
C GLY A 328 12.41 -0.29 -14.01
N GLY A 329 11.55 -0.38 -15.01
CA GLY A 329 10.46 -1.34 -15.00
C GLY A 329 9.73 -1.34 -16.32
N ARG A 330 9.14 -2.48 -16.66
CA ARG A 330 8.40 -2.60 -17.92
C ARG A 330 7.44 -1.43 -18.14
N ALA A 331 6.68 -1.08 -17.10
CA ALA A 331 5.70 0.01 -17.20
C ALA A 331 6.33 1.35 -17.60
N ILE A 332 7.48 1.66 -17.02
CA ILE A 332 8.15 2.92 -17.36
C ILE A 332 8.50 2.99 -18.84
N LEU A 333 9.03 1.90 -19.37
CA LEU A 333 9.41 1.84 -20.78
C LEU A 333 8.18 1.96 -21.69
N ASP A 334 7.13 1.20 -21.37
CA ASP A 334 5.91 1.26 -22.17
C ASP A 334 5.34 2.66 -22.17
N ARG A 335 5.31 3.29 -21.00
CA ARG A 335 4.77 4.65 -20.87
C ARG A 335 5.58 5.70 -21.62
N VAL A 336 6.90 5.55 -21.62
CA VAL A 336 7.78 6.49 -22.32
C VAL A 336 7.64 6.30 -23.83
N GLU A 337 7.61 5.04 -24.25
CA GLU A 337 7.46 4.69 -25.65
C GLU A 337 6.15 5.26 -26.20
N ALA A 338 5.09 5.15 -25.42
CA ALA A 338 3.78 5.65 -25.84
C ALA A 338 3.71 7.18 -25.88
N LYS A 339 4.07 7.82 -24.77
CA LYS A 339 4.04 9.27 -24.68
C LYS A 339 4.83 9.97 -25.79
N LEU A 340 5.98 9.41 -26.16
CA LEU A 340 6.82 10.00 -27.19
C LEU A 340 6.61 9.44 -28.58
N ASN A 341 5.68 8.50 -28.73
CA ASN A 341 5.39 7.88 -30.01
C ASN A 341 6.59 7.27 -30.69
N LEU A 342 7.41 6.57 -29.91
CA LEU A 342 8.60 5.93 -30.45
C LEU A 342 8.13 4.66 -31.14
N ASP A 343 8.71 4.35 -32.29
CA ASP A 343 8.32 3.13 -32.98
C ASP A 343 8.93 1.99 -32.18
N PRO A 344 8.32 0.79 -32.23
CA PRO A 344 8.74 -0.43 -31.54
C PRO A 344 10.23 -0.81 -31.51
N THR A 345 11.01 -0.35 -32.48
CA THR A 345 12.42 -0.71 -32.52
C THR A 345 13.35 0.09 -31.61
N LYS A 346 12.93 1.30 -31.23
CA LYS A 346 13.79 2.15 -30.41
C LYS A 346 14.22 1.55 -29.08
N LEU A 347 13.28 0.91 -28.38
CA LEU A 347 13.60 0.32 -27.09
C LEU A 347 13.99 -1.14 -27.12
N ILE A 348 14.28 -1.67 -28.31
CA ILE A 348 14.66 -3.08 -28.39
C ILE A 348 15.93 -3.36 -27.57
N PRO A 349 17.00 -2.58 -27.78
CA PRO A 349 18.21 -2.84 -26.99
C PRO A 349 17.95 -2.74 -25.49
N THR A 350 17.17 -1.73 -25.08
CA THR A 350 16.85 -1.54 -23.67
C THR A 350 16.10 -2.74 -23.10
N ARG A 351 15.03 -3.16 -23.77
CA ARG A 351 14.24 -4.29 -23.30
C ARG A 351 15.04 -5.60 -23.33
N HIS A 352 15.93 -5.71 -24.30
CA HIS A 352 16.76 -6.90 -24.41
C HIS A 352 17.64 -7.05 -23.17
N VAL A 353 18.19 -5.94 -22.68
CA VAL A 353 19.03 -5.99 -21.49
C VAL A 353 18.19 -6.27 -20.22
N MET A 354 17.01 -5.67 -20.13
CA MET A 354 16.17 -5.87 -18.95
C MET A 354 15.72 -7.33 -18.86
N SER A 355 15.50 -7.95 -20.01
CA SER A 355 15.08 -9.33 -20.08
C SER A 355 16.18 -10.29 -19.65
N GLU A 356 17.41 -9.98 -20.06
CA GLU A 356 18.55 -10.84 -19.74
C GLU A 356 19.27 -10.54 -18.43
N TYR A 357 19.10 -9.34 -17.89
CA TYR A 357 19.80 -8.97 -16.65
C TYR A 357 18.94 -8.36 -15.57
N GLY A 358 17.74 -7.90 -15.94
CA GLY A 358 16.88 -7.27 -14.95
C GLY A 358 17.39 -5.88 -14.67
N ASN A 359 16.94 -5.30 -13.55
CA ASN A 359 17.34 -3.94 -13.18
C ASN A 359 18.62 -3.94 -12.35
N MET A 360 19.76 -3.74 -13.01
CA MET A 360 21.06 -3.69 -12.35
C MET A 360 21.41 -2.26 -11.93
N SER A 361 20.39 -1.46 -11.69
CA SER A 361 20.57 -0.07 -11.28
C SER A 361 21.46 0.73 -12.24
N SER A 362 22.42 1.48 -11.69
CA SER A 362 23.29 2.34 -12.50
C SER A 362 23.99 1.73 -13.70
N ALA A 363 24.36 0.46 -13.60
CA ALA A 363 25.05 -0.23 -14.68
C ALA A 363 24.23 -0.49 -15.94
N CYS A 364 22.91 -0.58 -15.79
CA CYS A 364 22.01 -0.85 -16.91
C CYS A 364 22.26 -0.12 -18.24
N VAL A 365 22.21 1.21 -18.21
CA VAL A 365 22.41 1.98 -19.44
C VAL A 365 23.74 1.69 -20.16
N HIS A 366 24.76 1.28 -19.42
CA HIS A 366 26.04 0.98 -20.05
C HIS A 366 25.96 -0.35 -20.80
N PHE A 367 25.27 -1.34 -20.21
CA PHE A 367 25.09 -2.63 -20.87
C PHE A 367 24.29 -2.37 -22.15
N ILE A 368 23.34 -1.44 -22.06
CA ILE A 368 22.50 -1.14 -23.21
C ILE A 368 23.32 -0.46 -24.31
N LEU A 369 24.25 0.40 -23.93
CA LEU A 369 25.12 1.06 -24.91
C LEU A 369 25.95 -0.01 -25.64
N ASP A 370 26.46 -0.98 -24.88
CA ASP A 370 27.27 -2.05 -25.45
C ASP A 370 26.41 -2.86 -26.42
N GLN A 371 25.20 -3.20 -25.99
CA GLN A 371 24.27 -3.96 -26.82
C GLN A 371 24.00 -3.18 -28.11
N THR A 372 23.78 -1.88 -27.98
CA THR A 372 23.52 -1.02 -29.14
C THR A 372 24.64 -1.03 -30.18
N ARG A 373 25.87 -0.77 -29.75
CA ARG A 373 26.99 -0.75 -30.69
C ARG A 373 27.21 -2.12 -31.32
N LYS A 374 27.10 -3.17 -30.51
CA LYS A 374 27.29 -4.53 -31.00
C LYS A 374 26.24 -4.92 -32.04
N ALA A 375 24.98 -4.59 -31.77
CA ALA A 375 23.92 -4.91 -32.71
C ALA A 375 24.09 -4.13 -34.01
N SER A 376 24.60 -2.91 -33.89
CA SER A 376 24.82 -2.05 -35.05
C SER A 376 25.88 -2.63 -36.00
N LEU A 377 26.99 -3.09 -35.42
CA LEU A 377 28.08 -3.68 -36.20
C LEU A 377 27.66 -4.99 -36.86
N GLN A 378 26.98 -5.83 -36.08
CA GLN A 378 26.55 -7.12 -36.55
C GLN A 378 25.39 -7.09 -37.54
N ASN A 379 24.68 -5.96 -37.60
CA ASN A 379 23.56 -5.83 -38.53
C ASN A 379 24.03 -5.03 -39.76
N GLY A 380 25.29 -4.62 -39.74
CA GLY A 380 25.83 -3.85 -40.86
C GLY A 380 25.36 -2.41 -40.94
N CYS A 381 25.10 -1.79 -39.79
CA CYS A 381 24.65 -0.40 -39.76
C CYS A 381 25.81 0.56 -40.07
N SER A 382 25.46 1.77 -40.52
CA SER A 382 26.48 2.76 -40.87
C SER A 382 27.09 3.49 -39.66
N THR A 383 26.49 3.32 -38.49
CA THR A 383 26.99 3.96 -37.27
C THR A 383 26.79 3.04 -36.07
N THR A 384 27.53 3.30 -35.00
CA THR A 384 27.43 2.51 -33.78
C THR A 384 26.09 2.74 -33.11
N GLY A 385 25.31 3.68 -33.66
CA GLY A 385 24.01 3.99 -33.12
C GLY A 385 22.89 3.58 -34.05
N GLU A 386 22.93 2.32 -34.48
CA GLU A 386 21.92 1.74 -35.38
C GLU A 386 21.73 2.55 -36.66
N GLY A 387 22.81 3.13 -37.16
CA GLY A 387 22.75 3.90 -38.40
C GLY A 387 22.36 5.36 -38.25
N LEU A 388 22.05 5.77 -37.01
CA LEU A 388 21.65 7.16 -36.76
C LEU A 388 22.80 7.95 -36.15
N GLU A 389 22.78 9.26 -36.32
CA GLU A 389 23.83 10.12 -35.81
C GLU A 389 23.69 10.47 -34.33
N MET A 390 22.53 11.01 -33.96
CA MET A 390 22.31 11.41 -32.57
C MET A 390 21.51 10.43 -31.75
N GLY A 391 21.76 10.44 -30.45
CA GLY A 391 21.04 9.54 -29.56
C GLY A 391 20.88 10.15 -28.18
N VAL A 392 20.01 9.54 -27.37
CA VAL A 392 19.76 10.02 -26.03
C VAL A 392 19.76 8.86 -25.03
N LEU A 393 20.34 9.11 -23.86
CA LEU A 393 20.41 8.10 -22.80
C LEU A 393 19.78 8.73 -21.56
N PHE A 394 18.86 8.00 -20.95
CA PHE A 394 18.17 8.47 -19.76
C PHE A 394 18.44 7.62 -18.53
N GLY A 395 18.65 8.29 -17.40
CA GLY A 395 18.83 7.60 -16.14
C GLY A 395 17.73 8.10 -15.22
N PHE A 396 17.04 7.20 -14.52
CA PHE A 396 15.96 7.59 -13.61
C PHE A 396 16.30 7.06 -12.22
N GLY A 397 15.92 7.79 -11.18
CA GLY A 397 16.20 7.34 -9.82
C GLY A 397 15.61 8.22 -8.74
N PRO A 398 16.04 8.03 -7.48
CA PRO A 398 15.56 8.82 -6.33
C PRO A 398 15.54 10.34 -6.58
N GLY A 399 14.45 10.99 -6.19
CA GLY A 399 14.36 12.43 -6.38
C GLY A 399 12.94 12.98 -6.45
N LEU A 400 12.18 12.63 -7.49
CA LEU A 400 12.63 11.76 -8.57
C LEU A 400 13.59 12.53 -9.49
N THR A 401 14.75 11.92 -9.75
CA THR A 401 15.78 12.52 -10.58
C THR A 401 15.86 11.94 -11.98
N ILE A 402 16.06 12.79 -12.97
CA ILE A 402 16.20 12.33 -14.35
C ILE A 402 17.50 12.86 -14.91
N GLU A 403 18.36 11.97 -15.40
CA GLU A 403 19.62 12.36 -15.99
C GLU A 403 19.46 12.26 -17.51
N THR A 404 19.82 13.34 -18.22
CA THR A 404 19.73 13.34 -19.67
C THR A 404 21.15 13.40 -20.26
N VAL A 405 21.44 12.51 -21.19
CA VAL A 405 22.74 12.47 -21.84
C VAL A 405 22.57 12.42 -23.35
N VAL A 406 23.09 13.42 -24.05
CA VAL A 406 23.00 13.44 -25.50
C VAL A 406 24.25 12.78 -26.07
N LEU A 407 24.04 11.78 -26.93
CA LEU A 407 25.15 11.06 -27.52
C LEU A 407 25.23 11.21 -29.03
N LYS A 408 26.42 11.05 -29.55
CA LYS A 408 26.65 11.08 -30.98
C LYS A 408 27.31 9.74 -31.26
N SER A 409 26.85 9.05 -32.29
CA SER A 409 27.40 7.76 -32.63
C SER A 409 28.71 7.94 -33.41
N VAL A 410 29.31 6.83 -33.84
CA VAL A 410 30.55 6.87 -34.60
C VAL A 410 30.35 6.10 -35.89
N PRO A 411 30.82 6.67 -37.02
CA PRO A 411 30.66 6.00 -38.31
C PRO A 411 31.36 4.63 -38.31
N ILE A 412 30.76 3.67 -38.99
CA ILE A 412 31.34 2.34 -39.09
C ILE A 412 31.76 2.12 -40.54
N PHE B 26 29.76 21.60 -34.88
CA PHE B 26 30.10 20.81 -33.65
C PHE B 26 31.38 21.29 -32.96
N GLU B 27 32.41 21.57 -33.75
CA GLU B 27 33.67 22.06 -33.20
C GLU B 27 33.38 23.41 -32.55
N GLY B 28 32.52 24.19 -33.19
CA GLY B 28 32.16 25.49 -32.66
C GLY B 28 31.31 25.30 -31.42
N PHE B 29 30.56 24.19 -31.40
CA PHE B 29 29.70 23.87 -30.27
C PHE B 29 30.52 23.60 -29.01
N ARG B 30 31.59 22.82 -29.15
CA ARG B 30 32.45 22.48 -28.03
C ARG B 30 33.10 23.76 -27.47
N LYS B 31 33.58 24.62 -28.37
CA LYS B 31 34.22 25.87 -27.97
C LYS B 31 33.28 26.77 -27.17
N LEU B 32 32.02 26.84 -27.61
CA LEU B 32 31.02 27.65 -26.96
C LEU B 32 30.52 27.01 -25.66
N GLN B 33 30.57 25.68 -25.61
CA GLN B 33 30.13 24.93 -24.45
C GLN B 33 31.04 25.12 -23.23
N ARG B 34 32.34 25.27 -23.47
CA ARG B 34 33.30 25.44 -22.38
C ARG B 34 33.57 26.88 -21.97
N ALA B 35 34.24 27.04 -20.82
CA ALA B 35 34.59 28.36 -20.30
C ALA B 35 36.02 28.72 -20.69
N ASP B 36 36.33 30.02 -20.61
CA ASP B 36 37.64 30.53 -21.01
C ASP B 36 38.82 30.44 -20.03
N GLY B 37 38.63 30.95 -18.81
CA GLY B 37 39.73 30.97 -17.85
C GLY B 37 39.72 29.95 -16.72
N PHE B 38 40.49 30.24 -15.68
CA PHE B 38 40.60 29.36 -14.52
C PHE B 38 39.38 29.40 -13.60
N ALA B 39 39.09 28.27 -12.99
CA ALA B 39 38.00 28.17 -12.02
C ALA B 39 38.46 29.06 -10.87
N SER B 40 37.59 29.94 -10.41
CA SER B 40 37.95 30.84 -9.33
C SER B 40 36.96 30.76 -8.18
N ILE B 41 37.44 30.97 -6.96
CA ILE B 41 36.56 30.95 -5.81
C ILE B 41 36.02 32.37 -5.72
N LEU B 42 34.70 32.51 -5.85
CA LEU B 42 34.05 33.82 -5.83
C LEU B 42 33.39 34.17 -4.51
N ALA B 43 33.34 33.21 -3.59
CA ALA B 43 32.72 33.44 -2.29
C ALA B 43 33.00 32.26 -1.37
N ILE B 44 33.08 32.54 -0.07
CA ILE B 44 33.29 31.50 0.93
C ILE B 44 32.40 31.77 2.13
N GLY B 45 31.61 30.78 2.52
CA GLY B 45 30.73 30.93 3.67
C GLY B 45 30.94 29.75 4.60
N THR B 46 30.76 29.96 5.90
CA THR B 46 30.94 28.89 6.88
C THR B 46 29.88 28.95 7.98
N ALA B 47 29.69 27.82 8.65
CA ALA B 47 28.71 27.72 9.73
C ALA B 47 29.07 26.60 10.71
N ASN B 48 28.62 26.74 11.96
CA ASN B 48 28.88 25.73 12.99
C ASN B 48 27.68 25.65 13.94
N PRO B 49 27.54 24.50 14.63
CA PRO B 49 26.41 24.41 15.55
C PRO B 49 26.62 25.49 16.62
N PRO B 50 25.53 25.94 17.26
CA PRO B 50 25.63 26.99 18.28
C PRO B 50 26.39 26.62 19.56
N ASN B 51 26.39 25.35 19.93
CA ASN B 51 27.06 24.90 21.16
C ASN B 51 28.58 24.83 21.08
N ALA B 52 29.26 25.77 21.74
CA ALA B 52 30.71 25.78 21.76
C ALA B 52 31.17 24.91 22.93
N VAL B 53 32.00 23.91 22.62
CA VAL B 53 32.52 23.00 23.63
C VAL B 53 33.97 23.29 24.00
N ASP B 54 34.17 23.76 25.22
CA ASP B 54 35.49 24.10 25.73
C ASP B 54 36.34 22.84 25.88
N GLN B 55 37.53 22.85 25.30
CA GLN B 55 38.40 21.70 25.36
C GLN B 55 38.98 21.45 26.76
N SER B 56 39.24 22.54 27.49
CA SER B 56 39.82 22.44 28.83
C SER B 56 38.97 21.66 29.82
N THR B 57 37.67 21.58 29.56
CA THR B 57 36.78 20.85 30.45
C THR B 57 36.11 19.64 29.82
N TYR B 58 36.47 19.33 28.58
CA TYR B 58 35.86 18.20 27.87
C TYR B 58 36.09 16.83 28.50
N PRO B 59 37.31 16.54 28.97
CA PRO B 59 37.54 15.23 29.58
C PRO B 59 36.53 14.86 30.68
N ASP B 60 36.25 15.78 31.60
CA ASP B 60 35.30 15.51 32.67
C ASP B 60 33.88 15.32 32.12
N PHE B 61 33.48 16.21 31.22
CA PHE B 61 32.14 16.11 30.63
C PHE B 61 31.99 14.80 29.87
N TYR B 62 32.93 14.56 28.96
CA TYR B 62 32.93 13.36 28.12
C TYR B 62 32.91 12.05 28.90
N PHE B 63 33.78 11.93 29.89
CA PHE B 63 33.79 10.70 30.68
C PHE B 63 32.58 10.59 31.59
N ARG B 64 31.97 11.72 31.92
CA ARG B 64 30.79 11.71 32.78
C ARG B 64 29.58 11.27 31.95
N ILE B 65 29.28 12.04 30.91
CA ILE B 65 28.14 11.76 30.05
C ILE B 65 28.12 10.32 29.52
N THR B 66 29.30 9.69 29.44
CA THR B 66 29.39 8.31 28.94
C THR B 66 29.54 7.29 30.07
N GLY B 67 29.51 7.77 31.30
CA GLY B 67 29.63 6.88 32.46
C GLY B 67 30.95 6.16 32.55
N ASN B 68 32.04 6.90 32.35
CA ASN B 68 33.38 6.32 32.39
C ASN B 68 34.26 6.98 33.46
N GLU B 69 33.63 7.69 34.39
CA GLU B 69 34.36 8.38 35.45
C GLU B 69 35.24 7.45 36.29
N HIS B 70 34.88 6.16 36.33
CA HIS B 70 35.64 5.19 37.11
C HIS B 70 36.91 4.68 36.41
N ASN B 71 36.99 4.89 35.10
CA ASN B 71 38.16 4.44 34.33
C ASN B 71 39.20 5.56 34.37
N THR B 72 39.86 5.68 35.53
CA THR B 72 40.87 6.70 35.78
C THR B 72 42.07 6.73 34.82
N GLU B 73 42.64 5.57 34.51
CA GLU B 73 43.79 5.54 33.60
C GLU B 73 43.38 5.99 32.20
N LEU B 74 42.25 5.48 31.73
CA LEU B 74 41.74 5.85 30.41
C LEU B 74 41.45 7.35 30.41
N LYS B 75 40.88 7.85 31.51
CA LYS B 75 40.57 9.26 31.60
C LYS B 75 41.83 10.13 31.57
N ASP B 76 42.85 9.74 32.34
CA ASP B 76 44.10 10.49 32.37
C ASP B 76 44.75 10.51 30.98
N LYS B 77 44.63 9.40 30.27
CA LYS B 77 45.18 9.29 28.92
C LYS B 77 44.46 10.30 28.02
N PHE B 78 43.13 10.37 28.14
CA PHE B 78 42.34 11.29 27.33
C PHE B 78 42.67 12.73 27.68
N LYS B 79 42.82 13.03 28.97
CA LYS B 79 43.15 14.38 29.40
C LYS B 79 44.40 14.93 28.70
N ARG B 80 45.47 14.14 28.69
CA ARG B 80 46.70 14.59 28.06
C ARG B 80 46.51 14.79 26.56
N ILE B 81 45.73 13.92 25.93
CA ILE B 81 45.48 14.07 24.49
C ILE B 81 44.80 15.43 24.27
N CYS B 82 43.77 15.72 25.05
CA CYS B 82 43.08 17.01 24.91
C CYS B 82 43.99 18.18 25.19
N GLU B 83 44.84 18.04 26.21
CA GLU B 83 45.76 19.10 26.61
C GLU B 83 46.86 19.37 25.60
N ARG B 84 47.17 18.39 24.77
CA ARG B 84 48.22 18.56 23.76
C ARG B 84 47.63 18.73 22.35
N SER B 85 46.30 18.74 22.24
CA SER B 85 45.63 18.84 20.95
C SER B 85 45.78 20.17 20.22
N ALA B 86 46.11 21.22 20.97
CA ALA B 86 46.25 22.55 20.38
C ALA B 86 44.87 22.99 19.86
N ILE B 87 43.84 22.47 20.50
CA ILE B 87 42.47 22.80 20.15
C ILE B 87 41.86 23.43 21.40
N LYS B 88 41.41 24.68 21.29
CA LYS B 88 40.82 25.37 22.42
C LYS B 88 39.34 25.04 22.56
N GLN B 89 38.64 24.97 21.44
CA GLN B 89 37.21 24.65 21.47
C GLN B 89 36.74 23.99 20.18
N ARG B 90 35.52 23.45 20.26
CA ARG B 90 34.87 22.80 19.13
C ARG B 90 33.38 23.06 19.24
N TYR B 91 32.73 23.25 18.10
CA TYR B 91 31.28 23.45 18.10
C TYR B 91 30.68 22.07 17.88
N MET B 92 29.66 21.73 18.67
CA MET B 92 29.06 20.41 18.53
C MET B 92 27.55 20.42 18.53
N TYR B 93 26.98 19.71 17.56
CA TYR B 93 25.54 19.57 17.45
C TYR B 93 25.05 18.80 18.68
N LEU B 94 25.86 17.85 19.13
CA LEU B 94 25.50 17.03 20.28
C LEU B 94 25.68 17.79 21.60
N THR B 95 24.56 18.04 22.27
CA THR B 95 24.56 18.73 23.54
C THR B 95 24.26 17.70 24.63
N GLU B 96 24.41 18.08 25.88
CA GLU B 96 24.15 17.14 26.97
C GLU B 96 22.69 16.69 26.90
N GLU B 97 21.80 17.62 26.56
CA GLU B 97 20.38 17.32 26.48
C GLU B 97 20.08 16.24 25.43
N ILE B 98 20.64 16.40 24.23
CA ILE B 98 20.42 15.43 23.17
C ILE B 98 21.04 14.08 23.53
N LEU B 99 22.21 14.11 24.17
CA LEU B 99 22.87 12.87 24.56
C LEU B 99 22.08 12.14 25.64
N LYS B 100 21.40 12.89 26.51
CA LYS B 100 20.59 12.27 27.55
C LYS B 100 19.37 11.60 26.93
N LYS B 101 18.89 12.17 25.83
CA LYS B 101 17.72 11.62 25.14
C LYS B 101 18.12 10.52 24.17
N ASN B 102 19.41 10.20 24.11
CA ASN B 102 19.91 9.17 23.22
C ASN B 102 21.07 8.40 23.86
N PRO B 103 20.81 7.71 24.99
CA PRO B 103 21.85 6.95 25.67
C PRO B 103 22.59 5.94 24.78
N ASP B 104 21.91 5.47 23.74
CA ASP B 104 22.52 4.52 22.81
C ASP B 104 23.76 5.12 22.15
N VAL B 105 23.76 6.45 21.99
CA VAL B 105 24.88 7.17 21.38
C VAL B 105 26.08 7.28 22.32
N CYS B 106 25.83 7.28 23.63
CA CYS B 106 26.92 7.40 24.61
C CYS B 106 27.66 6.09 24.83
N ALA B 107 27.06 4.98 24.38
CA ALA B 107 27.69 3.68 24.54
C ALA B 107 28.85 3.59 23.55
N PHE B 108 29.65 2.52 23.66
CA PHE B 108 30.75 2.34 22.74
C PHE B 108 30.24 1.48 21.58
N VAL B 109 29.98 0.20 21.87
CA VAL B 109 29.48 -0.72 20.85
C VAL B 109 28.60 -1.80 21.49
N GLU B 110 28.14 -1.55 22.71
CA GLU B 110 27.31 -2.54 23.41
C GLU B 110 25.90 -2.59 22.85
N VAL B 111 25.50 -1.51 22.18
CA VAL B 111 24.16 -1.45 21.60
C VAL B 111 24.19 -0.69 20.28
N PRO B 112 23.33 -1.09 19.35
CA PRO B 112 23.24 -0.44 18.03
C PRO B 112 22.87 1.02 18.23
N SER B 113 23.32 1.90 17.33
CA SER B 113 22.97 3.30 17.44
C SER B 113 22.90 3.96 16.07
N LEU B 114 23.12 3.19 15.01
CA LEU B 114 23.08 3.75 13.66
C LEU B 114 21.78 4.48 13.35
N ASP B 115 20.64 3.82 13.52
CA ASP B 115 19.34 4.43 13.22
C ASP B 115 19.13 5.77 13.92
N ALA B 116 19.49 5.85 15.21
CA ALA B 116 19.33 7.11 15.93
C ALA B 116 20.22 8.18 15.30
N ARG B 117 21.43 7.80 14.91
CA ARG B 117 22.38 8.73 14.30
C ARG B 117 21.91 9.22 12.93
N GLN B 118 21.36 8.31 12.13
CA GLN B 118 20.89 8.67 10.79
C GLN B 118 19.84 9.79 10.87
N ALA B 119 18.96 9.69 11.86
CA ALA B 119 17.90 10.68 12.04
C ALA B 119 18.50 12.04 12.35
N MET B 120 19.54 12.06 13.19
CA MET B 120 20.21 13.30 13.56
C MET B 120 20.86 13.91 12.32
N LEU B 121 21.54 13.07 11.55
CA LEU B 121 22.22 13.51 10.34
C LEU B 121 21.28 14.07 9.29
N ALA B 122 20.12 13.42 9.14
CA ALA B 122 19.12 13.85 8.17
C ALA B 122 18.71 15.29 8.46
N MET B 123 18.83 15.69 9.72
CA MET B 123 18.47 17.03 10.15
C MET B 123 19.63 18.01 10.13
N GLU B 124 20.68 17.67 10.87
CA GLU B 124 21.85 18.52 11.04
C GLU B 124 22.75 18.82 9.85
N VAL B 125 23.07 17.81 9.05
CA VAL B 125 23.95 18.05 7.92
C VAL B 125 23.39 19.11 6.97
N PRO B 126 22.13 18.98 6.54
CA PRO B 126 21.53 19.97 5.64
C PRO B 126 21.34 21.34 6.31
N ARG B 127 21.04 21.34 7.61
CA ARG B 127 20.85 22.59 8.33
C ARG B 127 22.15 23.41 8.31
N LEU B 128 23.26 22.76 8.61
CA LEU B 128 24.55 23.46 8.61
C LEU B 128 24.92 23.83 7.19
N ALA B 129 24.65 22.93 6.26
CA ALA B 129 24.94 23.18 4.85
C ALA B 129 24.24 24.44 4.34
N LYS B 130 22.94 24.54 4.60
CA LYS B 130 22.17 25.71 4.16
C LYS B 130 22.69 27.00 4.77
N GLU B 131 23.03 26.97 6.07
CA GLU B 131 23.53 28.17 6.72
C GLU B 131 24.79 28.69 6.04
N ALA B 132 25.75 27.81 5.82
CA ALA B 132 27.00 28.21 5.17
C ALA B 132 26.75 28.66 3.73
N ALA B 133 25.89 27.93 3.02
CA ALA B 133 25.57 28.27 1.64
C ALA B 133 24.90 29.63 1.52
N GLU B 134 23.94 29.92 2.41
CA GLU B 134 23.26 31.22 2.35
C GLU B 134 24.28 32.34 2.53
N LYS B 135 25.25 32.13 3.41
CA LYS B 135 26.27 33.13 3.64
C LYS B 135 27.16 33.36 2.43
N ALA B 136 27.57 32.28 1.77
CA ALA B 136 28.41 32.40 0.58
C ALA B 136 27.63 33.08 -0.55
N ILE B 137 26.38 32.66 -0.72
CA ILE B 137 25.53 33.24 -1.75
C ILE B 137 25.37 34.75 -1.51
N GLN B 138 25.23 35.12 -0.24
CA GLN B 138 25.08 36.52 0.12
C GLN B 138 26.35 37.26 -0.26
N GLU B 139 27.52 36.67 0.00
CA GLU B 139 28.78 37.31 -0.36
C GLU B 139 28.89 37.43 -1.89
N TRP B 140 28.58 36.32 -2.57
CA TRP B 140 28.63 36.27 -4.04
C TRP B 140 27.84 37.46 -4.58
N GLY B 141 26.68 37.70 -3.98
CA GLY B 141 25.86 38.83 -4.37
C GLY B 141 24.97 38.66 -5.59
N GLN B 142 24.96 37.48 -6.18
CA GLN B 142 24.14 37.25 -7.37
C GLN B 142 22.93 36.37 -7.04
N SER B 143 22.00 36.26 -7.98
CA SER B 143 20.81 35.44 -7.76
C SER B 143 21.22 33.98 -7.66
N LYS B 144 20.49 33.20 -6.86
CA LYS B 144 20.82 31.79 -6.74
C LYS B 144 20.33 31.05 -7.99
N SER B 145 19.55 31.75 -8.83
CA SER B 145 19.05 31.14 -10.06
C SER B 145 20.21 30.92 -11.04
N GLY B 146 21.35 31.57 -10.78
CA GLY B 146 22.51 31.41 -11.63
C GLY B 146 23.37 30.23 -11.26
N ILE B 147 23.07 29.60 -10.13
CA ILE B 147 23.81 28.42 -9.69
C ILE B 147 23.39 27.28 -10.61
N THR B 148 24.37 26.69 -11.30
CA THR B 148 24.12 25.62 -12.25
C THR B 148 24.50 24.23 -11.76
N HIS B 149 25.42 24.17 -10.80
CA HIS B 149 25.89 22.91 -10.27
C HIS B 149 26.04 22.96 -8.76
N LEU B 150 25.89 21.80 -8.14
CA LEU B 150 26.07 21.67 -6.72
C LEU B 150 26.92 20.45 -6.42
N ILE B 151 28.03 20.65 -5.71
CA ILE B 151 28.89 19.55 -5.31
C ILE B 151 28.73 19.55 -3.79
N PHE B 152 28.15 18.48 -3.26
CA PHE B 152 27.92 18.38 -1.81
C PHE B 152 28.66 17.23 -1.17
N CYS B 153 29.39 17.55 -0.10
CA CYS B 153 30.19 16.55 0.59
C CYS B 153 29.94 16.38 2.09
N SER B 154 29.84 15.13 2.53
CA SER B 154 29.68 14.83 3.95
C SER B 154 30.23 13.42 4.15
N THR B 155 30.86 13.18 5.28
CA THR B 155 31.43 11.87 5.57
C THR B 155 30.45 10.74 5.27
N THR B 156 29.18 10.94 5.61
CA THR B 156 28.14 9.94 5.31
C THR B 156 26.82 10.64 5.01
N THR B 157 25.88 9.89 4.44
CA THR B 157 24.57 10.42 4.16
C THR B 157 23.64 9.26 4.49
N PRO B 158 22.53 9.53 5.19
CA PRO B 158 21.60 8.48 5.59
C PRO B 158 20.72 7.78 4.59
N ASP B 159 20.29 8.47 3.54
CA ASP B 159 19.38 7.84 2.59
C ASP B 159 19.71 8.11 1.12
N LEU B 160 18.74 7.79 0.27
CA LEU B 160 18.79 8.06 -1.15
C LEU B 160 17.43 8.73 -1.37
N PRO B 161 17.42 9.95 -1.93
CA PRO B 161 18.56 10.75 -2.39
C PRO B 161 19.55 11.07 -1.28
N GLY B 162 20.76 11.46 -1.67
CA GLY B 162 21.77 11.83 -0.70
C GLY B 162 21.38 13.21 -0.18
N ALA B 163 22.17 13.73 0.76
CA ALA B 163 21.90 15.04 1.35
C ALA B 163 21.98 16.18 0.34
N ASP B 164 22.63 15.94 -0.79
CA ASP B 164 22.73 16.99 -1.81
C ASP B 164 21.33 17.42 -2.24
N PHE B 165 20.44 16.43 -2.35
CA PHE B 165 19.06 16.69 -2.74
C PHE B 165 18.36 17.61 -1.75
N GLU B 166 18.41 17.21 -0.48
CA GLU B 166 17.79 17.96 0.60
C GLU B 166 18.29 19.41 0.69
N VAL B 167 19.60 19.59 0.55
CA VAL B 167 20.18 20.93 0.63
C VAL B 167 19.71 21.81 -0.52
N ALA B 168 19.71 21.26 -1.73
CA ALA B 168 19.25 22.00 -2.91
C ALA B 168 17.83 22.48 -2.66
N LYS B 169 17.01 21.61 -2.08
CA LYS B 169 15.62 21.93 -1.78
C LYS B 169 15.52 23.07 -0.76
N LEU B 170 16.26 22.95 0.34
CA LEU B 170 16.25 23.97 1.38
C LEU B 170 16.72 25.34 0.88
N LEU B 171 17.63 25.33 -0.08
CA LEU B 171 18.15 26.58 -0.62
C LEU B 171 17.29 27.12 -1.75
N GLY B 172 16.30 26.33 -2.17
CA GLY B 172 15.42 26.75 -3.24
C GLY B 172 16.11 26.84 -4.59
N LEU B 173 17.02 25.92 -4.86
CA LEU B 173 17.74 25.91 -6.13
C LEU B 173 16.84 25.42 -7.26
N HIS B 174 17.15 25.81 -8.49
CA HIS B 174 16.37 25.37 -9.63
C HIS B 174 16.45 23.85 -9.69
N PRO B 175 15.37 23.20 -10.14
CA PRO B 175 15.30 21.73 -10.25
C PRO B 175 16.36 21.14 -11.18
N SER B 176 16.83 21.95 -12.12
CA SER B 176 17.82 21.49 -13.09
C SER B 176 19.27 21.72 -12.69
N VAL B 177 19.51 22.03 -11.43
CA VAL B 177 20.89 22.22 -10.99
C VAL B 177 21.47 20.82 -10.96
N LYS B 178 22.65 20.66 -11.57
CA LYS B 178 23.30 19.36 -11.65
C LYS B 178 24.03 19.07 -10.35
N ARG B 179 23.63 17.98 -9.69
CA ARG B 179 24.20 17.61 -8.41
C ARG B 179 25.15 16.43 -8.40
N VAL B 180 26.13 16.51 -7.52
CA VAL B 180 27.10 15.44 -7.33
C VAL B 180 27.33 15.33 -5.81
N GLY B 181 27.03 14.16 -5.26
CA GLY B 181 27.22 13.94 -3.84
C GLY B 181 28.54 13.21 -3.60
N VAL B 182 29.33 13.71 -2.64
CA VAL B 182 30.62 13.12 -2.33
C VAL B 182 30.56 12.55 -0.90
N PHE B 183 30.27 11.26 -0.80
CA PHE B 183 30.13 10.61 0.50
C PHE B 183 31.20 9.55 0.79
N GLN B 184 31.49 9.42 2.08
CA GLN B 184 32.47 8.46 2.58
C GLN B 184 33.87 8.59 1.98
N HIS B 185 34.26 9.82 1.69
CA HIS B 185 35.60 10.10 1.18
C HIS B 185 36.41 10.47 2.42
N GLY B 186 35.84 11.34 3.24
CA GLY B 186 36.52 11.71 4.47
C GLY B 186 37.21 13.05 4.52
N CYS B 187 38.17 13.15 5.42
CA CYS B 187 38.89 14.39 5.66
C CYS B 187 39.64 15.00 4.51
N PHE B 188 39.99 14.23 3.50
CA PHE B 188 40.72 14.80 2.37
C PHE B 188 39.78 15.43 1.34
N ALA B 189 38.48 15.19 1.50
CA ALA B 189 37.47 15.67 0.55
C ALA B 189 37.38 17.19 0.35
N GLY B 190 37.94 17.96 1.28
CA GLY B 190 37.94 19.41 1.13
C GLY B 190 38.76 19.76 -0.11
N GLY B 191 39.72 18.88 -0.41
CA GLY B 191 40.54 19.09 -1.59
C GLY B 191 39.83 18.50 -2.79
N THR B 192 39.24 17.33 -2.59
CA THR B 192 38.50 16.62 -3.63
C THR B 192 37.45 17.48 -4.32
N VAL B 193 36.65 18.20 -3.53
CA VAL B 193 35.60 19.03 -4.11
C VAL B 193 36.14 20.19 -4.94
N LEU B 194 37.33 20.68 -4.60
CA LEU B 194 37.91 21.78 -5.37
C LEU B 194 38.43 21.22 -6.69
N ARG B 195 38.95 19.99 -6.66
CA ARG B 195 39.47 19.34 -7.85
C ARG B 195 38.32 19.08 -8.81
N MET B 196 37.17 18.68 -8.26
CA MET B 196 35.98 18.41 -9.06
C MET B 196 35.37 19.72 -9.57
N ALA B 197 35.30 20.72 -8.70
CA ALA B 197 34.71 22.00 -9.06
C ALA B 197 35.49 22.68 -10.19
N LYS B 198 36.80 22.47 -10.23
CA LYS B 198 37.62 23.06 -11.27
C LYS B 198 37.20 22.57 -12.65
N ASP B 199 36.99 21.27 -12.81
CA ASP B 199 36.60 20.74 -14.11
C ASP B 199 35.18 21.16 -14.48
N LEU B 200 34.27 21.12 -13.51
CA LEU B 200 32.89 21.51 -13.74
C LEU B 200 32.80 22.98 -14.18
N ALA B 201 33.55 23.86 -13.51
CA ALA B 201 33.52 25.29 -13.83
C ALA B 201 34.21 25.63 -15.14
N GLU B 202 35.37 25.02 -15.38
CA GLU B 202 36.13 25.31 -16.59
C GLU B 202 35.55 24.69 -17.87
N ASN B 203 34.86 23.56 -17.75
CA ASN B 203 34.33 22.91 -18.95
C ASN B 203 32.91 23.34 -19.29
N ASN B 204 32.36 24.27 -18.52
CA ASN B 204 30.99 24.72 -18.75
C ASN B 204 30.87 26.24 -18.68
N ARG B 205 30.84 26.89 -19.84
CA ARG B 205 30.72 28.34 -19.92
C ARG B 205 29.54 28.85 -19.11
N GLY B 206 29.80 29.86 -18.26
CA GLY B 206 28.75 30.45 -17.45
C GLY B 206 28.40 29.68 -16.19
N ALA B 207 28.99 28.51 -16.02
CA ALA B 207 28.70 27.69 -14.85
C ALA B 207 29.18 28.29 -13.54
N ARG B 208 28.31 28.22 -12.54
CA ARG B 208 28.59 28.71 -11.21
C ARG B 208 28.30 27.55 -10.27
N VAL B 209 29.36 27.00 -9.67
CA VAL B 209 29.22 25.82 -8.83
C VAL B 209 29.19 26.10 -7.33
N LEU B 210 28.13 25.65 -6.68
CA LEU B 210 28.00 25.79 -5.25
C LEU B 210 28.66 24.52 -4.69
N VAL B 211 29.70 24.71 -3.90
CA VAL B 211 30.44 23.60 -3.31
C VAL B 211 30.21 23.64 -1.81
N ILE B 212 29.73 22.53 -1.25
CA ILE B 212 29.44 22.48 0.17
C ILE B 212 29.98 21.25 0.89
N CYS B 213 30.58 21.48 2.07
CA CYS B 213 31.11 20.42 2.93
C CYS B 213 30.40 20.63 4.27
N SER B 214 29.70 19.60 4.73
CA SER B 214 28.97 19.69 6.00
C SER B 214 29.27 18.44 6.82
N GLU B 215 29.91 18.64 7.96
CA GLU B 215 30.33 17.54 8.82
C GLU B 215 29.84 17.70 10.27
N THR B 216 29.53 16.58 10.91
CA THR B 216 29.09 16.60 12.30
C THR B 216 29.43 15.29 13.03
N THR B 217 29.90 15.41 14.27
CA THR B 217 30.27 14.24 15.06
C THR B 217 29.09 13.40 15.53
N ALA B 218 27.88 13.80 15.13
CA ALA B 218 26.71 13.03 15.50
C ALA B 218 26.91 11.60 15.03
N VAL B 219 27.64 11.44 13.92
CA VAL B 219 27.86 10.11 13.39
C VAL B 219 29.07 9.38 13.97
N THR B 220 30.00 10.11 14.58
CA THR B 220 31.21 9.50 15.12
C THR B 220 31.31 9.44 16.64
N PHE B 221 30.60 10.32 17.33
CA PHE B 221 30.67 10.36 18.79
C PHE B 221 30.22 9.07 19.47
N ARG B 222 31.02 8.60 20.41
CA ARG B 222 30.69 7.40 21.18
C ARG B 222 31.58 7.37 22.42
N GLY B 223 31.31 6.45 23.33
CA GLY B 223 32.12 6.38 24.55
C GLY B 223 33.53 5.86 24.31
N PRO B 224 34.48 6.21 25.18
CA PRO B 224 35.88 5.77 25.07
C PRO B 224 36.01 4.27 25.34
N SER B 225 37.08 3.65 24.85
CA SER B 225 37.27 2.22 25.05
C SER B 225 38.73 1.80 25.12
N GLU B 226 39.11 1.17 26.23
CA GLU B 226 40.47 0.71 26.42
C GLU B 226 40.89 -0.25 25.31
N THR B 227 39.93 -1.03 24.82
CA THR B 227 40.20 -1.99 23.76
C THR B 227 40.34 -1.35 22.38
N HIS B 228 40.04 -0.06 22.28
CA HIS B 228 40.14 0.65 21.02
C HIS B 228 40.72 2.05 21.18
N LEU B 229 41.96 2.10 21.66
CA LEU B 229 42.64 3.37 21.88
C LEU B 229 42.87 4.11 20.57
N ASP B 230 42.94 3.37 19.46
CA ASP B 230 43.12 3.97 18.14
C ASP B 230 41.88 4.78 17.75
N SER B 231 40.86 4.75 18.60
CA SER B 231 39.61 5.46 18.36
C SER B 231 39.39 6.56 19.39
N LEU B 232 40.32 6.70 20.33
CA LEU B 232 40.19 7.69 21.38
C LEU B 232 40.56 9.12 20.96
N VAL B 233 41.67 9.26 20.26
CA VAL B 233 42.12 10.59 19.81
C VAL B 233 41.04 11.34 19.02
N GLY B 234 40.30 10.60 18.21
CA GLY B 234 39.25 11.21 17.40
C GLY B 234 38.21 11.93 18.23
N GLN B 235 37.87 11.36 19.38
CA GLN B 235 36.88 11.97 20.25
C GLN B 235 37.35 13.31 20.80
N ALA B 236 38.66 13.53 20.81
CA ALA B 236 39.22 14.78 21.30
C ALA B 236 39.41 15.82 20.19
N LEU B 237 39.52 15.36 18.95
CA LEU B 237 39.78 16.29 17.85
C LEU B 237 38.62 16.66 16.92
N PHE B 238 37.76 15.71 16.61
CA PHE B 238 36.67 15.99 15.68
C PHE B 238 35.64 16.99 16.16
N GLY B 239 35.30 17.93 15.27
CA GLY B 239 34.32 18.96 15.57
C GLY B 239 33.31 19.08 14.44
N ASP B 240 32.34 19.98 14.59
CA ASP B 240 31.29 20.16 13.58
C ASP B 240 31.41 21.46 12.81
N GLY B 241 30.93 21.46 11.56
CA GLY B 241 30.97 22.67 10.77
C GLY B 241 30.65 22.41 9.31
N ALA B 242 30.34 23.50 8.60
CA ALA B 242 30.04 23.40 7.19
C ALA B 242 30.65 24.60 6.48
N SER B 243 31.09 24.36 5.26
CA SER B 243 31.70 25.40 4.44
C SER B 243 30.95 25.41 3.12
N ALA B 244 30.95 26.56 2.46
CA ALA B 244 30.30 26.72 1.17
C ALA B 244 31.11 27.67 0.31
N LEU B 245 31.29 27.29 -0.95
CA LEU B 245 32.01 28.16 -1.87
C LEU B 245 31.21 28.30 -3.15
N ILE B 246 31.52 29.35 -3.90
CA ILE B 246 30.91 29.58 -5.20
C ILE B 246 32.14 29.55 -6.12
N VAL B 247 32.20 28.57 -6.99
CA VAL B 247 33.31 28.44 -7.92
C VAL B 247 32.83 28.67 -9.34
N GLY B 248 33.57 29.47 -10.10
CA GLY B 248 33.20 29.75 -11.46
C GLY B 248 34.35 30.32 -12.25
N ALA B 249 34.36 30.07 -13.55
CA ALA B 249 35.41 30.62 -14.40
C ALA B 249 34.84 31.89 -15.04
N ASP B 250 35.73 32.76 -15.51
CA ASP B 250 35.34 34.01 -16.16
C ASP B 250 34.45 34.90 -15.27
N PRO B 251 34.97 35.34 -14.11
CA PRO B 251 34.15 36.20 -13.24
C PRO B 251 33.77 37.51 -13.94
N ILE B 252 32.52 37.91 -13.80
CA ILE B 252 32.04 39.14 -14.42
C ILE B 252 32.76 40.33 -13.81
N PRO B 253 33.44 41.14 -14.65
CA PRO B 253 34.17 42.31 -14.15
C PRO B 253 33.28 43.29 -13.39
N GLN B 254 33.83 43.83 -12.30
CA GLN B 254 33.11 44.79 -11.47
C GLN B 254 31.84 44.23 -10.84
N VAL B 255 31.55 42.96 -11.09
CA VAL B 255 30.35 42.33 -10.53
C VAL B 255 30.73 41.24 -9.53
N GLU B 256 31.40 40.20 -10.03
CA GLU B 256 31.84 39.12 -9.17
C GLU B 256 33.28 39.41 -8.76
N LYS B 257 33.74 38.79 -7.68
CA LYS B 257 35.09 39.01 -7.21
C LYS B 257 35.72 37.73 -6.71
N ALA B 258 36.79 37.30 -7.36
CA ALA B 258 37.49 36.09 -6.98
C ALA B 258 38.53 36.38 -5.91
N CYS B 259 38.84 35.36 -5.12
CA CYS B 259 39.86 35.51 -4.08
C CYS B 259 40.97 34.49 -4.32
N PHE B 260 40.67 33.49 -5.15
CA PHE B 260 41.64 32.44 -5.48
C PHE B 260 41.28 31.74 -6.79
N GLU B 261 42.30 31.25 -7.49
CA GLU B 261 42.10 30.49 -8.72
C GLU B 261 42.58 29.06 -8.46
N ILE B 262 41.86 28.08 -8.98
CA ILE B 262 42.23 26.68 -8.81
C ILE B 262 43.01 26.29 -10.06
N VAL B 263 44.33 26.34 -9.93
CA VAL B 263 45.25 26.09 -11.04
C VAL B 263 45.56 24.65 -11.46
N TRP B 264 45.92 23.81 -10.50
CA TRP B 264 46.34 22.44 -10.78
C TRP B 264 46.02 21.60 -9.56
N THR B 265 45.67 20.33 -9.78
CA THR B 265 45.35 19.45 -8.67
C THR B 265 45.95 18.07 -8.87
N ALA B 266 46.03 17.32 -7.79
CA ALA B 266 46.55 15.96 -7.84
C ALA B 266 46.02 15.15 -6.66
N GLN B 267 45.99 13.83 -6.82
CA GLN B 267 45.58 12.97 -5.74
C GLN B 267 46.48 11.74 -5.77
N THR B 268 46.94 11.32 -4.60
CA THR B 268 47.79 10.14 -4.57
C THR B 268 47.61 9.37 -3.28
N VAL B 269 48.04 8.12 -3.29
CA VAL B 269 47.94 7.25 -2.11
C VAL B 269 49.33 6.89 -1.62
N VAL B 270 49.54 7.05 -0.31
CA VAL B 270 50.82 6.71 0.29
C VAL B 270 50.89 5.18 0.40
N PRO B 271 51.97 4.58 -0.11
CA PRO B 271 52.24 3.13 -0.11
C PRO B 271 52.02 2.44 1.24
N ASN B 272 51.39 1.28 1.20
CA ASN B 272 51.12 0.47 2.40
C ASN B 272 50.73 1.29 3.63
N SER B 273 49.56 1.91 3.60
CA SER B 273 49.07 2.71 4.71
C SER B 273 47.56 2.59 4.77
N GLU B 274 47.04 1.46 4.28
CA GLU B 274 45.60 1.19 4.26
C GLU B 274 44.88 1.45 5.57
N GLY B 275 45.38 0.86 6.65
CA GLY B 275 44.73 1.03 7.94
C GLY B 275 45.15 2.25 8.74
N ALA B 276 45.98 3.12 8.17
CA ALA B 276 46.42 4.31 8.90
C ALA B 276 45.23 5.19 9.28
N ILE B 277 44.28 5.35 8.36
CA ILE B 277 43.09 6.16 8.62
C ILE B 277 41.90 5.45 7.99
N GLY B 278 40.95 5.03 8.82
CA GLY B 278 39.80 4.33 8.26
C GLY B 278 38.53 4.46 9.06
N GLY B 279 37.44 4.01 8.46
CA GLY B 279 36.15 4.06 9.11
C GLY B 279 35.22 3.00 8.55
N LYS B 280 34.22 2.62 9.34
CA LYS B 280 33.27 1.61 8.91
C LYS B 280 31.86 2.02 9.31
N VAL B 281 30.93 1.91 8.37
CA VAL B 281 29.53 2.23 8.65
C VAL B 281 28.92 0.91 9.08
N ARG B 282 28.55 0.83 10.37
CA ARG B 282 27.98 -0.39 10.91
C ARG B 282 26.76 -0.13 11.78
N GLU B 283 26.21 -1.20 12.36
CA GLU B 283 25.03 -1.08 13.19
C GLU B 283 25.25 -0.20 14.42
N VAL B 284 26.50 -0.05 14.83
CA VAL B 284 26.84 0.79 15.99
C VAL B 284 27.17 2.21 15.53
N GLY B 285 26.95 2.48 14.26
CA GLY B 285 27.25 3.79 13.71
C GLY B 285 28.57 3.75 12.96
N LEU B 286 29.18 4.90 12.75
CA LEU B 286 30.45 4.96 12.03
C LEU B 286 31.61 4.87 13.01
N THR B 287 32.41 3.82 12.88
CA THR B 287 33.57 3.68 13.75
C THR B 287 34.78 4.14 12.94
N PHE B 288 35.81 4.60 13.63
CA PHE B 288 36.99 5.06 12.93
C PHE B 288 38.25 4.61 13.66
N GLN B 289 39.37 4.70 12.98
CA GLN B 289 40.65 4.33 13.56
C GLN B 289 41.74 5.19 12.96
N LEU B 290 42.64 5.67 13.81
CA LEU B 290 43.76 6.50 13.40
C LEU B 290 45.02 5.90 14.00
N LYS B 291 45.98 5.55 13.15
CA LYS B 291 47.23 4.97 13.63
C LYS B 291 48.20 6.06 14.03
N GLY B 292 49.07 5.75 14.99
CA GLY B 292 50.04 6.74 15.44
C GLY B 292 51.03 7.11 14.36
N ALA B 293 51.15 6.27 13.33
CA ALA B 293 52.09 6.50 12.25
C ALA B 293 51.67 7.55 11.20
N VAL B 294 50.45 8.06 11.30
CA VAL B 294 49.96 9.03 10.33
C VAL B 294 50.87 10.25 10.12
N PRO B 295 51.35 10.88 11.20
CA PRO B 295 52.23 12.04 11.03
C PRO B 295 53.48 11.73 10.23
N ASP B 296 54.09 10.59 10.53
CA ASP B 296 55.30 10.16 9.83
C ASP B 296 55.02 9.90 8.34
N LEU B 297 53.98 9.11 8.07
CA LEU B 297 53.60 8.79 6.70
C LEU B 297 53.39 10.04 5.87
N ILE B 298 52.59 10.97 6.39
CA ILE B 298 52.30 12.19 5.65
C ILE B 298 53.57 13.01 5.38
N SER B 299 54.36 13.27 6.41
CA SER B 299 55.58 14.05 6.24
C SER B 299 56.63 13.40 5.34
N ALA B 300 56.66 12.06 5.31
CA ALA B 300 57.64 11.35 4.48
C ALA B 300 57.24 11.29 3.01
N ASN B 301 56.08 11.84 2.66
CA ASN B 301 55.60 11.83 1.29
C ASN B 301 55.19 13.21 0.80
N ILE B 302 55.10 14.16 1.73
CA ILE B 302 54.68 15.51 1.40
C ILE B 302 55.66 16.26 0.48
N GLU B 303 56.94 15.92 0.57
CA GLU B 303 57.98 16.55 -0.25
C GLU B 303 57.79 16.26 -1.73
N ASN B 304 57.54 15.01 -2.07
CA ASN B 304 57.35 14.62 -3.46
C ASN B 304 56.10 15.28 -4.05
N CYS B 305 55.09 15.48 -3.21
CA CYS B 305 53.85 16.11 -3.64
C CYS B 305 54.15 17.54 -4.07
N MET B 306 54.97 18.22 -3.29
CA MET B 306 55.35 19.60 -3.59
C MET B 306 56.14 19.68 -4.89
N VAL B 307 57.11 18.79 -5.05
CA VAL B 307 57.94 18.79 -6.25
C VAL B 307 57.11 18.55 -7.50
N GLU B 308 56.26 17.52 -7.46
CA GLU B 308 55.42 17.18 -8.61
C GLU B 308 54.44 18.30 -8.95
N ALA B 309 54.08 19.09 -7.95
CA ALA B 309 53.13 20.18 -8.14
C ALA B 309 53.74 21.50 -8.59
N PHE B 310 54.90 21.84 -8.02
CA PHE B 310 55.50 23.13 -8.32
C PHE B 310 56.71 23.23 -9.25
N SER B 311 57.32 22.09 -9.58
CA SER B 311 58.47 22.09 -10.47
C SER B 311 58.10 22.78 -11.78
N GLN B 312 56.89 22.52 -12.26
CA GLN B 312 56.41 23.11 -13.51
C GLN B 312 56.28 24.62 -13.44
N PHE B 313 56.24 25.16 -12.22
CA PHE B 313 56.12 26.60 -12.05
C PHE B 313 57.44 27.21 -11.62
N LYS B 314 58.52 26.43 -11.75
CA LYS B 314 59.84 26.88 -11.39
C LYS B 314 59.94 27.33 -9.94
N ILE B 315 59.17 26.70 -9.07
CA ILE B 315 59.21 27.02 -7.65
C ILE B 315 59.78 25.84 -6.87
N SER B 316 60.79 26.12 -6.04
CA SER B 316 61.45 25.11 -5.24
C SER B 316 61.52 25.52 -3.77
N ASP B 317 61.31 26.81 -3.51
CA ASP B 317 61.33 27.31 -2.15
C ASP B 317 59.91 27.36 -1.59
N TRP B 318 59.58 26.35 -0.81
CA TRP B 318 58.25 26.21 -0.20
C TRP B 318 57.79 27.46 0.57
N ASN B 319 58.74 28.23 1.08
CA ASN B 319 58.37 29.43 1.83
C ASN B 319 57.91 30.59 0.96
N LYS B 320 57.96 30.45 -0.36
CA LYS B 320 57.51 31.51 -1.24
C LYS B 320 56.05 31.30 -1.63
N LEU B 321 55.38 30.39 -0.94
CA LEU B 321 53.99 30.06 -1.19
C LEU B 321 53.17 30.30 0.06
N PHE B 322 51.87 30.53 -0.10
CA PHE B 322 51.03 30.67 1.09
C PHE B 322 50.51 29.26 1.31
N TRP B 323 50.17 28.92 2.55
CA TRP B 323 49.74 27.58 2.87
C TRP B 323 48.37 27.36 3.51
N VAL B 324 47.77 26.21 3.17
CA VAL B 324 46.48 25.78 3.70
C VAL B 324 46.61 24.27 3.88
N VAL B 325 46.63 23.81 5.12
CA VAL B 325 46.78 22.39 5.39
C VAL B 325 45.68 21.80 6.27
N HIS B 326 45.12 20.67 5.84
CA HIS B 326 44.08 20.03 6.64
C HIS B 326 44.68 19.74 8.01
N PRO B 327 44.11 20.35 9.07
CA PRO B 327 44.57 20.18 10.45
C PRO B 327 44.14 18.86 11.07
N GLY B 328 44.59 17.75 10.50
CA GLY B 328 44.24 16.44 11.02
C GLY B 328 44.56 16.34 12.49
N GLY B 329 45.68 16.92 12.89
CA GLY B 329 46.12 16.90 14.28
C GLY B 329 47.38 17.73 14.42
N ARG B 330 47.66 18.18 15.64
CA ARG B 330 48.85 18.99 15.91
C ARG B 330 50.14 18.37 15.37
N ALA B 331 50.33 17.08 15.64
CA ALA B 331 51.53 16.36 15.20
C ALA B 331 51.76 16.39 13.69
N ILE B 332 50.67 16.29 12.93
CA ILE B 332 50.81 16.33 11.47
C ILE B 332 51.37 17.69 11.06
N LEU B 333 50.77 18.75 11.59
CA LEU B 333 51.21 20.10 11.28
C LEU B 333 52.66 20.32 11.68
N ASP B 334 53.03 19.85 12.86
CA ASP B 334 54.40 19.99 13.33
C ASP B 334 55.39 19.28 12.40
N ARG B 335 55.09 18.02 12.04
CA ARG B 335 55.97 17.25 11.17
C ARG B 335 56.12 17.83 9.77
N VAL B 336 55.01 18.32 9.21
CA VAL B 336 55.03 18.91 7.88
C VAL B 336 55.89 20.16 7.90
N GLU B 337 55.64 21.01 8.88
CA GLU B 337 56.38 22.26 9.05
C GLU B 337 57.89 22.01 9.10
N ALA B 338 58.30 21.05 9.92
CA ALA B 338 59.71 20.72 10.08
C ALA B 338 60.31 20.04 8.85
N LYS B 339 59.53 19.16 8.22
CA LYS B 339 60.02 18.44 7.04
C LYS B 339 60.30 19.35 5.85
N LEU B 340 59.41 20.31 5.62
CA LEU B 340 59.56 21.23 4.50
C LEU B 340 60.23 22.51 4.96
N ASN B 341 60.71 22.51 6.21
CA ASN B 341 61.37 23.66 6.80
C ASN B 341 60.61 24.96 6.55
N LEU B 342 59.32 24.97 6.86
CA LEU B 342 58.49 26.16 6.68
C LEU B 342 58.77 27.14 7.82
N ASP B 343 58.72 28.43 7.52
CA ASP B 343 58.94 29.42 8.56
C ASP B 343 57.68 29.50 9.41
N PRO B 344 57.83 29.92 10.68
CA PRO B 344 56.75 30.05 11.67
C PRO B 344 55.41 30.65 11.21
N THR B 345 55.46 31.53 10.22
CA THR B 345 54.23 32.17 9.76
C THR B 345 53.31 31.34 8.87
N LYS B 346 53.88 30.41 8.11
CA LYS B 346 53.11 29.60 7.17
C LYS B 346 51.87 28.89 7.68
N LEU B 347 51.98 28.19 8.80
CA LEU B 347 50.83 27.46 9.31
C LEU B 347 49.96 28.21 10.32
N ILE B 348 50.09 29.53 10.39
CA ILE B 348 49.31 30.29 11.34
C ILE B 348 47.80 30.20 11.06
N PRO B 349 47.37 30.52 9.83
CA PRO B 349 45.93 30.44 9.55
C PRO B 349 45.42 29.02 9.83
N THR B 350 46.20 28.02 9.44
CA THR B 350 45.83 26.61 9.65
C THR B 350 45.67 26.29 11.12
N ARG B 351 46.66 26.65 11.95
CA ARG B 351 46.61 26.38 13.38
C ARG B 351 45.49 27.18 14.06
N HIS B 352 45.19 28.35 13.53
CA HIS B 352 44.15 29.20 14.09
C HIS B 352 42.77 28.54 13.97
N VAL B 353 42.51 27.95 12.82
CA VAL B 353 41.23 27.28 12.61
C VAL B 353 41.15 26.03 13.48
N MET B 354 42.26 25.30 13.60
CA MET B 354 42.24 24.09 14.41
C MET B 354 41.99 24.43 15.88
N SER B 355 42.52 25.57 16.31
CA SER B 355 42.34 26.00 17.69
C SER B 355 40.90 26.41 17.99
N GLU B 356 40.29 27.14 17.07
CA GLU B 356 38.93 27.62 17.28
C GLU B 356 37.83 26.63 16.90
N TYR B 357 38.13 25.67 16.03
CA TYR B 357 37.12 24.72 15.58
C TYR B 357 37.45 23.25 15.68
N GLY B 358 38.72 22.90 15.83
CA GLY B 358 39.09 21.50 15.88
C GLY B 358 39.02 20.92 14.48
N ASN B 359 39.06 19.59 14.37
CA ASN B 359 39.03 18.90 13.08
C ASN B 359 37.61 18.68 12.55
N MET B 360 37.16 19.56 11.67
CA MET B 360 35.84 19.46 11.07
C MET B 360 35.90 18.67 9.75
N SER B 361 36.87 17.78 9.64
CA SER B 361 37.02 16.96 8.46
C SER B 361 37.14 17.79 7.17
N SER B 362 36.39 17.42 6.14
CA SER B 362 36.47 18.11 4.84
C SER B 362 36.38 19.64 4.84
N ALA B 363 35.54 20.20 5.71
CA ALA B 363 35.35 21.65 5.77
C ALA B 363 36.56 22.48 6.22
N CYS B 364 37.47 21.88 6.99
CA CYS B 364 38.64 22.59 7.50
C CYS B 364 39.41 23.47 6.52
N VAL B 365 39.87 22.90 5.41
CA VAL B 365 40.65 23.68 4.46
C VAL B 365 39.91 24.88 3.88
N HIS B 366 38.58 24.83 3.85
CA HIS B 366 37.81 25.96 3.32
C HIS B 366 37.75 27.07 4.39
N PHE B 367 37.65 26.69 5.65
CA PHE B 367 37.64 27.67 6.75
C PHE B 367 39.01 28.36 6.73
N ILE B 368 40.06 27.58 6.56
CA ILE B 368 41.43 28.11 6.55
C ILE B 368 41.66 29.07 5.38
N LEU B 369 41.06 28.76 4.24
CA LEU B 369 41.18 29.60 3.05
C LEU B 369 40.49 30.94 3.31
N ASP B 370 39.33 30.89 3.96
CA ASP B 370 38.58 32.09 4.29
C ASP B 370 39.40 32.96 5.25
N GLN B 371 39.98 32.32 6.25
CA GLN B 371 40.81 33.02 7.24
C GLN B 371 41.99 33.68 6.54
N THR B 372 42.60 32.94 5.62
CA THR B 372 43.75 33.45 4.88
C THR B 372 43.45 34.74 4.13
N ARG B 373 42.37 34.75 3.35
CA ARG B 373 42.03 35.95 2.59
C ARG B 373 41.67 37.11 3.51
N LYS B 374 40.87 36.83 4.54
CA LYS B 374 40.46 37.86 5.48
C LYS B 374 41.65 38.54 6.15
N ALA B 375 42.56 37.74 6.71
CA ALA B 375 43.74 38.27 7.36
C ALA B 375 44.57 39.10 6.39
N SER B 376 44.75 38.59 5.17
CA SER B 376 45.52 39.28 4.15
C SER B 376 45.00 40.68 3.87
N LEU B 377 43.68 40.81 3.75
CA LEU B 377 43.06 42.10 3.47
C LEU B 377 43.02 43.03 4.68
N GLN B 378 43.24 42.48 5.87
CA GLN B 378 43.22 43.28 7.08
C GLN B 378 44.62 43.53 7.61
N ASN B 379 45.62 42.93 6.96
CA ASN B 379 47.01 43.13 7.35
C ASN B 379 47.76 43.92 6.28
N GLY B 380 47.02 44.39 5.28
CA GLY B 380 47.62 45.18 4.22
C GLY B 380 48.47 44.45 3.20
N CYS B 381 48.33 43.14 3.09
CA CYS B 381 49.12 42.37 2.13
C CYS B 381 48.73 42.69 0.70
N SER B 382 49.63 42.43 -0.23
CA SER B 382 49.39 42.72 -1.65
C SER B 382 48.48 41.72 -2.37
N THR B 383 48.25 40.55 -1.78
CA THR B 383 47.37 39.55 -2.38
C THR B 383 46.58 38.83 -1.30
N THR B 384 45.55 38.10 -1.73
CA THR B 384 44.71 37.34 -0.79
C THR B 384 45.46 36.15 -0.22
N GLY B 385 46.69 35.97 -0.70
CA GLY B 385 47.52 34.88 -0.23
C GLY B 385 48.73 35.39 0.54
N GLU B 386 48.49 36.26 1.50
CA GLU B 386 49.58 36.81 2.31
C GLU B 386 50.60 37.55 1.46
N GLY B 387 50.15 38.17 0.38
CA GLY B 387 51.05 38.90 -0.48
C GLY B 387 51.86 38.05 -1.44
N LEU B 388 51.67 36.73 -1.38
CA LEU B 388 52.38 35.82 -2.25
C LEU B 388 51.47 35.42 -3.42
N GLU B 389 52.06 35.06 -4.56
CA GLU B 389 51.27 34.70 -5.72
C GLU B 389 50.70 33.28 -5.73
N MET B 390 51.55 32.31 -5.47
CA MET B 390 51.15 30.91 -5.48
C MET B 390 51.01 30.29 -4.10
N GLY B 391 50.11 29.33 -3.98
CA GLY B 391 49.89 28.67 -2.71
C GLY B 391 49.48 27.22 -2.90
N VAL B 392 49.55 26.44 -1.82
CA VAL B 392 49.18 25.05 -1.89
C VAL B 392 48.16 24.73 -0.81
N LEU B 393 47.24 23.83 -1.12
CA LEU B 393 46.22 23.40 -0.18
C LEU B 393 46.30 21.88 -0.14
N PHE B 394 46.37 21.32 1.07
CA PHE B 394 46.50 19.88 1.27
C PHE B 394 45.34 19.26 2.06
N GLY B 395 44.83 18.15 1.52
CA GLY B 395 43.77 17.42 2.19
C GLY B 395 44.35 16.05 2.51
N PHE B 396 44.11 15.54 3.71
CA PHE B 396 44.61 14.23 4.13
C PHE B 396 43.45 13.37 4.62
N GLY B 397 43.52 12.07 4.39
CA GLY B 397 42.44 11.20 4.83
C GLY B 397 42.66 9.73 4.54
N PRO B 398 41.60 8.91 4.68
CA PRO B 398 41.61 7.47 4.43
C PRO B 398 42.32 7.08 3.14
N GLY B 399 43.30 6.19 3.24
CA GLY B 399 44.03 5.77 2.04
C GLY B 399 45.35 5.07 2.30
N LEU B 400 46.31 5.78 2.88
CA LEU B 400 46.15 7.18 3.27
C LEU B 400 46.19 8.03 2.00
N THR B 401 45.19 8.87 1.81
CA THR B 401 45.10 9.71 0.62
C THR B 401 45.54 11.16 0.87
N ILE B 402 46.18 11.74 -0.13
CA ILE B 402 46.61 13.13 -0.06
C ILE B 402 46.15 13.87 -1.32
N GLU B 403 45.40 14.94 -1.11
CA GLU B 403 44.91 15.76 -2.20
C GLU B 403 45.80 17.00 -2.23
N THR B 404 46.28 17.35 -3.42
CA THR B 404 47.11 18.54 -3.56
C THR B 404 46.39 19.50 -4.49
N VAL B 405 46.19 20.74 -4.03
CA VAL B 405 45.53 21.74 -4.84
C VAL B 405 46.41 22.97 -4.92
N VAL B 406 46.87 23.31 -6.12
CA VAL B 406 47.70 24.48 -6.31
C VAL B 406 46.78 25.67 -6.56
N LEU B 407 46.97 26.72 -5.77
CA LEU B 407 46.16 27.91 -5.87
C LEU B 407 46.97 29.13 -6.25
N LYS B 408 46.29 30.11 -6.84
CA LYS B 408 46.89 31.36 -7.22
C LYS B 408 46.04 32.39 -6.49
N SER B 409 46.69 33.32 -5.81
CA SER B 409 45.98 34.37 -5.08
C SER B 409 45.51 35.42 -6.08
N VAL B 410 44.82 36.43 -5.56
CA VAL B 410 44.31 37.52 -6.37
C VAL B 410 44.86 38.81 -5.78
N PRO B 411 45.28 39.76 -6.65
CA PRO B 411 45.83 41.04 -6.19
C PRO B 411 44.86 41.84 -5.31
N ILE B 412 45.42 42.57 -4.35
CA ILE B 412 44.62 43.41 -3.46
C ILE B 412 45.06 44.87 -3.62
N VAL C 24 -58.68 4.86 -7.04
CA VAL C 24 -59.02 3.42 -7.22
C VAL C 24 -59.42 2.79 -5.89
N ASP C 25 -60.02 1.59 -5.93
CA ASP C 25 -60.43 0.88 -4.73
C ASP C 25 -59.27 0.08 -4.15
N PHE C 26 -58.56 0.69 -3.21
CA PHE C 26 -57.41 0.04 -2.60
C PHE C 26 -57.77 -1.16 -1.73
N GLU C 27 -58.95 -1.15 -1.13
CA GLU C 27 -59.39 -2.27 -0.31
C GLU C 27 -59.44 -3.52 -1.18
N GLY C 28 -60.20 -3.43 -2.27
CA GLY C 28 -60.33 -4.55 -3.18
C GLY C 28 -58.98 -4.93 -3.75
N PHE C 29 -58.10 -3.95 -3.91
CA PHE C 29 -56.77 -4.19 -4.44
C PHE C 29 -55.99 -5.09 -3.49
N ARG C 30 -56.00 -4.74 -2.21
CA ARG C 30 -55.28 -5.52 -1.20
C ARG C 30 -55.75 -6.98 -1.19
N LYS C 31 -57.06 -7.18 -1.25
CA LYS C 31 -57.64 -8.52 -1.24
C LYS C 31 -57.23 -9.32 -2.47
N LEU C 32 -57.15 -8.67 -3.62
CA LEU C 32 -56.75 -9.35 -4.85
C LEU C 32 -55.26 -9.67 -4.88
N GLN C 33 -54.47 -8.77 -4.28
CA GLN C 33 -53.02 -8.89 -4.24
C GLN C 33 -52.51 -10.12 -3.49
N ARG C 34 -53.10 -10.41 -2.33
CA ARG C 34 -52.68 -11.54 -1.49
C ARG C 34 -53.25 -12.90 -1.92
N ALA C 35 -52.57 -13.97 -1.52
CA ALA C 35 -52.98 -15.34 -1.84
C ALA C 35 -54.01 -15.84 -0.84
N ASP C 36 -54.63 -16.99 -1.13
CA ASP C 36 -55.66 -17.53 -0.25
C ASP C 36 -55.28 -18.55 0.81
N GLY C 37 -54.56 -19.60 0.42
CA GLY C 37 -54.19 -20.63 1.39
C GLY C 37 -52.84 -20.51 2.07
N PHE C 38 -52.39 -21.62 2.64
CA PHE C 38 -51.12 -21.68 3.34
C PHE C 38 -49.95 -21.84 2.37
N ALA C 39 -48.83 -21.20 2.70
CA ALA C 39 -47.63 -21.31 1.86
C ALA C 39 -47.27 -22.80 1.90
N SER C 40 -47.04 -23.38 0.73
CA SER C 40 -46.71 -24.80 0.68
C SER C 40 -45.41 -25.09 -0.05
N ILE C 41 -44.73 -26.14 0.39
CA ILE C 41 -43.50 -26.59 -0.25
C ILE C 41 -43.97 -27.48 -1.40
N LEU C 42 -43.69 -27.05 -2.63
CA LEU C 42 -44.12 -27.78 -3.82
C LEU C 42 -43.02 -28.63 -4.43
N ALA C 43 -41.81 -28.49 -3.93
CA ALA C 43 -40.68 -29.25 -4.43
C ALA C 43 -39.46 -29.02 -3.56
N ILE C 44 -38.61 -30.05 -3.50
CA ILE C 44 -37.37 -29.99 -2.72
C ILE C 44 -36.28 -30.66 -3.54
N GLY C 45 -35.20 -29.91 -3.77
CA GLY C 45 -34.06 -30.43 -4.52
C GLY C 45 -32.80 -30.22 -3.71
N THR C 46 -31.80 -31.08 -3.91
CA THR C 46 -30.57 -30.96 -3.17
C THR C 46 -29.37 -31.25 -4.06
N ALA C 47 -28.18 -30.82 -3.64
CA ALA C 47 -26.95 -31.06 -4.38
C ALA C 47 -25.77 -30.96 -3.42
N ASN C 48 -24.65 -31.57 -3.79
CA ASN C 48 -23.44 -31.55 -2.98
C ASN C 48 -22.23 -31.60 -3.90
N PRO C 49 -21.05 -31.24 -3.38
CA PRO C 49 -19.83 -31.28 -4.20
C PRO C 49 -19.63 -32.74 -4.62
N PRO C 50 -18.94 -32.97 -5.75
CA PRO C 50 -18.73 -34.35 -6.20
C PRO C 50 -17.83 -35.18 -5.30
N ASN C 51 -16.93 -34.52 -4.58
CA ASN C 51 -15.98 -35.21 -3.70
C ASN C 51 -16.61 -35.75 -2.43
N ALA C 52 -16.85 -37.06 -2.38
CA ALA C 52 -17.42 -37.68 -1.19
C ALA C 52 -16.27 -38.02 -0.25
N VAL C 53 -16.34 -37.52 0.98
CA VAL C 53 -15.27 -37.75 1.96
C VAL C 53 -15.67 -38.72 3.07
N ASP C 54 -14.95 -39.84 3.14
CA ASP C 54 -15.18 -40.88 4.13
C ASP C 54 -14.66 -40.42 5.50
N GLN C 55 -15.54 -40.38 6.49
CA GLN C 55 -15.17 -39.93 7.83
C GLN C 55 -14.16 -40.86 8.50
N SER C 56 -14.21 -42.14 8.18
CA SER C 56 -13.30 -43.10 8.80
C SER C 56 -11.84 -42.86 8.45
N THR C 57 -11.58 -42.31 7.28
CA THR C 57 -10.20 -42.04 6.87
C THR C 57 -9.86 -40.55 6.86
N TYR C 58 -10.74 -39.73 7.39
CA TYR C 58 -10.51 -38.28 7.40
C TYR C 58 -9.41 -37.80 8.33
N PRO C 59 -9.37 -38.30 9.58
CA PRO C 59 -8.33 -37.86 10.50
C PRO C 59 -6.93 -37.87 9.87
N ASP C 60 -6.55 -39.01 9.29
CA ASP C 60 -5.24 -39.14 8.65
C ASP C 60 -5.07 -38.15 7.51
N PHE C 61 -6.10 -38.05 6.67
CA PHE C 61 -6.07 -37.14 5.53
C PHE C 61 -5.93 -35.70 5.99
N TYR C 62 -6.78 -35.31 6.94
CA TYR C 62 -6.78 -33.96 7.48
C TYR C 62 -5.42 -33.56 8.02
N PHE C 63 -4.92 -34.33 8.99
CA PHE C 63 -3.63 -34.04 9.60
C PHE C 63 -2.42 -34.08 8.66
N ARG C 64 -2.47 -34.90 7.61
CA ARG C 64 -1.33 -34.97 6.71
C ARG C 64 -1.36 -33.87 5.65
N ILE C 65 -2.57 -33.48 5.23
CA ILE C 65 -2.68 -32.43 4.22
C ILE C 65 -2.44 -31.07 4.88
N THR C 66 -2.61 -31.02 6.19
CA THR C 66 -2.39 -29.79 6.96
C THR C 66 -0.94 -29.76 7.42
N GLY C 67 -0.21 -30.83 7.12
CA GLY C 67 1.19 -30.91 7.51
C GLY C 67 1.38 -31.14 8.99
N ASN C 68 0.46 -31.85 9.61
CA ASN C 68 0.54 -32.11 11.05
C ASN C 68 0.60 -33.58 11.44
N GLU C 69 1.01 -33.83 12.68
CA GLU C 69 1.13 -35.19 13.21
C GLU C 69 1.21 -34.99 14.72
N HIS C 70 0.31 -35.64 15.45
CA HIS C 70 0.27 -35.49 16.90
C HIS C 70 -0.31 -36.69 17.62
N ASN C 71 -1.20 -36.37 18.56
CA ASN C 71 -1.91 -37.32 19.38
C ASN C 71 -3.34 -36.81 19.44
N PHE C 78 -8.69 -35.87 17.84
CA PHE C 78 -9.57 -35.54 16.68
C PHE C 78 -10.20 -36.80 16.12
N LYS C 79 -9.45 -37.89 16.12
CA LYS C 79 -9.95 -39.16 15.62
C LYS C 79 -11.15 -39.57 16.48
N ARG C 80 -11.03 -39.36 17.79
CA ARG C 80 -12.10 -39.68 18.71
C ARG C 80 -13.36 -38.88 18.36
N ILE C 81 -13.17 -37.58 18.14
CA ILE C 81 -14.28 -36.70 17.78
C ILE C 81 -15.00 -37.26 16.56
N CYS C 82 -14.25 -37.52 15.49
CA CYS C 82 -14.82 -38.08 14.27
C CYS C 82 -15.58 -39.37 14.56
N GLU C 83 -14.95 -40.26 15.32
CA GLU C 83 -15.55 -41.55 15.66
C GLU C 83 -16.86 -41.45 16.44
N ARG C 84 -17.01 -40.41 17.24
CA ARG C 84 -18.23 -40.22 18.04
C ARG C 84 -19.21 -39.21 17.43
N SER C 85 -18.89 -38.73 16.23
CA SER C 85 -19.72 -37.75 15.53
C SER C 85 -20.99 -38.30 14.91
N ALA C 86 -21.03 -39.62 14.68
CA ALA C 86 -22.18 -40.24 14.06
C ALA C 86 -22.34 -39.74 12.63
N ILE C 87 -21.20 -39.33 12.05
CA ILE C 87 -21.16 -38.85 10.67
C ILE C 87 -20.24 -39.82 9.94
N LYS C 88 -20.77 -40.48 8.91
CA LYS C 88 -19.97 -41.43 8.15
C LYS C 88 -19.48 -40.85 6.82
N GLN C 89 -20.04 -39.70 6.43
CA GLN C 89 -19.64 -39.10 5.16
C GLN C 89 -19.99 -37.62 5.06
N ARG C 90 -19.20 -36.89 4.27
CA ARG C 90 -19.41 -35.46 4.02
C ARG C 90 -18.92 -35.17 2.62
N TYR C 91 -19.59 -34.24 1.94
CA TYR C 91 -19.18 -33.85 0.61
C TYR C 91 -18.40 -32.56 0.78
N MET C 92 -17.25 -32.46 0.11
CA MET C 92 -16.43 -31.28 0.25
C MET C 92 -15.89 -30.74 -1.05
N TYR C 93 -16.03 -29.44 -1.22
CA TYR C 93 -15.52 -28.75 -2.39
C TYR C 93 -14.00 -28.87 -2.38
N LEU C 94 -13.42 -28.68 -1.20
CA LEU C 94 -11.97 -28.76 -1.03
C LEU C 94 -11.43 -30.18 -1.22
N THR C 95 -10.68 -30.36 -2.29
CA THR C 95 -10.09 -31.66 -2.59
C THR C 95 -8.61 -31.60 -2.28
N GLU C 96 -7.93 -32.74 -2.35
CA GLU C 96 -6.50 -32.77 -2.05
C GLU C 96 -5.73 -31.86 -3.01
N GLU C 97 -6.17 -31.81 -4.26
CA GLU C 97 -5.51 -30.98 -5.27
C GLU C 97 -5.63 -29.50 -4.90
N ILE C 98 -6.84 -29.07 -4.56
CA ILE C 98 -7.06 -27.67 -4.22
C ILE C 98 -6.31 -27.31 -2.94
N LEU C 99 -6.33 -28.20 -1.96
CA LEU C 99 -5.64 -27.93 -0.70
C LEU C 99 -4.13 -27.88 -0.86
N LYS C 100 -3.59 -28.69 -1.77
CA LYS C 100 -2.15 -28.71 -2.00
C LYS C 100 -1.72 -27.41 -2.67
N LYS C 101 -2.64 -26.85 -3.46
CA LYS C 101 -2.36 -25.60 -4.16
C LYS C 101 -2.65 -24.38 -3.30
N ASN C 102 -3.24 -24.60 -2.12
CA ASN C 102 -3.54 -23.48 -1.23
C ASN C 102 -3.12 -23.76 0.21
N PRO C 103 -1.80 -23.80 0.47
CA PRO C 103 -1.28 -24.05 1.82
C PRO C 103 -1.78 -23.04 2.85
N ASP C 104 -2.15 -21.85 2.37
CA ASP C 104 -2.65 -20.83 3.28
C ASP C 104 -3.97 -21.27 3.94
N VAL C 105 -4.75 -22.08 3.22
CA VAL C 105 -6.01 -22.58 3.75
C VAL C 105 -5.78 -23.73 4.73
N CYS C 106 -4.63 -24.40 4.61
CA CYS C 106 -4.29 -25.52 5.48
C CYS C 106 -3.65 -25.07 6.80
N ALA C 107 -3.27 -23.80 6.88
CA ALA C 107 -2.68 -23.26 8.09
C ALA C 107 -3.80 -22.91 9.05
N PHE C 108 -3.46 -22.57 10.30
CA PHE C 108 -4.48 -22.19 11.26
C PHE C 108 -4.78 -20.71 11.05
N VAL C 109 -3.94 -19.83 11.57
CA VAL C 109 -4.14 -18.37 11.39
C VAL C 109 -2.81 -17.65 11.17
N GLU C 110 -1.75 -18.40 10.83
CA GLU C 110 -0.42 -17.82 10.64
C GLU C 110 -0.31 -16.91 9.43
N VAL C 111 -1.06 -17.24 8.38
CA VAL C 111 -1.04 -16.46 7.16
C VAL C 111 -2.48 -16.13 6.77
N PRO C 112 -2.68 -15.00 6.06
CA PRO C 112 -4.02 -14.60 5.64
C PRO C 112 -4.55 -15.56 4.57
N SER C 113 -5.87 -15.64 4.43
CA SER C 113 -6.46 -16.54 3.46
C SER C 113 -7.88 -16.14 3.04
N LEU C 114 -8.37 -15.01 3.54
CA LEU C 114 -9.71 -14.57 3.21
C LEU C 114 -9.91 -14.33 1.72
N ASP C 115 -9.03 -13.53 1.12
CA ASP C 115 -9.14 -13.23 -0.32
C ASP C 115 -9.23 -14.48 -1.18
N ALA C 116 -8.46 -15.51 -0.85
CA ALA C 116 -8.49 -16.74 -1.62
C ALA C 116 -9.83 -17.49 -1.40
N ARG C 117 -10.29 -17.52 -0.15
CA ARG C 117 -11.55 -18.19 0.16
C ARG C 117 -12.72 -17.48 -0.52
N GLN C 118 -12.64 -16.15 -0.61
CA GLN C 118 -13.70 -15.39 -1.24
C GLN C 118 -13.82 -15.80 -2.71
N ALA C 119 -12.69 -16.00 -3.38
CA ALA C 119 -12.70 -16.40 -4.78
C ALA C 119 -13.34 -17.79 -4.92
N MET C 120 -13.08 -18.67 -3.95
CA MET C 120 -13.65 -20.01 -4.00
C MET C 120 -15.17 -19.95 -3.82
N LEU C 121 -15.62 -19.09 -2.91
CA LEU C 121 -17.05 -18.94 -2.64
C LEU C 121 -17.80 -18.40 -3.84
N ALA C 122 -17.23 -17.38 -4.48
CA ALA C 122 -17.87 -16.78 -5.65
C ALA C 122 -18.21 -17.83 -6.69
N MET C 123 -17.36 -18.84 -6.81
CA MET C 123 -17.60 -19.91 -7.76
C MET C 123 -18.45 -21.06 -7.22
N GLU C 124 -18.07 -21.58 -6.05
CA GLU C 124 -18.75 -22.74 -5.47
C GLU C 124 -20.18 -22.57 -4.94
N VAL C 125 -20.43 -21.50 -4.19
CA VAL C 125 -21.77 -21.30 -3.64
C VAL C 125 -22.81 -21.23 -4.76
N PRO C 126 -22.60 -20.36 -5.76
CA PRO C 126 -23.58 -20.27 -6.86
C PRO C 126 -23.71 -21.60 -7.59
N ARG C 127 -22.58 -22.29 -7.79
CA ARG C 127 -22.58 -23.57 -8.49
C ARG C 127 -23.52 -24.59 -7.84
N LEU C 128 -23.34 -24.84 -6.54
CA LEU C 128 -24.18 -25.79 -5.82
C LEU C 128 -25.64 -25.31 -5.80
N ALA C 129 -25.84 -24.02 -5.57
CA ALA C 129 -27.18 -23.46 -5.53
C ALA C 129 -27.93 -23.77 -6.83
N LYS C 130 -27.25 -23.54 -7.96
CA LYS C 130 -27.83 -23.79 -9.27
C LYS C 130 -28.26 -25.25 -9.43
N GLU C 131 -27.37 -26.17 -9.10
CA GLU C 131 -27.66 -27.59 -9.21
C GLU C 131 -28.83 -28.02 -8.32
N ALA C 132 -28.87 -27.51 -7.10
CA ALA C 132 -29.96 -27.85 -6.18
C ALA C 132 -31.28 -27.29 -6.71
N ALA C 133 -31.24 -26.05 -7.19
CA ALA C 133 -32.43 -25.39 -7.72
C ALA C 133 -33.01 -26.10 -8.95
N GLU C 134 -32.13 -26.58 -9.83
CA GLU C 134 -32.58 -27.27 -11.02
C GLU C 134 -33.37 -28.54 -10.68
N LYS C 135 -32.93 -29.24 -9.64
CA LYS C 135 -33.62 -30.46 -9.23
C LYS C 135 -34.99 -30.10 -8.65
N ALA C 136 -35.06 -28.98 -7.94
CA ALA C 136 -36.32 -28.54 -7.35
C ALA C 136 -37.26 -28.02 -8.45
N ILE C 137 -36.74 -27.22 -9.37
CA ILE C 137 -37.56 -26.69 -10.44
C ILE C 137 -38.06 -27.86 -11.31
N GLN C 138 -37.23 -28.89 -11.42
CA GLN C 138 -37.56 -30.08 -12.19
C GLN C 138 -38.73 -30.84 -11.55
N GLU C 139 -38.65 -31.05 -10.23
CA GLU C 139 -39.72 -31.76 -9.51
C GLU C 139 -41.00 -30.94 -9.62
N TRP C 140 -40.86 -29.63 -9.43
CA TRP C 140 -41.99 -28.71 -9.50
C TRP C 140 -42.65 -28.90 -10.86
N GLY C 141 -41.83 -29.14 -11.88
CA GLY C 141 -42.33 -29.38 -13.22
C GLY C 141 -42.99 -28.26 -13.98
N GLN C 142 -42.79 -27.03 -13.54
CA GLN C 142 -43.39 -25.87 -14.21
C GLN C 142 -42.33 -24.99 -14.85
N SER C 143 -42.78 -24.07 -15.70
CA SER C 143 -41.89 -23.13 -16.38
C SER C 143 -41.18 -22.25 -15.35
N LYS C 144 -39.86 -22.10 -15.47
CA LYS C 144 -39.14 -21.26 -14.52
C LYS C 144 -39.53 -19.78 -14.63
N SER C 145 -40.20 -19.42 -15.73
CA SER C 145 -40.62 -18.04 -15.90
C SER C 145 -41.70 -17.71 -14.88
N GLY C 146 -42.24 -18.74 -14.23
CA GLY C 146 -43.25 -18.54 -13.21
C GLY C 146 -42.67 -18.26 -11.83
N ILE C 147 -41.36 -18.34 -11.69
CA ILE C 147 -40.70 -18.06 -10.43
C ILE C 147 -40.72 -16.54 -10.25
N THR C 148 -41.37 -16.08 -9.20
CA THR C 148 -41.48 -14.65 -8.95
C THR C 148 -40.52 -14.07 -7.92
N HIS C 149 -40.04 -14.90 -7.00
CA HIS C 149 -39.12 -14.44 -5.95
C HIS C 149 -37.99 -15.43 -5.71
N LEU C 150 -36.92 -14.93 -5.11
CA LEU C 150 -35.78 -15.78 -4.79
C LEU C 150 -35.25 -15.40 -3.41
N ILE C 151 -35.23 -16.37 -2.51
CA ILE C 151 -34.69 -16.17 -1.18
C ILE C 151 -33.44 -17.03 -1.19
N PHE C 152 -32.28 -16.38 -1.19
CA PHE C 152 -31.00 -17.09 -1.21
C PHE C 152 -30.26 -16.93 0.11
N CYS C 153 -29.83 -18.05 0.68
CA CYS C 153 -29.12 -18.08 1.95
C CYS C 153 -27.76 -18.79 1.90
N SER C 154 -26.77 -18.19 2.54
CA SER C 154 -25.43 -18.76 2.64
C SER C 154 -24.75 -18.11 3.84
N THR C 155 -23.96 -18.88 4.58
CA THR C 155 -23.29 -18.35 5.76
C THR C 155 -22.61 -17.01 5.49
N THR C 156 -21.99 -16.87 4.33
CA THR C 156 -21.34 -15.63 3.93
C THR C 156 -21.41 -15.49 2.42
N THR C 157 -21.19 -14.28 1.94
CA THR C 157 -21.16 -14.01 0.52
C THR C 157 -19.98 -13.03 0.37
N PRO C 158 -19.12 -13.26 -0.63
CA PRO C 158 -17.94 -12.42 -0.88
C PRO C 158 -18.07 -10.98 -1.35
N ASP C 159 -19.05 -10.70 -2.22
CA ASP C 159 -19.18 -9.36 -2.76
C ASP C 159 -20.57 -8.75 -2.70
N LEU C 160 -20.72 -7.67 -3.47
CA LEU C 160 -21.97 -6.96 -3.66
C LEU C 160 -21.98 -6.82 -5.19
N PRO C 161 -23.04 -7.33 -5.85
CA PRO C 161 -24.19 -8.01 -5.26
C PRO C 161 -23.86 -9.32 -4.57
N GLY C 162 -24.80 -9.80 -3.77
CA GLY C 162 -24.62 -11.05 -3.07
C GLY C 162 -24.78 -12.19 -4.06
N ALA C 163 -24.51 -13.41 -3.62
CA ALA C 163 -24.62 -14.59 -4.47
C ALA C 163 -25.99 -14.80 -5.10
N ASP C 164 -27.03 -14.19 -4.53
CA ASP C 164 -28.37 -14.33 -5.09
C ASP C 164 -28.41 -13.83 -6.53
N PHE C 165 -27.70 -12.74 -6.80
CA PHE C 165 -27.68 -12.17 -8.14
C PHE C 165 -27.07 -13.20 -9.09
N GLU C 166 -25.89 -13.71 -8.73
CA GLU C 166 -25.20 -14.69 -9.57
C GLU C 166 -26.05 -15.92 -9.78
N VAL C 167 -26.72 -16.37 -8.72
CA VAL C 167 -27.57 -17.54 -8.81
C VAL C 167 -28.70 -17.30 -9.81
N ALA C 168 -29.38 -16.16 -9.67
CA ALA C 168 -30.48 -15.82 -10.58
C ALA C 168 -29.98 -15.82 -12.03
N LYS C 169 -28.77 -15.31 -12.24
CA LYS C 169 -28.18 -15.26 -13.57
C LYS C 169 -27.94 -16.68 -14.13
N LEU C 170 -27.27 -17.51 -13.35
CA LEU C 170 -27.00 -18.89 -13.76
C LEU C 170 -28.27 -19.66 -14.12
N LEU C 171 -29.35 -19.37 -13.41
CA LEU C 171 -30.62 -20.04 -13.63
C LEU C 171 -31.45 -19.38 -14.73
N GLY C 172 -30.94 -18.29 -15.28
CA GLY C 172 -31.65 -17.58 -16.32
C GLY C 172 -33.04 -17.13 -15.90
N LEU C 173 -33.14 -16.59 -14.69
CA LEU C 173 -34.43 -16.13 -14.19
C LEU C 173 -34.69 -14.73 -14.74
N HIS C 174 -35.97 -14.36 -14.83
CA HIS C 174 -36.33 -13.04 -15.32
C HIS C 174 -35.66 -11.97 -14.48
N PRO C 175 -35.30 -10.83 -15.09
CA PRO C 175 -34.63 -9.73 -14.37
C PRO C 175 -35.50 -9.16 -13.24
N SER C 176 -36.81 -9.30 -13.39
CA SER C 176 -37.75 -8.77 -12.41
C SER C 176 -38.00 -9.71 -11.23
N VAL C 177 -37.29 -10.83 -11.17
CA VAL C 177 -37.47 -11.74 -10.05
C VAL C 177 -37.00 -10.98 -8.82
N LYS C 178 -37.87 -10.91 -7.81
CA LYS C 178 -37.57 -10.19 -6.58
C LYS C 178 -36.66 -11.03 -5.69
N ARG C 179 -35.47 -10.49 -5.44
CA ARG C 179 -34.45 -11.18 -4.65
C ARG C 179 -34.21 -10.64 -3.25
N VAL C 180 -33.76 -11.54 -2.38
CA VAL C 180 -33.39 -11.19 -1.02
C VAL C 180 -32.33 -12.20 -0.60
N GLY C 181 -31.20 -11.71 -0.11
CA GLY C 181 -30.13 -12.59 0.33
C GLY C 181 -30.11 -12.66 1.84
N VAL C 182 -29.89 -13.86 2.38
CA VAL C 182 -29.84 -14.10 3.81
C VAL C 182 -28.42 -14.56 4.15
N PHE C 183 -27.58 -13.63 4.57
CA PHE C 183 -26.18 -13.97 4.89
C PHE C 183 -25.82 -13.75 6.34
N GLN C 184 -24.84 -14.51 6.81
CA GLN C 184 -24.33 -14.45 8.18
C GLN C 184 -25.36 -14.65 9.28
N HIS C 185 -26.37 -15.45 8.96
CA HIS C 185 -27.40 -15.80 9.94
C HIS C 185 -26.91 -17.10 10.56
N GLY C 186 -26.47 -18.02 9.71
CA GLY C 186 -25.92 -19.26 10.23
C GLY C 186 -26.74 -20.53 10.07
N CYS C 187 -26.46 -21.48 10.96
CA CYS C 187 -27.11 -22.77 10.95
C CYS C 187 -28.61 -22.81 11.20
N PHE C 188 -29.17 -21.72 11.75
CA PHE C 188 -30.60 -21.72 12.01
C PHE C 188 -31.37 -21.19 10.81
N ALA C 189 -30.64 -20.66 9.82
CA ALA C 189 -31.26 -20.08 8.63
C ALA C 189 -32.14 -21.01 7.81
N GLY C 190 -32.01 -22.33 8.01
CA GLY C 190 -32.85 -23.26 7.28
C GLY C 190 -34.31 -23.04 7.67
N GLY C 191 -34.50 -22.59 8.90
CA GLY C 191 -35.85 -22.30 9.37
C GLY C 191 -36.20 -20.88 8.98
N THR C 192 -35.24 -19.98 9.11
CA THR C 192 -35.44 -18.57 8.75
C THR C 192 -36.02 -18.41 7.34
N VAL C 193 -35.44 -19.10 6.36
CA VAL C 193 -35.94 -18.95 4.99
C VAL C 193 -37.36 -19.48 4.82
N LEU C 194 -37.75 -20.45 5.64
CA LEU C 194 -39.11 -20.97 5.55
C LEU C 194 -40.05 -19.94 6.18
N ARG C 195 -39.60 -19.32 7.26
CA ARG C 195 -40.38 -18.29 7.95
C ARG C 195 -40.61 -17.12 7.00
N MET C 196 -39.58 -16.79 6.21
CA MET C 196 -39.68 -15.69 5.26
C MET C 196 -40.53 -16.08 4.04
N ALA C 197 -40.32 -17.30 3.56
CA ALA C 197 -41.04 -17.78 2.39
C ALA C 197 -42.55 -17.82 2.67
N LYS C 198 -42.92 -18.14 3.90
CA LYS C 198 -44.33 -18.20 4.27
C LYS C 198 -45.04 -16.87 3.98
N ASP C 199 -44.51 -15.79 4.53
CA ASP C 199 -45.11 -14.46 4.33
C ASP C 199 -45.07 -14.00 2.89
N LEU C 200 -43.97 -14.28 2.19
CA LEU C 200 -43.86 -13.89 0.79
C LEU C 200 -44.97 -14.53 -0.05
N ALA C 201 -45.04 -15.86 0.03
CA ALA C 201 -46.02 -16.62 -0.75
C ALA C 201 -47.47 -16.35 -0.36
N GLU C 202 -47.74 -16.18 0.93
CA GLU C 202 -49.10 -15.95 1.39
C GLU C 202 -49.62 -14.55 1.14
N ASN C 203 -48.72 -13.57 1.04
CA ASN C 203 -49.16 -12.20 0.82
C ASN C 203 -49.14 -11.78 -0.65
N ASN C 204 -48.72 -12.68 -1.53
CA ASN C 204 -48.64 -12.38 -2.96
C ASN C 204 -49.30 -13.47 -3.81
N ARG C 205 -50.54 -13.21 -4.23
CA ARG C 205 -51.29 -14.17 -5.06
C ARG C 205 -50.49 -14.57 -6.29
N GLY C 206 -50.40 -15.89 -6.51
CA GLY C 206 -49.67 -16.38 -7.67
C GLY C 206 -48.16 -16.44 -7.48
N ALA C 207 -47.66 -15.95 -6.36
CA ALA C 207 -46.21 -15.96 -6.12
C ALA C 207 -45.66 -17.37 -5.97
N ARG C 208 -44.51 -17.60 -6.59
CA ARG C 208 -43.83 -18.87 -6.52
C ARG C 208 -42.39 -18.52 -6.15
N VAL C 209 -42.02 -18.86 -4.92
CA VAL C 209 -40.71 -18.54 -4.37
C VAL C 209 -39.67 -19.65 -4.45
N LEU C 210 -38.55 -19.32 -5.06
CA LEU C 210 -37.45 -20.26 -5.14
C LEU C 210 -36.62 -19.98 -3.89
N VAL C 211 -36.48 -20.98 -3.03
CA VAL C 211 -35.71 -20.83 -1.79
C VAL C 211 -34.43 -21.67 -1.88
N ILE C 212 -33.29 -21.07 -1.61
CA ILE C 212 -32.03 -21.81 -1.69
C ILE C 212 -31.07 -21.54 -0.54
N CYS C 213 -30.49 -22.62 -0.02
CA CYS C 213 -29.50 -22.54 1.04
C CYS C 213 -28.30 -23.27 0.44
N SER C 214 -27.16 -22.59 0.35
CA SER C 214 -25.95 -23.18 -0.24
C SER C 214 -24.77 -22.92 0.69
N GLU C 215 -24.18 -24.00 1.19
CA GLU C 215 -23.07 -23.91 2.14
C GLU C 215 -21.84 -24.72 1.76
N THR C 216 -20.67 -24.19 2.10
CA THR C 216 -19.43 -24.89 1.82
C THR C 216 -18.36 -24.52 2.84
N THR C 217 -17.56 -25.51 3.26
CA THR C 217 -16.50 -25.27 4.23
C THR C 217 -15.26 -24.60 3.64
N ALA C 218 -15.36 -24.21 2.37
CA ALA C 218 -14.25 -23.53 1.71
C ALA C 218 -13.84 -22.33 2.54
N VAL C 219 -14.80 -21.75 3.25
CA VAL C 219 -14.54 -20.58 4.07
C VAL C 219 -14.24 -20.86 5.54
N THR C 220 -14.49 -22.09 5.99
CA THR C 220 -14.25 -22.44 7.39
C THR C 220 -13.12 -23.43 7.64
N PHE C 221 -12.78 -24.23 6.64
CA PHE C 221 -11.71 -25.21 6.77
C PHE C 221 -10.37 -24.55 7.05
N ARG C 222 -9.66 -25.10 8.03
CA ARG C 222 -8.34 -24.60 8.39
C ARG C 222 -7.65 -25.66 9.24
N GLY C 223 -6.33 -25.51 9.38
CA GLY C 223 -5.57 -26.46 10.17
C GLY C 223 -5.95 -26.50 11.64
N PRO C 224 -5.60 -27.58 12.35
CA PRO C 224 -5.91 -27.75 13.77
C PRO C 224 -4.95 -27.00 14.69
N SER C 225 -5.45 -26.59 15.85
CA SER C 225 -4.66 -25.88 16.86
C SER C 225 -4.92 -26.46 18.24
N GLU C 226 -3.90 -27.09 18.81
CA GLU C 226 -3.98 -27.71 20.13
C GLU C 226 -4.45 -26.74 21.22
N THR C 227 -4.43 -25.45 20.93
CA THR C 227 -4.83 -24.43 21.90
C THR C 227 -6.09 -23.68 21.51
N HIS C 228 -6.92 -24.27 20.66
CA HIS C 228 -8.14 -23.62 20.21
C HIS C 228 -9.32 -24.56 20.03
N ASP C 230 -12.57 -25.02 21.29
CA ASP C 230 -13.58 -25.24 20.21
C ASP C 230 -12.88 -25.58 18.90
N SER C 231 -12.98 -24.65 17.94
CA SER C 231 -12.37 -24.75 16.61
C SER C 231 -12.18 -26.14 16.00
N LEU C 232 -11.50 -27.03 16.72
CA LEU C 232 -11.23 -28.38 16.25
C LEU C 232 -12.47 -29.21 15.94
N VAL C 233 -13.46 -29.20 16.84
CA VAL C 233 -14.69 -29.96 16.63
C VAL C 233 -15.36 -29.65 15.29
N GLY C 234 -15.44 -28.37 14.96
CA GLY C 234 -16.07 -27.97 13.71
C GLY C 234 -15.48 -28.63 12.48
N GLN C 235 -14.16 -28.83 12.48
CA GLN C 235 -13.50 -29.46 11.33
C GLN C 235 -13.96 -30.89 11.11
N ALA C 236 -14.57 -31.49 12.13
CA ALA C 236 -15.05 -32.86 12.01
C ALA C 236 -16.51 -32.95 11.61
N LEU C 237 -17.27 -31.88 11.84
CA LEU C 237 -18.70 -31.90 11.55
C LEU C 237 -19.22 -31.18 10.31
N PHE C 238 -18.64 -30.03 9.97
CA PHE C 238 -19.13 -29.25 8.83
C PHE C 238 -18.94 -29.88 7.45
N GLY C 239 -20.02 -29.88 6.68
CA GLY C 239 -20.00 -30.44 5.33
C GLY C 239 -20.55 -29.46 4.30
N ASP C 240 -20.47 -29.84 3.03
CA ASP C 240 -20.95 -28.98 1.94
C ASP C 240 -22.25 -29.45 1.32
N GLY C 241 -23.02 -28.49 0.83
CA GLY C 241 -24.28 -28.85 0.19
C GLY C 241 -25.22 -27.68 0.04
N ALA C 242 -26.22 -27.88 -0.80
CA ALA C 242 -27.22 -26.86 -1.06
C ALA C 242 -28.59 -27.51 -1.19
N SER C 243 -29.61 -26.83 -0.68
CA SER C 243 -30.97 -27.32 -0.75
C SER C 243 -31.76 -26.26 -1.50
N ALA C 244 -32.82 -26.67 -2.17
CA ALA C 244 -33.64 -25.72 -2.90
C ALA C 244 -35.10 -26.14 -2.73
N LEU C 245 -35.98 -25.16 -2.61
CA LEU C 245 -37.40 -25.45 -2.47
C LEU C 245 -38.20 -24.51 -3.34
N ILE C 246 -39.41 -24.94 -3.68
CA ILE C 246 -40.33 -24.08 -4.42
C ILE C 246 -41.47 -23.93 -3.40
N VAL C 247 -41.77 -22.70 -3.03
CA VAL C 247 -42.83 -22.46 -2.06
C VAL C 247 -43.88 -21.53 -2.66
N GLY C 248 -45.15 -21.86 -2.45
CA GLY C 248 -46.21 -21.03 -2.97
C GLY C 248 -47.53 -21.41 -2.36
N ALA C 249 -48.46 -20.47 -2.33
CA ALA C 249 -49.78 -20.75 -1.78
C ALA C 249 -50.73 -21.10 -2.92
N ASP C 250 -51.81 -21.80 -2.60
CA ASP C 250 -52.81 -22.12 -3.62
C ASP C 250 -52.22 -22.92 -4.80
N PRO C 251 -51.73 -24.14 -4.55
CA PRO C 251 -51.15 -24.96 -5.62
C PRO C 251 -52.20 -25.41 -6.63
N ILE C 252 -51.82 -25.48 -7.90
CA ILE C 252 -52.73 -25.88 -8.97
C ILE C 252 -53.05 -27.36 -8.87
N PRO C 253 -54.31 -27.69 -8.58
CA PRO C 253 -54.71 -29.11 -8.47
C PRO C 253 -54.35 -29.88 -9.73
N GLN C 254 -53.83 -31.08 -9.54
CA GLN C 254 -53.41 -31.96 -10.64
C GLN C 254 -52.22 -31.45 -11.42
N VAL C 255 -51.64 -30.33 -11.00
CA VAL C 255 -50.48 -29.77 -11.68
C VAL C 255 -49.31 -29.66 -10.70
N GLU C 256 -49.52 -28.90 -9.62
CA GLU C 256 -48.48 -28.75 -8.61
C GLU C 256 -48.81 -29.70 -7.46
N LYS C 257 -47.80 -30.16 -6.74
CA LYS C 257 -48.04 -31.07 -5.61
C LYS C 257 -47.32 -30.57 -4.37
N ALA C 258 -48.08 -30.31 -3.32
CA ALA C 258 -47.50 -29.85 -2.07
C ALA C 258 -47.13 -31.06 -1.25
N CYS C 259 -46.07 -30.95 -0.46
CA CYS C 259 -45.68 -32.06 0.41
C CYS C 259 -45.79 -31.61 1.87
N PHE C 260 -45.71 -30.30 2.08
CA PHE C 260 -45.82 -29.74 3.42
C PHE C 260 -46.40 -28.33 3.37
N GLU C 261 -47.04 -27.93 4.46
CA GLU C 261 -47.60 -26.59 4.57
C GLU C 261 -46.90 -25.90 5.74
N ILE C 262 -46.54 -24.63 5.55
CA ILE C 262 -45.87 -23.86 6.59
C ILE C 262 -47.00 -23.17 7.35
N VAL C 263 -47.33 -23.72 8.52
CA VAL C 263 -48.43 -23.22 9.34
C VAL C 263 -48.17 -22.02 10.26
N TRP C 264 -47.09 -22.08 11.02
CA TRP C 264 -46.78 -21.06 12.01
C TRP C 264 -45.27 -21.10 12.29
N THR C 265 -44.69 -19.96 12.64
CA THR C 265 -43.27 -19.91 12.94
C THR C 265 -42.95 -18.99 14.10
N ALA C 266 -41.73 -19.11 14.60
CA ALA C 266 -41.25 -18.30 15.69
C ALA C 266 -39.72 -18.34 15.73
N GLN C 267 -39.13 -17.32 16.34
CA GLN C 267 -37.69 -17.26 16.50
C GLN C 267 -37.42 -16.71 17.88
N THR C 268 -36.45 -17.26 18.59
CA THR C 268 -36.15 -16.75 19.91
C THR C 268 -34.69 -16.96 20.25
N VAL C 269 -34.26 -16.32 21.33
CA VAL C 269 -32.88 -16.38 21.77
C VAL C 269 -32.74 -16.97 23.17
N VAL C 270 -31.85 -17.94 23.33
CA VAL C 270 -31.62 -18.57 24.61
C VAL C 270 -30.83 -17.60 25.50
N PRO C 271 -31.31 -17.35 26.72
CA PRO C 271 -30.65 -16.44 27.67
C PRO C 271 -29.18 -16.74 27.92
N ASN C 272 -28.39 -15.67 28.09
CA ASN C 272 -26.97 -15.78 28.38
C ASN C 272 -26.26 -16.89 27.60
N SER C 273 -26.29 -16.81 26.28
CA SER C 273 -25.65 -17.83 25.46
C SER C 273 -24.98 -17.23 24.23
N GLU C 274 -24.68 -15.93 24.32
CA GLU C 274 -24.05 -15.19 23.23
C GLU C 274 -22.86 -15.87 22.53
N GLY C 275 -21.89 -16.31 23.31
CA GLY C 275 -20.73 -16.94 22.73
C GLY C 275 -20.77 -18.45 22.57
N ALA C 276 -21.94 -19.05 22.77
CA ALA C 276 -22.05 -20.51 22.64
C ALA C 276 -21.79 -20.95 21.20
N ILE C 277 -22.25 -20.15 20.25
CA ILE C 277 -22.05 -20.43 18.82
C ILE C 277 -21.81 -19.09 18.14
N GLY C 278 -20.67 -18.96 17.48
CA GLY C 278 -20.38 -17.72 16.80
C GLY C 278 -19.36 -17.84 15.69
N GLY C 279 -19.23 -16.76 14.93
CA GLY C 279 -18.30 -16.75 13.82
C GLY C 279 -17.81 -15.33 13.57
N LYS C 280 -16.64 -15.21 12.95
CA LYS C 280 -16.08 -13.91 12.66
C LYS C 280 -15.47 -13.90 11.27
N VAL C 281 -15.87 -12.93 10.45
CA VAL C 281 -15.32 -12.81 9.10
C VAL C 281 -14.06 -11.96 9.26
N ARG C 282 -12.90 -12.60 9.16
CA ARG C 282 -11.64 -11.90 9.33
C ARG C 282 -10.63 -12.18 8.22
N GLU C 283 -9.45 -11.59 8.34
CA GLU C 283 -8.42 -11.76 7.33
C GLU C 283 -7.99 -13.20 7.12
N VAL C 284 -8.22 -14.05 8.12
CA VAL C 284 -7.87 -15.46 8.03
C VAL C 284 -9.09 -16.28 7.60
N GLY C 285 -10.11 -15.58 7.13
CA GLY C 285 -11.33 -16.25 6.69
C GLY C 285 -12.38 -16.23 7.79
N LEU C 286 -13.32 -17.16 7.73
CA LEU C 286 -14.36 -17.22 8.74
C LEU C 286 -13.98 -18.16 9.87
N THR C 287 -13.71 -17.58 11.05
CA THR C 287 -13.38 -18.39 12.21
C THR C 287 -14.68 -18.58 12.95
N PHE C 288 -14.79 -19.66 13.72
CA PHE C 288 -16.01 -19.93 14.46
C PHE C 288 -15.71 -20.40 15.87
N GLN C 289 -16.71 -20.31 16.73
CA GLN C 289 -16.58 -20.76 18.11
C GLN C 289 -17.78 -21.63 18.42
N LEU C 290 -17.54 -22.73 19.13
CA LEU C 290 -18.57 -23.67 19.52
C LEU C 290 -18.28 -24.18 20.93
N LYS C 291 -19.13 -23.81 21.89
CA LYS C 291 -18.92 -24.24 23.27
C LYS C 291 -19.56 -25.61 23.51
N GLY C 292 -19.01 -26.35 24.45
CA GLY C 292 -19.54 -27.67 24.76
C GLY C 292 -20.93 -27.62 25.40
N ALA C 293 -21.31 -26.45 25.88
CA ALA C 293 -22.62 -26.29 26.53
C ALA C 293 -23.80 -26.18 25.57
N VAL C 294 -23.52 -26.14 24.27
CA VAL C 294 -24.58 -26.00 23.28
C VAL C 294 -25.71 -27.02 23.42
N PRO C 295 -25.37 -28.33 23.47
CA PRO C 295 -26.43 -29.34 23.60
C PRO C 295 -27.32 -29.09 24.81
N ASP C 296 -26.71 -28.80 25.95
CA ASP C 296 -27.46 -28.55 27.17
C ASP C 296 -28.33 -27.30 27.09
N LEU C 297 -27.79 -26.24 26.51
CA LEU C 297 -28.53 -24.99 26.35
C LEU C 297 -29.78 -25.19 25.49
N ILE C 298 -29.63 -25.86 24.36
CA ILE C 298 -30.76 -26.11 23.47
C ILE C 298 -31.81 -26.99 24.13
N SER C 299 -31.40 -28.18 24.57
CA SER C 299 -32.33 -29.12 25.20
C SER C 299 -32.98 -28.52 26.45
N ALA C 300 -32.29 -27.59 27.10
CA ALA C 300 -32.84 -26.98 28.30
C ALA C 300 -33.93 -25.94 28.00
N ASN C 301 -33.98 -25.47 26.77
CA ASN C 301 -34.98 -24.47 26.40
C ASN C 301 -35.96 -24.95 25.33
N ILE C 302 -35.71 -26.15 24.81
CA ILE C 302 -36.54 -26.71 23.75
C ILE C 302 -38.00 -26.93 24.14
N GLU C 303 -38.24 -27.28 25.40
CA GLU C 303 -39.60 -27.51 25.87
C GLU C 303 -40.46 -26.24 25.75
N ASN C 304 -39.87 -25.10 26.11
CA ASN C 304 -40.59 -23.83 26.03
C ASN C 304 -41.01 -23.56 24.59
N CYS C 305 -40.13 -23.87 23.65
CA CYS C 305 -40.43 -23.67 22.24
C CYS C 305 -41.63 -24.52 21.81
N MET C 306 -41.66 -25.77 22.26
CA MET C 306 -42.75 -26.68 21.92
C MET C 306 -44.11 -26.20 22.46
N VAL C 307 -44.12 -25.76 23.71
CA VAL C 307 -45.35 -25.28 24.33
C VAL C 307 -45.84 -24.02 23.62
N GLU C 308 -44.93 -23.08 23.39
CA GLU C 308 -45.27 -21.84 22.71
C GLU C 308 -45.86 -22.10 21.32
N ALA C 309 -45.35 -23.12 20.64
CA ALA C 309 -45.81 -23.44 19.29
C ALA C 309 -47.05 -24.31 19.22
N PHE C 310 -47.14 -25.31 20.08
CA PHE C 310 -48.24 -26.25 20.01
C PHE C 310 -49.44 -26.14 20.95
N SER C 311 -49.33 -25.33 22.01
CA SER C 311 -50.47 -25.19 22.92
C SER C 311 -51.70 -24.72 22.17
N GLN C 312 -51.50 -23.82 21.20
CA GLN C 312 -52.58 -23.28 20.40
C GLN C 312 -53.27 -24.33 19.54
N PHE C 313 -52.63 -25.48 19.38
CA PHE C 313 -53.20 -26.57 18.58
C PHE C 313 -53.68 -27.71 19.48
N LYS C 314 -53.69 -27.47 20.78
CA LYS C 314 -54.15 -28.47 21.74
C LYS C 314 -53.31 -29.76 21.68
N ILE C 315 -52.02 -29.60 21.40
CA ILE C 315 -51.11 -30.74 21.33
C ILE C 315 -50.08 -30.62 22.44
N SER C 316 -49.91 -31.68 23.21
CA SER C 316 -48.96 -31.67 24.32
C SER C 316 -48.09 -32.91 24.33
N ASP C 317 -48.43 -33.86 23.46
CA ASP C 317 -47.70 -35.12 23.36
C ASP C 317 -46.79 -34.97 22.13
N TRP C 318 -45.50 -34.75 22.38
CA TRP C 318 -44.53 -34.54 21.32
C TRP C 318 -44.37 -35.73 20.37
N ASN C 319 -44.76 -36.91 20.84
CA ASN C 319 -44.64 -38.11 20.00
C ASN C 319 -45.78 -38.23 18.99
N LYS C 320 -46.69 -37.26 19.00
CA LYS C 320 -47.80 -37.26 18.05
C LYS C 320 -47.45 -36.39 16.84
N LEU C 321 -46.21 -35.89 16.81
CA LEU C 321 -45.74 -35.04 15.72
C LEU C 321 -44.58 -35.66 14.98
N PHE C 322 -44.35 -35.23 13.74
CA PHE C 322 -43.20 -35.72 13.01
C PHE C 322 -42.12 -34.65 13.26
N TRP C 323 -40.87 -35.09 13.30
CA TRP C 323 -39.75 -34.22 13.62
C TRP C 323 -38.67 -33.96 12.58
N VAL C 324 -38.15 -32.74 12.60
CA VAL C 324 -37.07 -32.32 11.72
C VAL C 324 -36.18 -31.43 12.60
N VAL C 325 -34.97 -31.91 12.89
CA VAL C 325 -34.07 -31.17 13.75
C VAL C 325 -32.71 -30.86 13.11
N HIS C 326 -32.29 -29.60 13.17
CA HIS C 326 -30.99 -29.25 12.62
C HIS C 326 -29.96 -30.12 13.33
N PRO C 327 -29.24 -30.97 12.57
CA PRO C 327 -28.24 -31.88 13.11
C PRO C 327 -26.89 -31.20 13.38
N GLY C 328 -26.89 -30.23 14.29
CA GLY C 328 -25.68 -29.49 14.61
C GLY C 328 -24.60 -30.42 15.14
N GLY C 329 -25.03 -31.45 15.85
CA GLY C 329 -24.11 -32.43 16.41
C GLY C 329 -24.91 -33.54 17.05
N ARG C 330 -24.30 -34.72 17.16
CA ARG C 330 -24.95 -35.89 17.76
C ARG C 330 -25.54 -35.63 19.15
N ALA C 331 -24.74 -35.02 20.02
CA ALA C 331 -25.17 -34.74 21.39
C ALA C 331 -26.43 -33.89 21.48
N ILE C 332 -26.61 -32.95 20.56
CA ILE C 332 -27.80 -32.10 20.58
C ILE C 332 -29.02 -32.98 20.37
N LEU C 333 -28.95 -33.83 19.36
CA LEU C 333 -30.05 -34.74 19.06
C LEU C 333 -30.31 -35.69 20.22
N ASP C 334 -29.25 -36.21 20.82
CA ASP C 334 -29.41 -37.12 21.94
C ASP C 334 -30.09 -36.41 23.12
N ARG C 335 -29.62 -35.21 23.43
CA ARG C 335 -30.17 -34.45 24.53
C ARG C 335 -31.60 -34.00 24.29
N VAL C 336 -31.91 -33.63 23.06
CA VAL C 336 -33.27 -33.20 22.74
C VAL C 336 -34.19 -34.41 22.85
N GLU C 337 -33.77 -35.53 22.26
CA GLU C 337 -34.53 -36.77 22.30
C GLU C 337 -34.84 -37.16 23.75
N ALA C 338 -33.81 -37.19 24.60
CA ALA C 338 -34.00 -37.56 26.00
C ALA C 338 -34.87 -36.59 26.78
N LYS C 339 -34.61 -35.29 26.62
CA LYS C 339 -35.35 -34.24 27.31
C LYS C 339 -36.85 -34.25 27.02
N LEU C 340 -37.22 -34.47 25.76
CA LEU C 340 -38.62 -34.48 25.37
C LEU C 340 -39.23 -35.88 25.31
N ASN C 341 -38.46 -36.89 25.71
CA ASN C 341 -38.91 -38.27 25.69
C ASN C 341 -39.47 -38.69 24.34
N LEU C 342 -38.76 -38.33 23.28
CA LEU C 342 -39.18 -38.68 21.93
C LEU C 342 -38.87 -40.15 21.72
N ASP C 343 -39.74 -40.85 20.99
CA ASP C 343 -39.47 -42.25 20.75
C ASP C 343 -38.40 -42.39 19.67
N PRO C 344 -37.64 -43.47 19.75
CA PRO C 344 -36.54 -43.75 18.83
C PRO C 344 -36.80 -43.47 17.34
N THR C 345 -38.05 -43.45 16.92
CA THR C 345 -38.35 -43.23 15.51
C THR C 345 -38.37 -41.77 15.05
N LYS C 346 -38.58 -40.85 15.97
CA LYS C 346 -38.68 -39.44 15.63
C LYS C 346 -37.48 -38.83 14.91
N LEU C 347 -36.28 -39.11 15.40
CA LEU C 347 -35.08 -38.53 14.79
C LEU C 347 -34.36 -39.38 13.75
N ILE C 348 -35.02 -40.43 13.26
CA ILE C 348 -34.41 -41.30 12.27
C ILE C 348 -34.03 -40.54 10.99
N PRO C 349 -34.98 -39.83 10.37
CA PRO C 349 -34.66 -39.08 9.15
C PRO C 349 -33.57 -38.04 9.40
N THR C 350 -33.61 -37.40 10.57
CA THR C 350 -32.62 -36.38 10.94
C THR C 350 -31.23 -36.99 11.05
N ARG C 351 -31.13 -38.10 11.77
CA ARG C 351 -29.86 -38.79 11.98
C ARG C 351 -29.35 -39.42 10.67
N HIS C 352 -30.28 -39.77 9.78
CA HIS C 352 -29.92 -40.35 8.49
C HIS C 352 -29.13 -39.34 7.68
N VAL C 353 -29.68 -38.12 7.59
CA VAL C 353 -29.02 -37.05 6.84
C VAL C 353 -27.67 -36.68 7.45
N MET C 354 -27.61 -36.58 8.78
CA MET C 354 -26.34 -36.23 9.42
C MET C 354 -25.25 -37.26 9.14
N SER C 355 -25.64 -38.53 9.10
CA SER C 355 -24.71 -39.62 8.84
C SER C 355 -24.12 -39.58 7.44
N GLU C 356 -24.98 -39.31 6.46
CA GLU C 356 -24.56 -39.27 5.06
C GLU C 356 -24.02 -37.93 4.56
N TYR C 357 -24.31 -36.85 5.27
CA TYR C 357 -23.88 -35.53 4.81
C TYR C 357 -23.14 -34.65 5.81
N GLY C 358 -23.29 -34.94 7.09
CA GLY C 358 -22.65 -34.12 8.09
C GLY C 358 -23.47 -32.86 8.31
N ASN C 359 -22.90 -31.89 9.00
CA ASN C 359 -23.57 -30.63 9.30
C ASN C 359 -23.37 -29.61 8.17
N MET C 360 -24.35 -29.51 7.28
CA MET C 360 -24.29 -28.59 6.16
C MET C 360 -24.97 -27.27 6.52
N SER C 361 -24.94 -26.93 7.80
CA SER C 361 -25.53 -25.69 8.26
C SER C 361 -27.01 -25.54 7.87
N SER C 362 -27.36 -24.40 7.28
CA SER C 362 -28.74 -24.11 6.93
C SER C 362 -29.48 -25.11 6.03
N ALA C 363 -28.77 -25.75 5.11
CA ALA C 363 -29.43 -26.71 4.21
C ALA C 363 -29.92 -28.01 4.88
N CYS C 364 -29.33 -28.37 6.01
CA CYS C 364 -29.69 -29.60 6.70
C CYS C 364 -31.16 -29.92 6.86
N VAL C 365 -31.93 -29.02 7.48
CA VAL C 365 -33.34 -29.27 7.70
C VAL C 365 -34.12 -29.53 6.41
N HIS C 366 -33.68 -28.95 5.30
CA HIS C 366 -34.39 -29.18 4.03
C HIS C 366 -34.10 -30.58 3.51
N PHE C 367 -32.87 -31.04 3.69
CA PHE C 367 -32.48 -32.40 3.28
C PHE C 367 -33.31 -33.36 4.12
N ILE C 368 -33.53 -33.01 5.38
CA ILE C 368 -34.29 -33.85 6.28
C ILE C 368 -35.77 -33.91 5.88
N LEU C 369 -36.33 -32.78 5.44
CA LEU C 369 -37.73 -32.76 5.02
C LEU C 369 -37.92 -33.70 3.83
N ASP C 370 -36.96 -33.70 2.92
CA ASP C 370 -37.01 -34.55 1.73
C ASP C 370 -36.95 -36.03 2.15
N GLN C 371 -36.09 -36.34 3.11
CA GLN C 371 -35.94 -37.71 3.60
C GLN C 371 -37.23 -38.12 4.34
N THR C 372 -37.87 -37.16 5.00
CA THR C 372 -39.10 -37.42 5.72
C THR C 372 -40.26 -37.78 4.79
N ARG C 373 -40.48 -36.97 3.76
CA ARG C 373 -41.58 -37.27 2.84
C ARG C 373 -41.31 -38.56 2.06
N LYS C 374 -40.04 -38.79 1.71
CA LYS C 374 -39.67 -39.99 0.97
C LYS C 374 -39.87 -41.25 1.81
N ALA C 375 -39.36 -41.23 3.03
CA ALA C 375 -39.50 -42.38 3.91
C ALA C 375 -40.97 -42.66 4.23
N SER C 376 -41.75 -41.60 4.43
CA SER C 376 -43.17 -41.76 4.73
C SER C 376 -43.88 -42.47 3.58
N LEU C 377 -43.55 -42.07 2.36
CA LEU C 377 -44.14 -42.68 1.18
C LEU C 377 -43.72 -44.14 1.11
N GLN C 378 -42.43 -44.39 1.22
CA GLN C 378 -41.88 -45.74 1.17
C GLN C 378 -42.42 -46.68 2.26
N ASN C 379 -42.74 -46.12 3.42
CA ASN C 379 -43.25 -46.94 4.52
C ASN C 379 -44.75 -47.18 4.48
N GLY C 380 -45.39 -46.69 3.43
CA GLY C 380 -46.83 -46.86 3.28
C GLY C 380 -47.64 -45.99 4.23
N CYS C 381 -47.04 -44.91 4.71
CA CYS C 381 -47.72 -44.01 5.63
C CYS C 381 -48.85 -43.27 4.93
N SER C 382 -49.81 -42.78 5.71
CA SER C 382 -50.96 -42.06 5.19
C SER C 382 -50.71 -40.57 4.89
N THR C 383 -49.62 -40.01 5.41
CA THR C 383 -49.27 -38.61 5.17
C THR C 383 -47.77 -38.49 4.93
N THR C 384 -47.35 -37.35 4.38
CA THR C 384 -45.93 -37.11 4.10
C THR C 384 -45.16 -36.91 5.40
N GLY C 385 -45.87 -36.94 6.52
CA GLY C 385 -45.24 -36.76 7.81
C GLY C 385 -45.35 -38.03 8.64
N GLU C 386 -44.94 -39.15 8.06
CA GLU C 386 -44.98 -40.44 8.75
C GLU C 386 -46.38 -40.77 9.25
N GLY C 387 -47.40 -40.35 8.53
CA GLY C 387 -48.76 -40.65 8.93
C GLY C 387 -49.37 -39.69 9.96
N LEU C 388 -48.58 -38.73 10.41
CA LEU C 388 -49.06 -37.76 11.39
C LEU C 388 -49.47 -36.46 10.71
N GLU C 389 -50.36 -35.70 11.34
CA GLU C 389 -50.81 -34.45 10.73
C GLU C 389 -49.88 -33.25 10.95
N MET C 390 -49.41 -33.06 12.16
CA MET C 390 -48.53 -31.92 12.47
C MET C 390 -47.09 -32.33 12.72
N GLY C 391 -46.19 -31.40 12.44
CA GLY C 391 -44.77 -31.65 12.65
C GLY C 391 -44.04 -30.38 13.07
N VAL C 392 -42.83 -30.53 13.55
CA VAL C 392 -42.05 -29.37 13.98
C VAL C 392 -40.66 -29.43 13.36
N LEU C 393 -40.17 -28.29 12.92
CA LEU C 393 -38.85 -28.21 12.33
C LEU C 393 -38.09 -27.20 13.15
N PHE C 394 -36.87 -27.56 13.55
CA PHE C 394 -36.05 -26.69 14.37
C PHE C 394 -34.71 -26.32 13.73
N GLY C 395 -34.36 -25.05 13.84
CA GLY C 395 -33.08 -24.56 13.37
C GLY C 395 -32.34 -23.98 14.57
N PHE C 396 -31.05 -24.28 14.71
CA PHE C 396 -30.26 -23.75 15.83
C PHE C 396 -29.05 -23.02 15.25
N GLY C 397 -28.62 -21.94 15.89
CA GLY C 397 -27.47 -21.21 15.39
C GLY C 397 -27.00 -20.09 16.31
N PRO C 398 -26.08 -19.24 15.84
CA PRO C 398 -25.55 -18.13 16.62
C PRO C 398 -26.63 -17.34 17.36
N GLY C 399 -26.44 -17.15 18.67
CA GLY C 399 -27.42 -16.41 19.45
C GLY C 399 -27.34 -16.58 20.97
N LEU C 400 -27.60 -17.78 21.47
CA LEU C 400 -27.97 -18.92 20.64
C LEU C 400 -29.40 -18.73 20.16
N THR C 401 -29.61 -18.87 18.85
CA THR C 401 -30.92 -18.67 18.26
C THR C 401 -31.64 -19.98 17.91
N ILE C 402 -32.93 -20.01 18.18
CA ILE C 402 -33.74 -21.18 17.85
C ILE C 402 -34.91 -20.77 16.97
N GLU C 403 -34.96 -21.32 15.76
CA GLU C 403 -36.04 -21.05 14.82
C GLU C 403 -37.03 -22.22 14.93
N THR C 404 -38.31 -21.91 15.16
CA THR C 404 -39.33 -22.94 15.24
C THR C 404 -40.28 -22.82 14.05
N VAL C 405 -40.48 -23.92 13.35
CA VAL C 405 -41.41 -23.94 12.22
C VAL C 405 -42.40 -25.09 12.40
N VAL C 406 -43.69 -24.75 12.47
CA VAL C 406 -44.74 -25.74 12.62
C VAL C 406 -45.23 -26.09 11.23
N LEU C 407 -45.23 -27.39 10.92
CA LEU C 407 -45.64 -27.85 9.61
C LEU C 407 -46.87 -28.77 9.67
N LYS C 408 -47.52 -28.89 8.53
CA LYS C 408 -48.66 -29.77 8.39
C LYS C 408 -48.33 -30.62 7.20
N SER C 409 -48.47 -31.93 7.35
CA SER C 409 -48.18 -32.86 6.28
C SER C 409 -49.27 -32.77 5.22
N VAL C 410 -49.13 -33.61 4.20
CA VAL C 410 -50.09 -33.68 3.11
C VAL C 410 -50.50 -35.14 3.01
N PRO C 411 -51.78 -35.41 2.73
CA PRO C 411 -52.24 -36.80 2.61
C PRO C 411 -51.61 -37.53 1.42
N ILE C 412 -51.29 -38.80 1.61
CA ILE C 412 -50.69 -39.61 0.54
C ILE C 412 -51.73 -40.61 0.05
N PHE D 26 -58.37 -25.22 10.09
CA PHE D 26 -57.12 -24.53 9.64
C PHE D 26 -57.41 -23.35 8.71
N GLU D 27 -58.51 -23.44 7.95
CA GLU D 27 -58.90 -22.37 7.05
C GLU D 27 -59.14 -21.09 7.84
N GLY D 28 -59.91 -21.21 8.91
CA GLY D 28 -60.19 -20.05 9.75
C GLY D 28 -58.90 -19.50 10.32
N PHE D 29 -58.00 -20.41 10.70
CA PHE D 29 -56.71 -20.04 11.26
C PHE D 29 -55.94 -19.08 10.36
N ARG D 30 -55.81 -19.42 9.08
CA ARG D 30 -55.09 -18.60 8.12
C ARG D 30 -55.69 -17.19 8.03
N LYS D 31 -57.01 -17.09 7.99
CA LYS D 31 -57.69 -15.79 7.88
C LYS D 31 -57.49 -14.94 9.12
N LEU D 32 -57.41 -15.57 10.28
CA LEU D 32 -57.19 -14.86 11.54
C LEU D 32 -55.72 -14.49 11.71
N GLN D 33 -54.85 -15.33 11.16
CA GLN D 33 -53.41 -15.13 11.24
C GLN D 33 -52.91 -13.89 10.48
N ARG D 34 -53.57 -13.54 9.38
CA ARG D 34 -53.18 -12.40 8.55
C ARG D 34 -53.90 -11.09 8.85
N ALA D 35 -53.26 -9.97 8.50
CA ALA D 35 -53.82 -8.64 8.71
C ALA D 35 -54.83 -8.27 7.63
N ASP D 36 -55.50 -7.14 7.78
CA ASP D 36 -56.52 -6.72 6.82
C ASP D 36 -56.15 -5.68 5.75
N GLY D 37 -55.51 -4.59 6.17
CA GLY D 37 -55.17 -3.55 5.20
C GLY D 37 -53.72 -3.50 4.73
N PHE D 38 -53.36 -2.36 4.15
CA PHE D 38 -52.01 -2.15 3.63
C PHE D 38 -50.97 -1.90 4.71
N ALA D 39 -49.76 -2.40 4.50
CA ALA D 39 -48.67 -2.18 5.44
C ALA D 39 -48.44 -0.67 5.41
N SER D 40 -48.37 -0.04 6.58
CA SER D 40 -48.17 1.40 6.67
C SER D 40 -46.99 1.81 7.54
N ILE D 41 -46.36 2.93 7.18
CA ILE D 41 -45.25 3.46 7.98
C ILE D 41 -45.90 4.25 9.10
N LEU D 42 -45.70 3.80 10.33
CA LEU D 42 -46.30 4.44 11.50
C LEU D 42 -45.36 5.39 12.23
N ALA D 43 -44.10 5.39 11.83
CA ALA D 43 -43.11 6.26 12.46
C ALA D 43 -41.76 6.17 11.76
N ILE D 44 -41.01 7.25 11.83
CA ILE D 44 -39.68 7.29 11.23
C ILE D 44 -38.75 8.06 12.16
N GLY D 45 -37.63 7.43 12.49
CA GLY D 45 -36.65 8.07 13.33
C GLY D 45 -35.31 7.99 12.62
N THR D 46 -34.41 8.93 12.89
CA THR D 46 -33.10 8.92 12.26
C THR D 46 -32.03 9.29 13.27
N ALA D 47 -30.78 9.01 12.92
CA ALA D 47 -29.66 9.33 13.78
C ALA D 47 -28.38 9.36 12.97
N ASN D 48 -27.37 10.08 13.46
CA ASN D 48 -26.10 10.18 12.78
C ASN D 48 -25.00 10.39 13.81
N PRO D 49 -23.75 10.06 13.47
CA PRO D 49 -22.64 10.25 14.42
C PRO D 49 -22.60 11.74 14.78
N PRO D 50 -22.09 12.09 15.96
CA PRO D 50 -22.01 13.48 16.42
C PRO D 50 -21.11 14.39 15.56
N ASN D 51 -20.08 13.81 14.97
CA ASN D 51 -19.11 14.56 14.16
C ASN D 51 -19.58 15.00 12.78
N ALA D 52 -19.91 16.28 12.64
CA ALA D 52 -20.35 16.81 11.35
C ALA D 52 -19.10 17.24 10.56
N VAL D 53 -19.00 16.78 9.32
CA VAL D 53 -17.86 17.09 8.47
C VAL D 53 -18.22 18.01 7.31
N ASP D 54 -17.68 19.23 7.34
CA ASP D 54 -17.95 20.20 6.30
C ASP D 54 -17.30 19.79 4.98
N GLN D 55 -18.11 19.70 3.93
CA GLN D 55 -17.64 19.31 2.62
C GLN D 55 -16.67 20.32 2.02
N SER D 56 -16.93 21.61 2.28
CA SER D 56 -16.09 22.68 1.74
C SER D 56 -14.64 22.60 2.19
N THR D 57 -14.39 21.97 3.34
CA THR D 57 -13.02 21.84 3.86
C THR D 57 -12.53 20.40 3.86
N TYR D 58 -13.34 19.48 3.39
CA TYR D 58 -12.95 18.08 3.40
C TYR D 58 -11.72 17.71 2.56
N PRO D 59 -11.58 18.25 1.34
CA PRO D 59 -10.41 17.89 0.53
C PRO D 59 -9.08 18.04 1.26
N ASP D 60 -8.87 19.19 1.91
CA ASP D 60 -7.63 19.45 2.64
C ASP D 60 -7.48 18.47 3.80
N PHE D 61 -8.56 18.26 4.53
CA PHE D 61 -8.54 17.36 5.67
C PHE D 61 -8.25 15.93 5.24
N TYR D 62 -9.04 15.45 4.28
CA TYR D 62 -8.90 14.10 3.76
C TYR D 62 -7.46 13.80 3.31
N PHE D 63 -6.94 14.63 2.41
CA PHE D 63 -5.60 14.42 1.90
C PHE D 63 -4.51 14.56 2.96
N ARG D 64 -4.75 15.37 3.98
CA ARG D 64 -3.76 15.54 5.03
C ARG D 64 -3.75 14.32 5.94
N ILE D 65 -4.88 14.04 6.59
CA ILE D 65 -4.99 12.91 7.51
C ILE D 65 -4.56 11.59 6.88
N THR D 66 -4.60 11.55 5.54
CA THR D 66 -4.21 10.35 4.80
C THR D 66 -2.75 10.42 4.36
N GLY D 67 -2.07 11.49 4.78
CA GLY D 67 -0.66 11.67 4.43
C GLY D 67 -0.43 11.85 2.94
N ASN D 68 -1.39 12.49 2.27
CA ASN D 68 -1.28 12.71 0.84
C ASN D 68 -1.25 14.17 0.43
N GLU D 69 -1.02 15.05 1.41
CA GLU D 69 -0.92 16.47 1.10
C GLU D 69 0.16 16.53 0.04
N HIS D 70 -0.03 17.39 -0.96
CA HIS D 70 0.89 17.58 -2.09
C HIS D 70 0.28 17.16 -3.43
N ASN D 71 -1.05 17.20 -3.51
CA ASN D 71 -1.81 16.85 -4.72
C ASN D 71 -1.88 15.36 -5.01
N ASP D 76 -6.47 17.46 -6.27
CA ASP D 76 -7.19 18.66 -6.79
C ASP D 76 -8.45 18.23 -7.53
N LYS D 77 -8.43 17.03 -8.10
CA LYS D 77 -9.60 16.54 -8.81
C LYS D 77 -10.63 16.13 -7.76
N PHE D 78 -10.16 15.82 -6.55
CA PHE D 78 -11.05 15.44 -5.46
C PHE D 78 -11.85 16.69 -5.10
N LYS D 79 -11.19 17.84 -5.14
CA LYS D 79 -11.85 19.10 -4.84
C LYS D 79 -12.99 19.32 -5.82
N ARG D 80 -12.71 19.09 -7.10
CA ARG D 80 -13.73 19.25 -8.13
C ARG D 80 -14.94 18.38 -7.76
N ILE D 81 -14.68 17.10 -7.50
CA ILE D 81 -15.73 16.16 -7.14
C ILE D 81 -16.55 16.60 -5.94
N CYS D 82 -15.90 17.05 -4.87
CA CYS D 82 -16.62 17.50 -3.68
C CYS D 82 -17.46 18.75 -3.94
N GLU D 83 -16.93 19.66 -4.74
CA GLU D 83 -17.66 20.89 -5.04
C GLU D 83 -18.88 20.63 -5.91
N ARG D 84 -18.85 19.57 -6.69
CA ARG D 84 -19.96 19.22 -7.57
C ARG D 84 -20.95 18.22 -6.97
N SER D 85 -20.63 17.69 -5.80
CA SER D 85 -21.48 16.71 -5.13
C SER D 85 -22.81 17.25 -4.64
N ALA D 86 -22.89 18.57 -4.43
CA ALA D 86 -24.11 19.20 -3.93
C ALA D 86 -24.38 18.65 -2.52
N ILE D 87 -23.29 18.32 -1.83
CA ILE D 87 -23.34 17.81 -0.48
C ILE D 87 -22.64 18.86 0.36
N LYS D 88 -23.37 19.45 1.31
CA LYS D 88 -22.80 20.48 2.17
C LYS D 88 -22.05 19.84 3.33
N GLN D 89 -22.63 18.79 3.90
CA GLN D 89 -21.99 18.13 5.03
C GLN D 89 -22.36 16.66 5.16
N ARG D 90 -21.54 15.95 5.92
CA ARG D 90 -21.74 14.54 6.19
C ARG D 90 -21.37 14.29 7.64
N TYR D 91 -21.98 13.27 8.23
CA TYR D 91 -21.69 12.91 9.61
C TYR D 91 -20.82 11.65 9.54
N MET D 92 -19.70 11.68 10.24
CA MET D 92 -18.78 10.55 10.20
C MET D 92 -18.34 10.03 11.56
N TYR D 93 -18.40 8.71 11.71
CA TYR D 93 -17.96 8.06 12.93
C TYR D 93 -16.45 8.29 13.01
N LEU D 94 -15.79 8.15 11.86
CA LEU D 94 -14.35 8.33 11.79
C LEU D 94 -13.94 9.78 12.03
N THR D 95 -13.35 10.03 13.20
CA THR D 95 -12.89 11.36 13.56
C THR D 95 -11.39 11.39 13.32
N GLU D 96 -10.78 12.57 13.43
CA GLU D 96 -9.35 12.67 13.22
C GLU D 96 -8.62 11.81 14.24
N GLU D 97 -9.09 11.83 15.48
CA GLU D 97 -8.47 11.06 16.56
C GLU D 97 -8.47 9.55 16.26
N ILE D 98 -9.59 9.05 15.74
CA ILE D 98 -9.69 7.63 15.41
C ILE D 98 -8.79 7.27 14.24
N LEU D 99 -8.76 8.12 13.22
CA LEU D 99 -7.92 7.86 12.05
C LEU D 99 -6.44 7.86 12.46
N LYS D 100 -6.07 8.75 13.38
CA LYS D 100 -4.70 8.85 13.84
C LYS D 100 -4.28 7.57 14.57
N LYS D 101 -5.24 6.92 15.22
CA LYS D 101 -4.95 5.69 15.95
C LYS D 101 -5.11 4.47 15.06
N ASN D 102 -5.59 4.69 13.84
CA ASN D 102 -5.78 3.61 12.87
C ASN D 102 -5.20 3.99 11.52
N PRO D 103 -3.86 4.12 11.42
CA PRO D 103 -3.22 4.48 10.16
C PRO D 103 -3.48 3.48 9.03
N ASP D 104 -3.79 2.25 9.38
CA ASP D 104 -4.05 1.22 8.37
C ASP D 104 -5.30 1.54 7.57
N VAL D 105 -6.24 2.25 8.19
CA VAL D 105 -7.48 2.64 7.51
C VAL D 105 -7.23 3.83 6.58
N CYS D 106 -6.14 4.56 6.84
CA CYS D 106 -5.78 5.73 6.04
C CYS D 106 -5.06 5.39 4.74
N ALA D 107 -4.48 4.20 4.66
CA ALA D 107 -3.80 3.79 3.43
C ALA D 107 -4.86 3.40 2.40
N PHE D 108 -4.43 3.19 1.16
CA PHE D 108 -5.37 2.79 0.12
C PHE D 108 -5.53 1.27 0.25
N VAL D 109 -4.55 0.51 -0.24
CA VAL D 109 -4.60 -0.95 -0.14
C VAL D 109 -3.21 -1.55 0.14
N GLU D 110 -2.27 -0.73 0.60
CA GLU D 110 -0.91 -1.18 0.88
C GLU D 110 -0.79 -2.13 2.07
N VAL D 111 -1.68 -1.98 3.03
CA VAL D 111 -1.70 -2.84 4.22
C VAL D 111 -3.11 -3.36 4.46
N PRO D 112 -3.25 -4.50 5.14
CA PRO D 112 -4.58 -5.04 5.41
C PRO D 112 -5.25 -4.15 6.46
N SER D 113 -6.57 -4.19 6.53
CA SER D 113 -7.28 -3.36 7.50
C SER D 113 -8.68 -3.89 7.87
N LEU D 114 -9.07 -5.03 7.31
CA LEU D 114 -10.38 -5.59 7.60
C LEU D 114 -10.65 -5.82 9.08
N ASP D 115 -9.75 -6.54 9.76
CA ASP D 115 -9.96 -6.82 11.17
C ASP D 115 -10.25 -5.55 11.97
N ALA D 116 -9.44 -4.52 11.75
CA ALA D 116 -9.61 -3.26 12.46
C ALA D 116 -10.98 -2.63 12.17
N ARG D 117 -11.38 -2.64 10.89
CA ARG D 117 -12.66 -2.09 10.48
C ARG D 117 -13.81 -2.89 11.09
N GLN D 118 -13.66 -4.21 11.12
CA GLN D 118 -14.69 -5.07 11.68
C GLN D 118 -15.00 -4.67 13.13
N ALA D 119 -13.95 -4.44 13.91
CA ALA D 119 -14.12 -4.05 15.30
C ALA D 119 -14.88 -2.73 15.39
N MET D 120 -14.62 -1.82 14.45
CA MET D 120 -15.31 -0.54 14.43
C MET D 120 -16.80 -0.74 14.13
N LEU D 121 -17.08 -1.59 13.15
CA LEU D 121 -18.46 -1.88 12.77
C LEU D 121 -19.22 -2.54 13.90
N ALA D 122 -18.57 -3.46 14.61
CA ALA D 122 -19.20 -4.16 15.72
C ALA D 122 -19.79 -3.16 16.72
N MET D 123 -19.08 -2.05 16.92
CA MET D 123 -19.50 -1.00 17.84
C MET D 123 -20.52 0.00 17.26
N GLU D 124 -20.09 0.71 16.21
CA GLU D 124 -20.87 1.77 15.57
C GLU D 124 -22.20 1.43 14.89
N VAL D 125 -22.26 0.34 14.12
CA VAL D 125 -23.51 0.01 13.46
C VAL D 125 -24.66 -0.19 14.47
N PRO D 126 -24.46 -1.05 15.49
CA PRO D 126 -25.52 -1.27 16.47
C PRO D 126 -25.87 0.02 17.22
N ARG D 127 -24.84 0.81 17.52
CA ARG D 127 -25.01 2.07 18.26
C ARG D 127 -25.89 3.07 17.51
N LEU D 128 -25.57 3.33 16.25
CA LEU D 128 -26.38 4.24 15.45
C LEU D 128 -27.78 3.71 15.31
N ALA D 129 -27.89 2.40 15.09
CA ALA D 129 -29.19 1.74 14.92
C ALA D 129 -30.09 1.94 16.14
N LYS D 130 -29.53 1.74 17.32
CA LYS D 130 -30.29 1.89 18.56
C LYS D 130 -30.87 3.29 18.66
N GLU D 131 -30.02 4.27 18.37
CA GLU D 131 -30.42 5.67 18.45
C GLU D 131 -31.58 6.02 17.52
N ALA D 132 -31.52 5.55 16.27
CA ALA D 132 -32.60 5.85 15.32
C ALA D 132 -33.86 5.11 15.75
N ALA D 133 -33.68 3.87 16.21
CA ALA D 133 -34.81 3.06 16.65
C ALA D 133 -35.54 3.72 17.82
N GLU D 134 -34.78 4.29 18.74
CA GLU D 134 -35.36 4.96 19.90
C GLU D 134 -36.27 6.12 19.48
N LYS D 135 -35.80 6.90 18.50
CA LYS D 135 -36.59 8.03 18.01
C LYS D 135 -37.87 7.59 17.32
N ALA D 136 -37.79 6.51 16.55
CA ALA D 136 -38.98 6.00 15.86
C ALA D 136 -40.00 5.52 16.89
N ILE D 137 -39.53 4.75 17.86
CA ILE D 137 -40.40 4.22 18.89
C ILE D 137 -41.02 5.37 19.71
N GLN D 138 -40.27 6.47 19.86
CA GLN D 138 -40.78 7.63 20.60
C GLN D 138 -41.95 8.23 19.83
N GLU D 139 -41.83 8.34 18.52
CA GLU D 139 -42.91 8.90 17.70
C GLU D 139 -44.10 7.95 17.70
N TRP D 140 -43.81 6.67 17.47
CA TRP D 140 -44.83 5.63 17.44
C TRP D 140 -45.67 5.69 18.72
N GLY D 141 -45.03 5.87 19.87
CA GLY D 141 -45.77 5.99 21.11
C GLY D 141 -46.24 4.73 21.82
N GLN D 142 -46.07 3.58 21.19
CA GLN D 142 -46.50 2.33 21.80
C GLN D 142 -45.30 1.67 22.49
N SER D 143 -45.56 0.65 23.29
CA SER D 143 -44.50 -0.06 23.99
C SER D 143 -43.69 -0.90 23.04
N LYS D 144 -42.38 -0.96 23.27
CA LYS D 144 -41.49 -1.75 22.43
C LYS D 144 -41.78 -3.25 22.58
N SER D 145 -42.63 -3.58 23.55
CA SER D 145 -43.00 -4.98 23.75
C SER D 145 -43.99 -5.37 22.65
N GLY D 146 -44.46 -4.37 21.91
CA GLY D 146 -45.40 -4.63 20.82
C GLY D 146 -44.66 -4.95 19.54
N ILE D 147 -43.37 -4.62 19.48
CA ILE D 147 -42.59 -4.91 18.29
C ILE D 147 -42.42 -6.42 18.14
N THR D 148 -42.90 -6.95 17.03
CA THR D 148 -42.85 -8.40 16.77
C THR D 148 -41.79 -8.85 15.78
N HIS D 149 -41.35 -7.94 14.92
CA HIS D 149 -40.36 -8.28 13.91
C HIS D 149 -39.31 -7.19 13.81
N LEU D 150 -38.12 -7.57 13.36
CA LEU D 150 -37.03 -6.64 13.15
C LEU D 150 -36.33 -6.96 11.82
N ILE D 151 -36.34 -6.00 10.91
CA ILE D 151 -35.65 -6.17 9.64
C ILE D 151 -34.48 -5.19 9.79
N PHE D 152 -33.26 -5.71 9.80
CA PHE D 152 -32.07 -4.89 9.97
C PHE D 152 -31.18 -4.96 8.75
N CYS D 153 -30.81 -3.80 8.23
CA CYS D 153 -29.98 -3.70 7.05
C CYS D 153 -28.74 -2.84 7.23
N SER D 154 -27.61 -3.35 6.74
CA SER D 154 -26.34 -2.63 6.78
C SER D 154 -25.53 -3.18 5.61
N THR D 155 -24.67 -2.35 5.02
CA THR D 155 -23.87 -2.80 3.88
C THR D 155 -23.13 -4.10 4.19
N THR D 156 -22.67 -4.25 5.43
CA THR D 156 -21.98 -5.47 5.85
C THR D 156 -22.18 -5.65 7.35
N THR D 157 -21.78 -6.81 7.86
CA THR D 157 -21.85 -7.09 9.29
C THR D 157 -20.61 -7.95 9.52
N PRO D 158 -19.84 -7.64 10.57
CA PRO D 158 -18.61 -8.38 10.90
C PRO D 158 -18.66 -9.81 11.39
N ASP D 159 -19.71 -10.17 12.12
CA ASP D 159 -19.77 -11.51 12.70
C ASP D 159 -21.11 -12.24 12.54
N LEU D 160 -21.21 -13.32 13.30
CA LEU D 160 -22.41 -14.13 13.44
C LEU D 160 -22.47 -14.27 14.95
N PRO D 161 -23.56 -13.81 15.58
CA PRO D 161 -24.76 -13.18 15.01
C PRO D 161 -24.49 -11.88 14.25
N GLY D 162 -25.43 -11.51 13.38
CA GLY D 162 -25.31 -10.27 12.63
C GLY D 162 -25.65 -9.13 13.55
N ALA D 163 -25.57 -7.90 13.05
CA ALA D 163 -25.86 -6.72 13.85
C ALA D 163 -27.31 -6.68 14.35
N ASP D 164 -28.19 -7.36 13.64
CA ASP D 164 -29.60 -7.40 14.03
C ASP D 164 -29.72 -7.91 15.47
N PHE D 165 -28.93 -8.92 15.82
CA PHE D 165 -28.96 -9.46 17.17
C PHE D 165 -28.54 -8.42 18.20
N GLU D 166 -27.44 -7.73 17.93
CA GLU D 166 -26.95 -6.73 18.87
C GLU D 166 -27.91 -5.57 19.06
N VAL D 167 -28.49 -5.08 17.97
CA VAL D 167 -29.42 -3.97 18.06
C VAL D 167 -30.61 -4.36 18.93
N ALA D 168 -31.14 -5.56 18.70
CA ALA D 168 -32.27 -6.03 19.49
C ALA D 168 -31.88 -6.06 20.97
N LYS D 169 -30.66 -6.50 21.24
CA LYS D 169 -30.16 -6.58 22.62
C LYS D 169 -30.11 -5.18 23.24
N LEU D 170 -29.50 -4.24 22.53
CA LEU D 170 -29.37 -2.87 23.02
C LEU D 170 -30.73 -2.24 23.32
N LEU D 171 -31.72 -2.52 22.48
CA LEU D 171 -33.06 -1.96 22.64
C LEU D 171 -33.90 -2.67 23.69
N GLY D 172 -33.44 -3.84 24.14
CA GLY D 172 -34.21 -4.58 25.13
C GLY D 172 -35.49 -5.13 24.55
N LEU D 173 -35.43 -5.57 23.29
CA LEU D 173 -36.62 -6.14 22.64
C LEU D 173 -36.85 -7.55 23.18
N HIS D 174 -38.08 -8.04 23.08
CA HIS D 174 -38.37 -9.39 23.54
C HIS D 174 -37.44 -10.33 22.81
N PRO D 175 -36.93 -11.37 23.49
CA PRO D 175 -36.02 -12.33 22.85
C PRO D 175 -36.69 -12.98 21.65
N SER D 176 -38.01 -13.05 21.68
CA SER D 176 -38.76 -13.68 20.62
C SER D 176 -39.06 -12.81 19.40
N VAL D 177 -38.49 -11.62 19.35
CA VAL D 177 -38.75 -10.76 18.18
C VAL D 177 -38.15 -11.49 16.97
N LYS D 178 -38.91 -11.57 15.89
CA LYS D 178 -38.45 -12.26 14.69
C LYS D 178 -37.54 -11.36 13.86
N ARG D 179 -36.28 -11.76 13.74
CA ARG D 179 -35.28 -10.97 13.03
C ARG D 179 -34.87 -11.44 11.65
N VAL D 180 -34.62 -10.47 10.77
CA VAL D 180 -34.17 -10.75 9.42
C VAL D 180 -33.09 -9.72 9.10
N GLY D 181 -31.87 -10.20 8.88
CA GLY D 181 -30.76 -9.32 8.55
C GLY D 181 -30.56 -9.22 7.04
N VAL D 182 -30.38 -8.00 6.55
CA VAL D 182 -30.19 -7.75 5.12
C VAL D 182 -28.80 -7.12 4.94
N PHE D 183 -27.82 -7.97 4.63
CA PHE D 183 -26.44 -7.53 4.47
C PHE D 183 -25.93 -7.72 3.05
N GLN D 184 -24.97 -6.86 2.68
CA GLN D 184 -24.35 -6.85 1.36
C GLN D 184 -25.28 -6.74 0.16
N HIS D 185 -26.37 -6.00 0.34
CA HIS D 185 -27.31 -5.75 -0.73
C HIS D 185 -26.86 -4.43 -1.36
N GLY D 186 -26.56 -3.45 -0.52
CA GLY D 186 -26.08 -2.19 -1.03
C GLY D 186 -27.02 -1.02 -0.83
N CYS D 187 -26.92 -0.03 -1.70
CA CYS D 187 -27.73 1.17 -1.60
C CYS D 187 -29.19 1.05 -1.99
N PHE D 188 -29.57 -0.03 -2.67
CA PHE D 188 -30.97 -0.18 -3.05
C PHE D 188 -31.78 -0.78 -1.90
N ALA D 189 -31.08 -1.26 -0.88
CA ALA D 189 -31.69 -1.91 0.28
C ALA D 189 -32.73 -1.06 1.04
N GLY D 190 -32.67 0.26 0.87
CA GLY D 190 -33.64 1.12 1.51
C GLY D 190 -35.02 0.79 0.97
N GLY D 191 -35.06 0.32 -0.27
CA GLY D 191 -36.32 -0.06 -0.89
C GLY D 191 -36.64 -1.52 -0.56
N THR D 192 -35.60 -2.35 -0.54
CA THR D 192 -35.76 -3.77 -0.24
C THR D 192 -36.45 -4.00 1.11
N VAL D 193 -35.97 -3.33 2.16
CA VAL D 193 -36.55 -3.51 3.48
C VAL D 193 -38.03 -3.15 3.55
N LEU D 194 -38.47 -2.22 2.70
CA LEU D 194 -39.87 -1.83 2.65
C LEU D 194 -40.66 -2.95 1.95
N ARG D 195 -40.10 -3.50 0.88
CA ARG D 195 -40.75 -4.58 0.15
C ARG D 195 -40.97 -5.77 1.09
N MET D 196 -39.98 -6.06 1.92
CA MET D 196 -40.03 -7.17 2.87
C MET D 196 -41.00 -6.86 4.01
N ALA D 197 -40.91 -5.65 4.56
CA ALA D 197 -41.76 -5.24 5.67
C ALA D 197 -43.24 -5.31 5.29
N LYS D 198 -43.52 -4.99 4.03
CA LYS D 198 -44.90 -5.02 3.54
C LYS D 198 -45.53 -6.39 3.78
N ASP D 199 -44.85 -7.44 3.32
CA ASP D 199 -45.37 -8.79 3.47
C ASP D 199 -45.42 -9.23 4.93
N LEU D 200 -44.38 -8.93 5.70
CA LEU D 200 -44.39 -9.31 7.10
C LEU D 200 -45.58 -8.65 7.81
N ALA D 201 -45.76 -7.36 7.55
CA ALA D 201 -46.84 -6.61 8.16
C ALA D 201 -48.23 -7.08 7.77
N GLU D 202 -48.46 -7.20 6.47
CA GLU D 202 -49.77 -7.61 5.96
C GLU D 202 -50.14 -9.07 6.19
N ASN D 203 -49.14 -9.94 6.29
CA ASN D 203 -49.43 -11.35 6.49
C ASN D 203 -49.51 -11.76 7.95
N ASN D 204 -49.29 -10.81 8.86
CA ASN D 204 -49.31 -11.11 10.29
C ASN D 204 -50.12 -10.10 11.09
N ARG D 205 -51.35 -10.49 11.45
CA ARG D 205 -52.25 -9.63 12.20
C ARG D 205 -51.61 -9.13 13.49
N GLY D 206 -51.64 -7.82 13.68
CA GLY D 206 -51.08 -7.22 14.88
C GLY D 206 -49.57 -7.00 14.82
N ALA D 207 -48.93 -7.53 13.78
CA ALA D 207 -47.48 -7.39 13.66
C ALA D 207 -47.04 -5.94 13.50
N ARG D 208 -45.98 -5.60 14.22
CA ARG D 208 -45.40 -4.27 14.18
C ARG D 208 -43.91 -4.50 13.93
N VAL D 209 -43.48 -4.13 12.72
CA VAL D 209 -42.11 -4.34 12.28
C VAL D 209 -41.18 -3.16 12.46
N LEU D 210 -40.10 -3.38 13.19
CA LEU D 210 -39.09 -2.33 13.36
C LEU D 210 -38.15 -2.52 12.18
N VAL D 211 -38.00 -1.47 11.38
CA VAL D 211 -37.12 -1.53 10.20
C VAL D 211 -35.98 -0.56 10.39
N ILE D 212 -34.75 -1.07 10.33
CA ILE D 212 -33.57 -0.26 10.52
C ILE D 212 -32.50 -0.42 9.45
N CYS D 213 -31.96 0.70 9.01
CA CYS D 213 -30.85 0.73 8.05
C CYS D 213 -29.77 1.53 8.78
N SER D 214 -28.61 0.92 8.98
CA SER D 214 -27.50 1.59 9.67
C SER D 214 -26.23 1.46 8.84
N GLU D 215 -25.70 2.61 8.43
CA GLU D 215 -24.52 2.64 7.58
C GLU D 215 -23.43 3.57 8.08
N THR D 216 -22.18 3.16 7.87
CA THR D 216 -21.04 3.98 8.28
C THR D 216 -19.83 3.69 7.39
N THR D 217 -19.16 4.76 6.95
CA THR D 217 -18.00 4.64 6.09
C THR D 217 -16.79 4.03 6.79
N ALA D 218 -16.98 3.57 8.01
CA ALA D 218 -15.88 2.92 8.74
C ALA D 218 -15.34 1.77 7.89
N VAL D 219 -16.21 1.15 7.10
CA VAL D 219 -15.79 0.01 6.30
C VAL D 219 -15.32 0.37 4.89
N THR D 220 -15.66 1.56 4.40
CA THR D 220 -15.27 1.97 3.05
C THR D 220 -14.20 3.06 2.95
N PHE D 221 -14.04 3.83 4.02
CA PHE D 221 -13.05 4.90 4.03
C PHE D 221 -11.64 4.35 3.81
N ARG D 222 -10.89 4.99 2.93
CA ARG D 222 -9.51 4.60 2.67
C ARG D 222 -8.82 5.73 1.91
N GLY D 223 -7.50 5.65 1.80
CA GLY D 223 -6.74 6.69 1.13
C GLY D 223 -6.96 6.78 -0.37
N PRO D 224 -6.62 7.92 -0.98
CA PRO D 224 -6.79 8.15 -2.43
C PRO D 224 -5.80 7.35 -3.28
N SER D 225 -6.17 7.11 -4.54
CA SER D 225 -5.35 6.37 -5.49
C SER D 225 -5.63 6.79 -6.93
N GLU D 226 -4.59 7.28 -7.61
CA GLU D 226 -4.73 7.73 -8.99
C GLU D 226 -5.24 6.62 -9.93
N THR D 227 -5.05 5.37 -9.54
CA THR D 227 -5.47 4.23 -10.37
C THR D 227 -6.89 3.71 -10.11
N HIS D 228 -7.56 4.28 -9.13
CA HIS D 228 -8.93 3.85 -8.81
C HIS D 228 -9.72 5.09 -8.43
N LEU D 229 -9.93 5.94 -9.42
CA LEU D 229 -10.64 7.20 -9.25
C LEU D 229 -12.10 7.05 -8.84
N ASP D 230 -12.71 5.90 -9.12
CA ASP D 230 -14.09 5.71 -8.72
C ASP D 230 -14.12 5.60 -7.19
N SER D 231 -13.09 4.99 -6.62
CA SER D 231 -13.02 4.85 -5.17
C SER D 231 -12.94 6.28 -4.62
N LEU D 232 -12.22 7.13 -5.34
CA LEU D 232 -12.06 8.52 -4.95
C LEU D 232 -13.44 9.19 -4.90
N VAL D 233 -14.26 8.92 -5.91
CA VAL D 233 -15.61 9.50 -5.94
C VAL D 233 -16.40 9.10 -4.70
N GLY D 234 -16.29 7.83 -4.31
CA GLY D 234 -16.99 7.36 -3.12
C GLY D 234 -16.56 8.10 -1.87
N GLN D 235 -15.27 8.42 -1.77
CA GLN D 235 -14.76 9.13 -0.60
C GLN D 235 -15.42 10.49 -0.42
N ALA D 236 -15.92 11.05 -1.52
CA ALA D 236 -16.57 12.35 -1.49
C ALA D 236 -18.08 12.30 -1.24
N LEU D 237 -18.72 11.19 -1.58
CA LEU D 237 -20.17 11.06 -1.43
C LEU D 237 -20.73 10.37 -0.19
N PHE D 238 -20.12 9.25 0.21
CA PHE D 238 -20.63 8.49 1.33
C PHE D 238 -20.48 9.07 2.73
N GLY D 239 -21.56 9.00 3.48
CA GLY D 239 -21.59 9.50 4.85
C GLY D 239 -22.27 8.49 5.76
N ASP D 240 -22.37 8.80 7.04
CA ASP D 240 -22.96 7.89 8.02
C ASP D 240 -24.34 8.29 8.51
N GLY D 241 -25.13 7.29 8.89
CA GLY D 241 -26.46 7.55 9.39
C GLY D 241 -27.29 6.29 9.53
N ALA D 242 -28.37 6.38 10.28
CA ALA D 242 -29.26 5.25 10.48
C ALA D 242 -30.68 5.76 10.48
N SER D 243 -31.57 4.97 9.90
CA SER D 243 -32.98 5.30 9.83
C SER D 243 -33.72 4.14 10.48
N ALA D 244 -34.89 4.43 11.03
CA ALA D 244 -35.68 3.38 11.66
C ALA D 244 -37.15 3.69 11.44
N LEU D 245 -37.91 2.65 11.11
CA LEU D 245 -39.33 2.81 10.87
C LEU D 245 -40.09 1.76 11.64
N ILE D 246 -41.37 2.04 11.87
CA ILE D 246 -42.26 1.09 12.50
C ILE D 246 -43.27 0.86 11.38
N VAL D 247 -43.35 -0.38 10.89
CA VAL D 247 -44.27 -0.70 9.81
C VAL D 247 -45.31 -1.68 10.33
N GLY D 248 -46.58 -1.43 10.01
CA GLY D 248 -47.63 -2.31 10.44
C GLY D 248 -48.90 -2.03 9.68
N ALA D 249 -49.75 -3.04 9.56
CA ALA D 249 -51.02 -2.85 8.86
C ALA D 249 -52.09 -2.62 9.92
N ASP D 250 -53.26 -2.17 9.50
CA ASP D 250 -54.37 -1.93 10.42
C ASP D 250 -54.01 -1.01 11.60
N PRO D 251 -53.54 0.22 11.31
CA PRO D 251 -53.19 1.14 12.41
C PRO D 251 -54.36 1.42 13.34
N ILE D 252 -54.11 1.37 14.64
CA ILE D 252 -55.15 1.60 15.65
C ILE D 252 -55.65 3.03 15.61
N PRO D 253 -56.93 3.24 15.29
CA PRO D 253 -57.54 4.57 15.23
C PRO D 253 -57.33 5.42 16.48
N GLN D 254 -56.94 6.68 16.28
CA GLN D 254 -56.74 7.62 17.38
C GLN D 254 -55.58 7.25 18.30
N VAL D 255 -54.86 6.19 17.97
CA VAL D 255 -53.74 5.73 18.78
C VAL D 255 -52.44 5.79 18.00
N GLU D 256 -52.46 5.23 16.79
CA GLU D 256 -51.30 5.23 15.91
C GLU D 256 -51.59 6.16 14.74
N LYS D 257 -50.55 6.59 14.05
CA LYS D 257 -50.69 7.49 12.94
C LYS D 257 -49.81 7.07 11.78
N ALA D 258 -50.42 6.80 10.63
CA ALA D 258 -49.69 6.38 9.44
C ALA D 258 -49.36 7.60 8.58
N CYS D 259 -48.20 7.58 7.94
CA CYS D 259 -47.82 8.67 7.07
C CYS D 259 -47.73 8.19 5.62
N PHE D 260 -47.56 6.88 5.44
CA PHE D 260 -47.48 6.29 4.10
C PHE D 260 -47.94 4.84 4.12
N GLU D 261 -48.41 4.38 2.96
CA GLU D 261 -48.85 3.01 2.79
C GLU D 261 -48.01 2.39 1.67
N ILE D 262 -47.49 1.19 1.91
CA ILE D 262 -46.67 0.49 0.92
C ILE D 262 -47.64 -0.32 0.07
N VAL D 263 -47.96 0.23 -1.10
CA VAL D 263 -48.93 -0.36 -2.02
C VAL D 263 -48.46 -1.48 -2.96
N TRP D 264 -47.38 -1.23 -3.68
CA TRP D 264 -46.88 -2.17 -4.67
C TRP D 264 -45.37 -2.04 -4.78
N THR D 265 -44.68 -3.14 -5.11
CA THR D 265 -43.22 -3.07 -5.26
C THR D 265 -42.70 -3.93 -6.40
N ALA D 266 -41.52 -3.57 -6.89
CA ALA D 266 -40.87 -4.32 -7.95
C ALA D 266 -39.36 -4.17 -7.82
N GLN D 267 -38.63 -5.20 -8.26
CA GLN D 267 -37.18 -5.16 -8.24
C GLN D 267 -36.73 -5.68 -9.59
N THR D 268 -35.79 -5.00 -10.22
CA THR D 268 -35.32 -5.47 -11.50
C THR D 268 -33.84 -5.19 -11.71
N VAL D 269 -33.24 -5.88 -12.67
CA VAL D 269 -31.83 -5.71 -12.97
C VAL D 269 -31.66 -5.15 -14.38
N VAL D 270 -30.99 -4.00 -14.48
CA VAL D 270 -30.75 -3.41 -15.78
C VAL D 270 -29.74 -4.32 -16.49
N PRO D 271 -30.04 -4.71 -17.74
CA PRO D 271 -29.17 -5.57 -18.54
C PRO D 271 -27.75 -5.06 -18.76
N ASN D 272 -26.81 -6.01 -18.81
CA ASN D 272 -25.40 -5.70 -19.06
C ASN D 272 -24.87 -4.51 -18.27
N SER D 273 -25.06 -4.54 -16.95
CA SER D 273 -24.59 -3.45 -16.10
C SER D 273 -23.80 -4.02 -14.94
N GLU D 274 -23.39 -5.28 -15.05
CA GLU D 274 -22.60 -5.91 -14.00
C GLU D 274 -21.28 -5.14 -13.89
N GLY D 275 -20.97 -4.65 -12.69
CA GLY D 275 -19.74 -3.91 -12.50
C GLY D 275 -19.96 -2.41 -12.47
N ALA D 276 -21.15 -1.97 -12.88
CA ALA D 276 -21.47 -0.54 -12.88
C ALA D 276 -21.37 -0.04 -11.44
N ILE D 277 -21.91 -0.83 -10.51
CA ILE D 277 -21.86 -0.53 -9.07
C ILE D 277 -21.51 -1.83 -8.38
N GLY D 278 -20.40 -1.85 -7.65
CA GLY D 278 -20.02 -3.08 -6.97
C GLY D 278 -19.13 -2.91 -5.76
N GLY D 279 -18.95 -4.01 -5.03
CA GLY D 279 -18.12 -4.00 -3.85
C GLY D 279 -17.55 -5.37 -3.59
N LYS D 280 -16.48 -5.44 -2.80
CA LYS D 280 -15.84 -6.70 -2.47
C LYS D 280 -15.33 -6.64 -1.03
N VAL D 281 -15.66 -7.66 -0.24
CA VAL D 281 -15.20 -7.71 1.14
C VAL D 281 -13.89 -8.46 1.09
N ARG D 282 -12.78 -7.73 1.27
CA ARG D 282 -11.47 -8.34 1.22
C ARG D 282 -10.63 -8.00 2.46
N GLU D 283 -9.37 -8.42 2.46
CA GLU D 283 -8.49 -8.17 3.60
C GLU D 283 -8.19 -6.69 3.81
N VAL D 284 -8.44 -5.89 2.78
CA VAL D 284 -8.18 -4.46 2.86
C VAL D 284 -9.47 -3.73 3.19
N GLY D 285 -10.51 -4.50 3.54
CA GLY D 285 -11.79 -3.90 3.85
C GLY D 285 -12.73 -4.02 2.67
N LEU D 286 -13.74 -3.16 2.63
CA LEU D 286 -14.71 -3.19 1.54
C LEU D 286 -14.29 -2.22 0.45
N THR D 287 -13.98 -2.75 -0.72
CA THR D 287 -13.59 -1.91 -1.84
C THR D 287 -14.82 -1.78 -2.71
N PHE D 288 -14.94 -0.67 -3.42
CA PHE D 288 -16.09 -0.49 -4.28
C PHE D 288 -15.75 0.03 -5.67
N GLN D 289 -16.55 -0.42 -6.64
CA GLN D 289 -16.37 -0.06 -8.04
C GLN D 289 -17.56 0.79 -8.47
N LEU D 290 -17.29 1.84 -9.22
CA LEU D 290 -18.34 2.74 -9.69
C LEU D 290 -18.02 3.28 -11.09
N LYS D 291 -18.73 2.78 -12.08
CA LYS D 291 -18.52 3.20 -13.47
C LYS D 291 -19.19 4.52 -13.81
N GLY D 292 -18.59 5.26 -14.72
CA GLY D 292 -19.15 6.55 -15.11
C GLY D 292 -20.48 6.45 -15.85
N ALA D 293 -20.81 5.26 -16.32
CA ALA D 293 -22.05 5.02 -17.06
C ALA D 293 -23.28 4.92 -16.16
N VAL D 294 -23.09 4.90 -14.84
CA VAL D 294 -24.22 4.78 -13.93
C VAL D 294 -25.32 5.78 -14.21
N PRO D 295 -24.98 7.07 -14.39
CA PRO D 295 -26.00 8.07 -14.67
C PRO D 295 -26.82 7.71 -15.91
N ASP D 296 -26.13 7.34 -16.98
CA ASP D 296 -26.79 6.96 -18.23
C ASP D 296 -27.67 5.73 -18.03
N LEU D 297 -27.12 4.71 -17.38
CA LEU D 297 -27.85 3.48 -17.15
C LEU D 297 -29.16 3.69 -16.39
N ILE D 298 -29.13 4.48 -15.32
CA ILE D 298 -30.33 4.70 -14.53
C ILE D 298 -31.40 5.47 -15.29
N SER D 299 -31.03 6.58 -15.93
CA SER D 299 -32.01 7.37 -16.67
C SER D 299 -32.49 6.64 -17.92
N ALA D 300 -31.71 5.66 -18.38
CA ALA D 300 -32.07 4.89 -19.56
C ALA D 300 -33.08 3.79 -19.28
N ASN D 301 -33.18 3.38 -18.02
CA ASN D 301 -34.11 2.32 -17.65
C ASN D 301 -35.20 2.75 -16.67
N ILE D 302 -35.12 3.97 -16.16
CA ILE D 302 -36.09 4.45 -15.19
C ILE D 302 -37.50 4.64 -15.73
N GLU D 303 -37.62 5.13 -16.96
CA GLU D 303 -38.94 5.34 -17.55
C GLU D 303 -39.75 4.06 -17.52
N ASN D 304 -39.14 2.95 -17.93
CA ASN D 304 -39.82 1.65 -17.96
C ASN D 304 -40.30 1.24 -16.58
N CYS D 305 -39.52 1.54 -15.54
CA CYS D 305 -39.94 1.18 -14.19
C CYS D 305 -41.24 1.89 -13.84
N MET D 306 -41.32 3.17 -14.22
CA MET D 306 -42.51 3.97 -13.95
C MET D 306 -43.75 3.45 -14.68
N VAL D 307 -43.60 3.17 -15.97
CA VAL D 307 -44.71 2.65 -16.76
C VAL D 307 -45.21 1.34 -16.17
N GLU D 308 -44.28 0.44 -15.87
CA GLU D 308 -44.60 -0.86 -15.30
C GLU D 308 -45.23 -0.78 -13.91
N ALA D 309 -44.91 0.27 -13.16
CA ALA D 309 -45.44 0.42 -11.81
C ALA D 309 -46.75 1.20 -11.74
N PHE D 310 -46.89 2.21 -12.59
CA PHE D 310 -48.07 3.06 -12.55
C PHE D 310 -49.13 2.93 -13.64
N SER D 311 -48.89 2.08 -14.63
CA SER D 311 -49.87 1.89 -15.69
C SER D 311 -51.16 1.37 -15.06
N GLN D 312 -51.03 0.46 -14.11
CA GLN D 312 -52.16 -0.15 -13.42
C GLN D 312 -52.99 0.82 -12.58
N PHE D 313 -52.42 1.97 -12.23
CA PHE D 313 -53.13 2.96 -11.43
C PHE D 313 -53.63 4.09 -12.30
N LYS D 314 -53.45 3.94 -13.61
CA LYS D 314 -53.86 4.95 -14.59
C LYS D 314 -53.14 6.27 -14.37
N ILE D 315 -51.84 6.19 -14.12
CA ILE D 315 -51.02 7.37 -13.90
C ILE D 315 -49.92 7.41 -14.96
N SER D 316 -49.89 8.48 -15.74
CA SER D 316 -48.89 8.63 -16.79
C SER D 316 -48.09 9.92 -16.64
N ASP D 317 -48.62 10.87 -15.88
CA ASP D 317 -47.94 12.15 -15.66
C ASP D 317 -47.13 12.06 -14.36
N TRP D 318 -45.84 11.83 -14.52
CA TRP D 318 -44.90 11.69 -13.42
C TRP D 318 -44.89 12.85 -12.44
N ASN D 319 -45.41 14.00 -12.84
CA ASN D 319 -45.43 15.14 -11.94
C ASN D 319 -46.64 15.11 -11.02
N LYS D 320 -47.52 14.13 -11.25
CA LYS D 320 -48.70 13.96 -10.42
C LYS D 320 -48.37 13.06 -9.24
N LEU D 321 -47.08 12.74 -9.08
CA LEU D 321 -46.59 11.90 -8.00
C LEU D 321 -45.61 12.64 -7.10
N PHE D 322 -45.47 12.19 -5.85
CA PHE D 322 -44.50 12.80 -4.97
C PHE D 322 -43.29 11.87 -5.10
N TRP D 323 -42.09 12.43 -5.09
CA TRP D 323 -40.89 11.63 -5.29
C TRP D 323 -39.92 11.40 -4.14
N VAL D 324 -39.30 10.22 -4.18
CA VAL D 324 -38.28 9.82 -3.22
C VAL D 324 -37.26 9.01 -4.03
N VAL D 325 -36.05 9.52 -4.17
CA VAL D 325 -35.02 8.82 -4.94
C VAL D 325 -33.70 8.71 -4.20
N HIS D 326 -33.12 7.51 -4.22
CA HIS D 326 -31.83 7.31 -3.56
C HIS D 326 -30.87 8.30 -4.21
N PRO D 327 -30.27 9.19 -3.40
CA PRO D 327 -29.33 10.20 -3.88
C PRO D 327 -27.90 9.67 -4.07
N GLY D 328 -27.75 8.69 -4.95
CA GLY D 328 -26.44 8.11 -5.19
C GLY D 328 -25.39 9.13 -5.62
N GLY D 329 -25.83 10.10 -6.40
CA GLY D 329 -24.94 11.15 -6.88
C GLY D 329 -25.78 12.23 -7.52
N ARG D 330 -25.34 13.48 -7.45
CA ARG D 330 -26.08 14.59 -8.03
C ARG D 330 -26.42 14.35 -9.50
N ALA D 331 -25.45 13.80 -10.25
CA ALA D 331 -25.65 13.56 -11.68
C ALA D 331 -26.83 12.64 -11.96
N ILE D 332 -26.97 11.59 -11.16
CA ILE D 332 -28.06 10.65 -11.33
C ILE D 332 -29.41 11.35 -11.14
N LEU D 333 -29.48 12.23 -10.15
CA LEU D 333 -30.70 12.98 -9.88
C LEU D 333 -31.01 13.93 -11.04
N ASP D 334 -29.97 14.56 -11.58
CA ASP D 334 -30.15 15.49 -12.69
C ASP D 334 -30.68 14.75 -13.92
N ARG D 335 -30.07 13.61 -14.21
CA ARG D 335 -30.44 12.79 -15.36
C ARG D 335 -31.85 12.20 -15.25
N VAL D 336 -32.30 11.93 -14.02
CA VAL D 336 -33.64 11.38 -13.83
C VAL D 336 -34.67 12.50 -13.97
N GLU D 337 -34.35 13.66 -13.42
CA GLU D 337 -35.24 14.82 -13.51
C GLU D 337 -35.46 15.13 -14.99
N ALA D 338 -34.36 15.25 -15.73
CA ALA D 338 -34.43 15.56 -17.16
C ALA D 338 -35.14 14.48 -17.98
N LYS D 339 -34.75 13.22 -17.80
CA LYS D 339 -35.35 12.14 -18.57
C LYS D 339 -36.86 11.99 -18.34
N LEU D 340 -37.33 12.27 -17.13
CA LEU D 340 -38.74 12.15 -16.82
C LEU D 340 -39.45 13.50 -16.82
N ASN D 341 -38.71 14.54 -17.17
CA ASN D 341 -39.25 15.90 -17.21
C ASN D 341 -40.01 16.24 -15.92
N LEU D 342 -39.35 16.04 -14.78
CA LEU D 342 -39.96 16.34 -13.50
C LEU D 342 -39.76 17.83 -13.21
N ASP D 343 -40.79 18.50 -12.70
CA ASP D 343 -40.63 19.91 -12.40
C ASP D 343 -39.66 20.06 -11.22
N PRO D 344 -38.98 21.22 -11.13
CA PRO D 344 -38.00 21.57 -10.10
C PRO D 344 -38.28 21.17 -8.65
N THR D 345 -39.55 21.06 -8.27
CA THR D 345 -39.89 20.73 -6.89
C THR D 345 -39.83 19.25 -6.50
N LYS D 346 -40.14 18.36 -7.44
CA LYS D 346 -40.17 16.93 -7.17
C LYS D 346 -38.99 16.38 -6.36
N LEU D 347 -37.77 16.73 -6.74
CA LEU D 347 -36.61 16.22 -6.04
C LEU D 347 -36.06 17.11 -4.93
N ILE D 348 -36.84 18.09 -4.48
CA ILE D 348 -36.35 18.97 -3.42
C ILE D 348 -36.06 18.19 -2.12
N PRO D 349 -37.03 17.37 -1.66
CA PRO D 349 -36.79 16.61 -0.42
C PRO D 349 -35.54 15.75 -0.56
N THR D 350 -35.39 15.12 -1.71
CA THR D 350 -34.25 14.26 -2.03
C THR D 350 -32.93 15.02 -1.98
N ARG D 351 -32.84 16.11 -2.74
CA ARG D 351 -31.63 16.93 -2.78
C ARG D 351 -31.36 17.56 -1.43
N HIS D 352 -32.42 17.81 -0.67
CA HIS D 352 -32.29 18.40 0.66
C HIS D 352 -31.51 17.45 1.56
N VAL D 353 -31.91 16.17 1.57
CA VAL D 353 -31.24 15.18 2.39
C VAL D 353 -29.81 14.93 1.93
N MET D 354 -29.59 14.85 0.63
CA MET D 354 -28.25 14.61 0.10
C MET D 354 -27.31 15.75 0.48
N SER D 355 -27.84 16.98 0.50
CA SER D 355 -27.03 18.14 0.85
C SER D 355 -26.63 18.13 2.33
N GLU D 356 -27.57 17.81 3.20
CA GLU D 356 -27.33 17.80 4.63
C GLU D 356 -26.71 16.53 5.20
N TYR D 357 -26.76 15.44 4.45
CA TYR D 357 -26.22 14.17 4.94
C TYR D 357 -25.33 13.39 4.00
N GLY D 358 -25.42 13.68 2.71
CA GLY D 358 -24.60 12.96 1.75
C GLY D 358 -25.21 11.59 1.51
N ASN D 359 -24.46 10.72 0.83
CA ASN D 359 -24.95 9.38 0.52
C ASN D 359 -24.80 8.42 1.70
N MET D 360 -25.86 8.25 2.47
CA MET D 360 -25.85 7.35 3.63
C MET D 360 -26.32 5.95 3.21
N SER D 361 -26.10 5.62 1.95
CA SER D 361 -26.48 4.33 1.40
C SER D 361 -27.96 4.01 1.61
N SER D 362 -28.26 2.79 2.05
CA SER D 362 -29.66 2.35 2.22
C SER D 362 -30.59 3.24 3.05
N ALA D 363 -30.05 3.96 4.02
CA ALA D 363 -30.87 4.80 4.88
C ALA D 363 -31.45 6.07 4.24
N CYS D 364 -30.81 6.55 3.18
CA CYS D 364 -31.24 7.78 2.52
C CYS D 364 -32.72 7.96 2.23
N VAL D 365 -33.29 7.00 1.51
CA VAL D 365 -34.70 7.09 1.15
C VAL D 365 -35.63 7.25 2.35
N HIS D 366 -35.27 6.67 3.49
CA HIS D 366 -36.12 6.81 4.68
C HIS D 366 -35.99 8.23 5.24
N PHE D 367 -34.80 8.82 5.14
CA PHE D 367 -34.59 10.18 5.61
C PHE D 367 -35.45 11.09 4.75
N ILE D 368 -35.51 10.78 3.46
CA ILE D 368 -36.28 11.57 2.51
C ILE D 368 -37.78 11.46 2.77
N LEU D 369 -38.25 10.26 3.09
CA LEU D 369 -39.66 10.07 3.40
C LEU D 369 -40.01 10.92 4.62
N ASP D 370 -39.10 10.94 5.58
CA ASP D 370 -39.29 11.72 6.79
C ASP D 370 -39.43 13.20 6.44
N GLN D 371 -38.56 13.68 5.56
CA GLN D 371 -38.55 15.08 5.12
C GLN D 371 -39.81 15.46 4.35
N THR D 372 -40.30 14.52 3.54
CA THR D 372 -41.50 14.77 2.75
C THR D 372 -42.73 15.01 3.61
N ARG D 373 -43.00 14.10 4.54
CA ARG D 373 -44.16 14.24 5.41
C ARG D 373 -44.00 15.44 6.36
N LYS D 374 -42.77 15.70 6.78
CA LYS D 374 -42.50 16.81 7.68
C LYS D 374 -42.88 18.12 7.00
N ALA D 375 -42.41 18.29 5.78
CA ALA D 375 -42.70 19.49 5.01
C ALA D 375 -44.18 19.55 4.64
N SER D 376 -44.76 18.41 4.28
CA SER D 376 -46.16 18.35 3.89
C SER D 376 -47.10 18.75 5.02
N LEU D 377 -46.78 18.34 6.24
CA LEU D 377 -47.60 18.69 7.40
C LEU D 377 -47.40 20.17 7.73
N GLN D 378 -46.17 20.65 7.65
CA GLN D 378 -45.87 22.04 7.95
C GLN D 378 -46.50 23.03 6.97
N ASN D 379 -46.52 22.69 5.69
CA ASN D 379 -47.09 23.59 4.68
C ASN D 379 -48.59 23.45 4.54
N GLY D 380 -49.21 22.60 5.37
CA GLY D 380 -50.64 22.42 5.30
C GLY D 380 -51.13 21.79 4.00
N CYS D 381 -50.36 20.85 3.45
CA CYS D 381 -50.76 20.17 2.22
C CYS D 381 -51.92 19.24 2.56
N SER D 382 -52.65 18.80 1.55
CA SER D 382 -53.79 17.91 1.77
C SER D 382 -53.37 16.49 2.16
N THR D 383 -52.12 16.13 1.88
CA THR D 383 -51.61 14.81 2.22
C THR D 383 -50.15 14.90 2.65
N THR D 384 -49.64 13.78 3.17
CA THR D 384 -48.27 13.69 3.62
C THR D 384 -47.33 13.58 2.42
N GLY D 385 -47.92 13.52 1.23
CA GLY D 385 -47.14 13.44 0.02
C GLY D 385 -47.28 14.71 -0.80
N GLU D 386 -47.04 15.85 -0.17
CA GLU D 386 -47.14 17.13 -0.84
C GLU D 386 -48.51 17.34 -1.49
N GLY D 387 -49.56 16.86 -0.84
CA GLY D 387 -50.90 17.02 -1.38
C GLY D 387 -51.29 16.02 -2.46
N LEU D 388 -50.36 15.15 -2.84
CA LEU D 388 -50.65 14.16 -3.87
C LEU D 388 -51.01 12.82 -3.25
N GLU D 389 -51.73 11.98 -4.00
CA GLU D 389 -52.15 10.67 -3.50
C GLU D 389 -51.08 9.57 -3.63
N MET D 390 -50.56 9.40 -4.84
CA MET D 390 -49.55 8.38 -5.10
C MET D 390 -48.14 8.95 -5.18
N GLY D 391 -47.16 8.10 -4.88
CA GLY D 391 -45.78 8.52 -4.93
C GLY D 391 -44.89 7.34 -5.26
N VAL D 392 -43.64 7.62 -5.61
CA VAL D 392 -42.71 6.55 -5.94
C VAL D 392 -41.39 6.72 -5.19
N LEU D 393 -40.82 5.59 -4.78
CA LEU D 393 -39.55 5.58 -4.06
C LEU D 393 -38.62 4.65 -4.84
N PHE D 394 -37.44 5.16 -5.17
CA PHE D 394 -36.46 4.39 -5.93
C PHE D 394 -35.17 4.16 -5.17
N GLY D 395 -34.68 2.93 -5.27
CA GLY D 395 -33.43 2.55 -4.64
C GLY D 395 -32.54 2.03 -5.75
N PHE D 396 -31.27 2.45 -5.77
CA PHE D 396 -30.33 2.02 -6.79
C PHE D 396 -29.13 1.37 -6.14
N GLY D 397 -28.53 0.38 -6.80
CA GLY D 397 -27.38 -0.27 -6.23
C GLY D 397 -26.79 -1.36 -7.11
N PRO D 398 -25.88 -2.18 -6.55
CA PRO D 398 -25.20 -3.28 -7.25
C PRO D 398 -26.12 -4.17 -8.07
N GLY D 399 -25.77 -4.38 -9.33
CA GLY D 399 -26.58 -5.22 -10.19
C GLY D 399 -26.33 -4.99 -11.68
N LEU D 400 -26.66 -3.80 -12.19
CA LEU D 400 -27.24 -2.72 -11.39
C LEU D 400 -28.68 -3.05 -11.05
N THR D 401 -29.01 -2.97 -9.76
CA THR D 401 -30.36 -3.27 -9.31
C THR D 401 -31.18 -2.02 -9.00
N ILE D 402 -32.47 -2.09 -9.33
CA ILE D 402 -33.37 -0.98 -9.06
C ILE D 402 -34.60 -1.47 -8.29
N GLU D 403 -34.89 -0.83 -7.16
CA GLU D 403 -36.04 -1.19 -6.35
C GLU D 403 -37.10 -0.11 -6.55
N THR D 404 -38.32 -0.50 -6.89
CA THR D 404 -39.41 0.46 -7.08
C THR D 404 -40.46 0.18 -6.01
N VAL D 405 -40.79 1.20 -5.24
CA VAL D 405 -41.80 1.09 -4.20
C VAL D 405 -42.88 2.12 -4.46
N VAL D 406 -44.08 1.65 -4.76
CA VAL D 406 -45.21 2.53 -5.01
C VAL D 406 -45.85 2.84 -3.66
N LEU D 407 -45.94 4.13 -3.34
CA LEU D 407 -46.51 4.56 -2.06
C LEU D 407 -47.78 5.35 -2.21
N LYS D 408 -48.57 5.36 -1.12
CA LYS D 408 -49.81 6.13 -1.06
C LYS D 408 -49.63 7.03 0.15
N SER D 409 -49.96 8.31 -0.01
CA SER D 409 -49.83 9.25 1.10
C SER D 409 -51.02 9.04 2.02
N VAL D 410 -51.12 9.86 3.05
CA VAL D 410 -52.24 9.78 3.98
C VAL D 410 -52.87 11.17 4.04
N PRO D 411 -54.20 11.25 3.97
CA PRO D 411 -54.89 12.53 4.03
C PRO D 411 -54.61 13.28 5.34
N ILE D 412 -54.48 14.60 5.24
CA ILE D 412 -54.25 15.43 6.42
C ILE D 412 -55.49 16.31 6.65
N GLN D 413 -56.25 15.97 7.68
CA GLN D 413 -57.47 16.73 8.01
C GLN D 413 -57.11 18.12 8.53
#